data_8I5Y
#
_entry.id   8I5Y
#
_cell.length_a   1.00
_cell.length_b   1.00
_cell.length_c   1.00
_cell.angle_alpha   90.00
_cell.angle_beta   90.00
_cell.angle_gamma   90.00
#
_symmetry.space_group_name_H-M   'P 1'
#
loop_
_entity.id
_entity.type
_entity.pdbx_description
1 polymer 'Sodium channel protein type 9 subunit alpha'
2 polymer 'Sodium channel subunit beta-1'
3 polymer 'Sodium channel subunit beta-2'
4 branched 2-acetamido-2-deoxy-beta-D-glucopyranose-(1-4)-2-acetamido-2-deoxy-beta-D-glucopyranose
5 non-polymer 2-acetamido-2-deoxy-beta-D-glucopyranose
6 non-polymer O-[(R)-{[(2R)-2,3-bis(octadecanoyloxy)propyl]oxy}(hydroxy)phosphoryl]-L-serine
7 non-polymer 'CHOLESTEROL HEMISUCCINATE'
8 non-polymer (3beta,14beta,17beta,25R)-3-[4-methoxy-3-(methoxymethyl)butoxy]spirost-5-en
9 non-polymer Vixotrigine
10 non-polymer 'SODIUM ION'
11 non-polymer 1-O-OCTADECYL-SN-GLYCERO-3-PHOSPHOCHOLINE
12 non-polymer '(2S,3R,4E)-2-(acetylamino)-3-hydroxyoctadec-4-en-1-yl dihydrogen phosphate'
13 non-polymer 1,2-DIOLEOYL-SN-GLYCERO-3-PHOSPHOCHOLINE
14 water water
#
loop_
_entity_poly.entity_id
_entity_poly.type
_entity_poly.pdbx_seq_one_letter_code
_entity_poly.pdbx_strand_id
1 'polypeptide(L)'
;WSHPQFEKGGGARGGSGGGSWSHPQFEKGFDYKDDDDKGTMAMLPPPGPQSFVHFTKQSLALIEQRIAERKSKEPKEEKK
DDDEEAPKPSSDLEAGKQLPFIYGDIPPGMVSEPLEDLDPYYADKKTFIVLNKGKTIFRFNATPALYMLSPFSPLRRISI
KILVHSLFSMLIMCTILTNCIFMTMNNPPDWTKNVEYTFTGIYTFESLVKILARGFCVGEFTFLRDPWNWLDFVVIVFAY
LTEFVNLGNVSALRTFRVLRALKTISVIPGLKTIVGALIQSVKKLSDVMILTVFCLSVFALIGLQLFMGNLKHKCFRNSL
ENNETLESIMNTLESEEDFRKYFYYLEGSKDALLCGFSTDSGQCPEGYTCVKIGRNPDYGYTSFDTFSWAFLALFRLMTQ
DYWENLYQQTLRAAGKTYMIFFVVVIFLGSFYLINLILAVVAMAYEEQNQANIEEAKQKELEFQQMLDRLKKEQEEAEAI
AAAAAEYTSIRRSRIMGLSESSSETSKLSSKSAKERRNRRKKKNQKKLSSGEEKGDAEKLSKSESEDSIRRKSFHLGVEG
HRRAHEKRLSTPNQSPLSIRGSLFSARRSSRTSLFSFKGRGRDIGSETEFADDEHSIFGDNESRRGSLFVPHRPQERRSS
NISQASRSPPMLPVNGKMHSAVDCNGVVSLVDGRSALMLPNGQLLPEVIIDKATSDDSGTTNQIHKKRRCSSYLLSEDML
NDPNLRQRAMSRASILTNTVEELEESRQKCPPWWYRFAHKFLIWNCSPYWIKFKKCIYFIVMDPFVDLAITICIVLNTLF
MAMEHHPMTEEFKNVLAIGNLVFTGIFAAEMVLKLIAMDPYEYFQVGWNIFDSLIVTLSLVELFLADVEGLSVLRSFRLL
RVFKLAKSWPTLNMLIKIIGNSVGALGNLTLVLAIIVFIFAVVGMQLFGKSYKECVCKINDDCTLPRWHMNDFFHSFLIV
FRVLCGEWIETMWDCMEVAGQAMCLIVYMMVMVIGNLVVLNLFLALLLSSFSSDNLTAIEEDPDANNLQIAVTRIKKGIN
YVKQTLREFILKAFSKKPKISREIRQAEDLNTKKENYISNHTLAEMSKGHNFLKEKDKISGFGSSVDKHLMEDSDGQSFI
HNPSLTVTVPIAPGESDLENMNAEELSSDSDSEYSKVRLNRSSSSECSTVDNPLPGEGEEAEAEPMNSDEPEACFTDGCV
WRFSCCQVNIESGKGKIWWNIRKTCYKIVEHSWFESFIVLMILLSSGALAFEDIYIERKKTIKIILEYADKIFTYIFILE
MLLKWIAYGYKTYFTNAWCWLDFLIVDVSLVTLVANTLGYSDLGPIKSLRTLRALRPLRALSRFEGMRVVVNALIGAIPS
IMNVLLVCLIFWLIFSIMGVNLFAGKFYECINTTDGSRFPASQVPNRSECFALMNVSQNVRWKNLKVNFDNVGLGYLSLL
QVATFKGWTIIMYAAVDSVNVDKQPKYEYSLYMYIYFVVFIIFGSFFTLNLFIGVIIDNFNQQKKKLGGQDIFMTEEQKK
YYNAMKKLGSKKPQKPIPRPGNKIQGCIFDLVTNQAFDISIMVLICLNMVTMMVEKEGQSQHMTEVLYWINVVFIILFTG
ECVLKLISLRHYYFTVGWNIFDFVVVIISIVGMFLADLIETYFVSPTLFRVIRLARIGRILRLVKGAKGIRTLLFALMMS
LPALFNIGLLLFLVMFIYAIFGMSNFAYVKKEDGINDMFNFETFGNSMICLFQITTSAGWDGLLAPILNSKPPDCDPKKV
HPGSSVEGDCGNPSVGIFYFVSYIIISFLVVVNMYIAVILENFSVATEESTEPLSEDDFEMFYEVWEKFDPDATQFIEFS
KLSDFAAALDPPLLIAKPNKVQLIAMDLPMVSGDRIHCLDILFAFTKRVLGESGEMDSLRSQMEERFMSANPSKVSYEPI
TTTLKRKQEDVSATVIQRAYRRYRLRQNVKNISSIYIKDGDRDDDLLNKKDMAFDNVNENSSPEKTDATSSTTSPPSYDS
VTKPDKEKYEQDRTEKEDKGKDSKESKK
;
A
2 'polypeptide(L)'
;MGRLLALVVGAALVSSACGGCVEVDSETEAVYGMTFKILCISCKRRSETNAETFTEWTFRQKGTEEFVKILRYENEVLQL
EEDERFEGRVVWNGSRGTKDLQDLSIFITNVTYNHSGDYECHVYRLLFFENYEHNTSVVKKIHIEVVDKANRDMASIVSE
IMMYVLIVVLTIWLVAEMIYCYKKIAAATETAAQENASEYLAITSESKENCTGVQVAE
;
B
3 'polypeptide(L)'
;MHRDAWLPRPAFSLTGLSLFFSLVPPGRSMEVTVPATLNVLNGSDARLPCTFNSCYTVNHKQFSLNWTYQECNNCSEEMF
LQFRMKIINLKLERFQDRVEFSGNPSKYDVSVMLRNVQPEDEGIYNCYIMNPPDRHRGHGKIHLQVLMEEPPERDSTVAV
IVGASVGGFLAVVILVLMVVKCVRRKKEQKLSTDDLKTEEEGKTDGEGNPDDGAK
;
C
#
# COMPACT_ATOMS: atom_id res chain seq x y z
N GLY A 48 -55.75 -16.65 -19.03
CA GLY A 48 -55.86 -15.22 -18.83
C GLY A 48 -56.35 -14.83 -17.45
N PRO A 49 -57.01 -13.67 -17.34
CA PRO A 49 -57.51 -13.22 -16.04
C PRO A 49 -58.59 -14.13 -15.46
N GLN A 50 -59.25 -14.95 -16.26
CA GLN A 50 -60.28 -15.86 -15.78
C GLN A 50 -59.72 -17.20 -15.34
N SER A 51 -58.42 -17.43 -15.49
CA SER A 51 -57.79 -18.69 -15.09
C SER A 51 -57.39 -18.62 -13.62
N PHE A 52 -58.41 -18.59 -12.76
CA PHE A 52 -58.19 -18.49 -11.33
C PHE A 52 -59.24 -19.33 -10.62
N VAL A 53 -58.83 -20.46 -10.06
CA VAL A 53 -59.72 -21.35 -9.33
C VAL A 53 -59.03 -21.79 -8.04
N HIS A 54 -59.84 -22.26 -7.08
CA HIS A 54 -59.34 -22.75 -5.81
C HIS A 54 -58.85 -24.18 -5.94
N PHE A 55 -57.90 -24.55 -5.10
CA PHE A 55 -57.34 -25.91 -5.09
C PHE A 55 -58.19 -26.76 -4.16
N THR A 56 -59.10 -27.54 -4.75
CA THR A 56 -60.02 -28.39 -4.00
C THR A 56 -59.61 -29.85 -4.15
N LYS A 57 -60.30 -30.71 -3.39
CA LYS A 57 -59.98 -32.14 -3.42
C LYS A 57 -60.31 -32.75 -4.78
N GLN A 58 -61.31 -32.20 -5.49
CA GLN A 58 -61.59 -32.68 -6.84
C GLN A 58 -60.40 -32.41 -7.77
N SER A 59 -59.78 -31.24 -7.63
CA SER A 59 -58.60 -30.93 -8.43
C SER A 59 -57.45 -31.88 -8.12
N LEU A 60 -57.25 -32.20 -6.83
CA LEU A 60 -56.21 -33.14 -6.45
C LEU A 60 -56.48 -34.52 -7.02
N ALA A 61 -57.74 -34.95 -6.98
CA ALA A 61 -58.10 -36.25 -7.55
C ALA A 61 -57.86 -36.27 -9.05
N LEU A 62 -58.21 -35.19 -9.74
CA LEU A 62 -57.98 -35.12 -11.18
C LEU A 62 -56.49 -35.16 -11.49
N ILE A 63 -55.68 -34.44 -10.71
CA ILE A 63 -54.24 -34.43 -10.94
C ILE A 63 -53.65 -35.83 -10.71
N GLU A 64 -54.09 -36.50 -9.65
CA GLU A 64 -53.59 -37.85 -9.38
C GLU A 64 -54.04 -38.82 -10.47
N GLN A 65 -55.25 -38.65 -10.99
CA GLN A 65 -55.70 -39.47 -12.11
C GLN A 65 -54.84 -39.23 -13.34
N ARG A 66 -54.49 -37.97 -13.61
CA ARG A 66 -53.60 -37.68 -14.72
C ARG A 66 -52.23 -38.31 -14.54
N ILE A 67 -51.69 -38.27 -13.31
CA ILE A 67 -50.42 -38.89 -13.02
C ILE A 67 -50.49 -40.40 -13.23
N ALA A 68 -51.58 -41.02 -12.78
CA ALA A 68 -51.76 -42.46 -12.98
C ALA A 68 -51.85 -42.80 -14.46
N GLU A 69 -52.56 -41.97 -15.24
CA GLU A 69 -52.64 -42.18 -16.68
C GLU A 69 -51.27 -42.08 -17.33
N ARG A 70 -50.47 -41.08 -16.92
CA ARG A 70 -49.12 -40.95 -17.45
C ARG A 70 -48.28 -42.18 -17.11
N LYS A 71 -48.39 -42.68 -15.88
CA LYS A 71 -47.66 -43.88 -15.49
C LYS A 71 -48.11 -45.09 -16.33
N SER A 72 -49.42 -45.20 -16.57
CA SER A 72 -49.92 -46.32 -17.37
C SER A 72 -49.40 -46.24 -18.80
N LYS A 73 -49.34 -45.04 -19.37
CA LYS A 73 -48.80 -44.88 -20.72
C LYS A 73 -47.32 -45.26 -20.76
N GLU A 74 -46.56 -44.88 -19.73
CA GLU A 74 -45.15 -45.22 -19.67
C GLU A 74 -44.93 -46.72 -19.54
N PRO A 87 -39.66 -30.09 -21.69
CA PRO A 87 -40.73 -29.35 -21.04
C PRO A 87 -40.24 -28.52 -19.85
N LYS A 88 -40.35 -27.21 -19.97
CA LYS A 88 -39.93 -26.28 -18.93
C LYS A 88 -41.07 -25.34 -18.57
N PRO A 89 -41.13 -24.87 -17.32
CA PRO A 89 -42.21 -23.96 -16.93
C PRO A 89 -41.93 -22.54 -17.41
N SER A 90 -42.99 -21.73 -17.39
CA SER A 90 -42.86 -20.34 -17.78
C SER A 90 -42.04 -19.59 -16.75
N SER A 91 -40.99 -18.89 -17.20
CA SER A 91 -40.16 -18.12 -16.29
C SER A 91 -40.94 -16.99 -15.63
N ASP A 92 -41.96 -16.47 -16.30
CA ASP A 92 -42.80 -15.43 -15.69
C ASP A 92 -43.62 -15.99 -14.54
N LEU A 93 -44.03 -17.25 -14.63
CA LEU A 93 -44.79 -17.90 -13.58
C LEU A 93 -43.92 -18.62 -12.55
N GLU A 94 -42.60 -18.51 -12.67
CA GLU A 94 -41.69 -19.17 -11.73
C GLU A 94 -41.86 -18.58 -10.33
N ALA A 95 -41.56 -19.40 -9.33
CA ALA A 95 -41.78 -19.02 -7.94
C ALA A 95 -40.97 -17.79 -7.57
N GLY A 96 -41.52 -16.98 -6.68
CA GLY A 96 -40.87 -15.75 -6.25
C GLY A 96 -40.79 -14.69 -7.32
N LYS A 97 -41.83 -14.54 -8.13
CA LYS A 97 -41.88 -13.53 -9.18
C LYS A 97 -43.24 -12.85 -9.15
N GLN A 98 -43.28 -11.62 -9.67
CA GLN A 98 -44.51 -10.86 -9.70
C GLN A 98 -45.50 -11.47 -10.69
N LEU A 99 -46.77 -11.47 -10.32
CA LEU A 99 -47.80 -11.99 -11.20
C LEU A 99 -47.96 -11.07 -12.41
N PRO A 100 -48.02 -11.62 -13.63
CA PRO A 100 -48.14 -10.76 -14.81
C PRO A 100 -49.41 -9.92 -14.78
N PHE A 101 -49.31 -8.71 -15.36
CA PHE A 101 -50.45 -7.81 -15.43
C PHE A 101 -51.58 -8.37 -16.28
N ILE A 102 -51.28 -9.33 -17.16
CA ILE A 102 -52.30 -9.91 -18.02
C ILE A 102 -53.36 -10.63 -17.20
N TYR A 103 -53.00 -11.12 -16.00
CA TYR A 103 -53.99 -11.75 -15.14
C TYR A 103 -54.82 -10.74 -14.36
N GLY A 104 -54.39 -9.48 -14.32
CA GLY A 104 -55.18 -8.45 -13.66
C GLY A 104 -55.19 -8.61 -12.14
N ASP A 105 -56.18 -7.94 -11.53
CA ASP A 105 -56.34 -7.99 -10.09
C ASP A 105 -56.93 -9.33 -9.67
N ILE A 106 -56.87 -9.60 -8.36
CA ILE A 106 -57.40 -10.83 -7.80
C ILE A 106 -58.62 -10.49 -6.96
N PRO A 107 -59.72 -11.23 -7.10
CA PRO A 107 -60.89 -10.99 -6.25
C PRO A 107 -60.54 -11.21 -4.80
N PRO A 108 -61.19 -10.49 -3.88
CA PRO A 108 -60.79 -10.57 -2.47
C PRO A 108 -60.96 -11.94 -1.86
N GLY A 109 -61.81 -12.80 -2.41
CA GLY A 109 -62.15 -14.06 -1.78
C GLY A 109 -61.16 -15.20 -1.93
N MET A 110 -60.05 -15.00 -2.65
CA MET A 110 -59.07 -16.07 -2.80
C MET A 110 -57.62 -15.62 -2.66
N VAL A 111 -57.36 -14.39 -2.25
CA VAL A 111 -55.99 -13.98 -1.98
C VAL A 111 -55.47 -14.71 -0.75
N SER A 112 -54.21 -15.15 -0.82
CA SER A 112 -53.59 -15.93 0.25
C SER A 112 -54.40 -17.21 0.55
N GLU A 113 -54.82 -17.88 -0.51
CA GLU A 113 -55.56 -19.12 -0.42
C GLU A 113 -54.93 -20.17 -1.32
N PRO A 114 -55.09 -21.45 -1.00
CA PRO A 114 -54.57 -22.51 -1.87
C PRO A 114 -55.27 -22.52 -3.22
N LEU A 115 -54.53 -22.20 -4.28
CA LEU A 115 -55.07 -22.12 -5.62
C LEU A 115 -54.39 -23.15 -6.52
N GLU A 116 -55.10 -23.57 -7.56
CA GLU A 116 -54.56 -24.55 -8.48
C GLU A 116 -53.41 -23.97 -9.29
N ASP A 117 -52.55 -24.87 -9.79
CA ASP A 117 -51.39 -24.43 -10.55
C ASP A 117 -51.81 -23.75 -11.84
N LEU A 118 -51.07 -22.70 -12.20
CA LEU A 118 -51.30 -21.95 -13.42
C LEU A 118 -50.39 -22.38 -14.56
N ASP A 119 -49.14 -22.68 -14.26
CA ASP A 119 -48.19 -23.13 -15.28
C ASP A 119 -48.57 -24.52 -15.75
N PRO A 120 -48.76 -24.74 -17.05
CA PRO A 120 -49.14 -26.09 -17.52
C PRO A 120 -48.08 -27.16 -17.24
N TYR A 121 -46.82 -26.76 -17.02
CA TYR A 121 -45.78 -27.75 -16.77
C TYR A 121 -46.05 -28.52 -15.48
N TYR A 122 -46.40 -27.81 -14.41
CA TYR A 122 -46.74 -28.44 -13.15
C TYR A 122 -48.22 -28.76 -13.03
N ALA A 123 -49.02 -28.45 -14.04
CA ALA A 123 -50.44 -28.80 -14.01
C ALA A 123 -50.65 -30.31 -14.01
N ASP A 124 -49.69 -31.07 -14.53
CA ASP A 124 -49.76 -32.53 -14.50
C ASP A 124 -49.38 -33.09 -13.14
N LYS A 125 -48.39 -32.50 -12.47
CA LYS A 125 -47.94 -32.97 -11.17
C LYS A 125 -48.78 -32.36 -10.06
N LYS A 126 -48.64 -32.92 -8.86
CA LYS A 126 -49.40 -32.49 -7.69
C LYS A 126 -48.74 -31.25 -7.10
N THR A 127 -49.20 -30.07 -7.52
CA THR A 127 -48.71 -28.81 -6.99
C THR A 127 -49.89 -27.87 -6.80
N PHE A 128 -49.70 -26.87 -5.94
CA PHE A 128 -50.67 -25.81 -5.74
C PHE A 128 -49.92 -24.52 -5.40
N ILE A 129 -50.48 -23.39 -5.80
CA ILE A 129 -49.82 -22.10 -5.64
C ILE A 129 -50.71 -21.18 -4.82
N VAL A 130 -50.07 -20.21 -4.16
CA VAL A 130 -50.75 -19.23 -3.32
C VAL A 130 -50.22 -17.85 -3.66
N LEU A 131 -51.13 -16.89 -3.80
CA LEU A 131 -50.78 -15.51 -4.15
C LEU A 131 -51.10 -14.59 -2.98
N ASN A 132 -50.24 -13.59 -2.80
CA ASN A 132 -50.36 -12.63 -1.72
C ASN A 132 -51.08 -11.37 -2.20
N LYS A 133 -51.12 -10.35 -1.34
CA LYS A 133 -51.72 -9.06 -1.68
C LYS A 133 -50.77 -8.18 -2.49
N GLY A 134 -49.56 -8.66 -2.78
CA GLY A 134 -48.63 -7.92 -3.61
C GLY A 134 -48.34 -8.66 -4.89
N LYS A 135 -49.16 -9.68 -5.18
CA LYS A 135 -49.02 -10.51 -6.38
C LYS A 135 -47.64 -11.17 -6.45
N THR A 136 -47.33 -11.95 -5.42
CA THR A 136 -46.14 -12.79 -5.41
C THR A 136 -46.58 -14.25 -5.41
N ILE A 137 -45.94 -15.06 -6.25
CA ILE A 137 -46.32 -16.44 -6.48
C ILE A 137 -45.45 -17.36 -5.64
N PHE A 138 -46.08 -18.25 -4.89
CA PHE A 138 -45.40 -19.24 -4.08
C PHE A 138 -45.87 -20.62 -4.52
N ARG A 139 -44.93 -21.51 -4.84
CA ARG A 139 -45.23 -22.86 -5.30
C ARG A 139 -44.95 -23.84 -4.17
N PHE A 140 -46.00 -24.45 -3.64
CA PHE A 140 -45.89 -25.46 -2.59
C PHE A 140 -46.06 -26.84 -3.20
N ASN A 141 -46.13 -27.86 -2.33
CA ASN A 141 -46.29 -29.24 -2.74
C ASN A 141 -47.64 -29.76 -2.25
N ALA A 142 -48.39 -30.40 -3.15
CA ALA A 142 -49.71 -30.91 -2.78
C ALA A 142 -49.62 -32.16 -1.91
N THR A 143 -48.49 -32.83 -1.90
CA THR A 143 -48.31 -33.97 -1.01
C THR A 143 -48.40 -33.51 0.44
N PRO A 144 -49.11 -34.24 1.30
CA PRO A 144 -49.26 -33.79 2.69
C PRO A 144 -47.93 -33.59 3.38
N ALA A 145 -47.85 -32.55 4.20
CA ALA A 145 -46.64 -32.21 4.92
C ALA A 145 -46.36 -33.29 5.97
N LEU A 146 -45.24 -33.99 5.81
CA LEU A 146 -44.86 -35.11 6.68
C LEU A 146 -45.92 -36.22 6.67
N TYR A 147 -46.74 -36.25 5.62
CA TYR A 147 -47.87 -37.19 5.49
C TYR A 147 -48.95 -36.94 6.55
N MET A 148 -48.89 -35.78 7.20
CA MET A 148 -49.92 -35.41 8.17
C MET A 148 -50.85 -34.30 7.68
N LEU A 149 -50.28 -33.17 7.27
CA LEU A 149 -51.09 -31.99 7.00
C LEU A 149 -51.39 -31.87 5.51
N SER A 150 -52.68 -31.98 5.16
CA SER A 150 -53.16 -31.82 3.80
C SER A 150 -53.34 -30.36 3.45
N PRO A 151 -53.35 -30.02 2.16
CA PRO A 151 -53.60 -28.62 1.77
C PRO A 151 -54.92 -28.07 2.27
N PHE A 152 -55.91 -28.94 2.53
CA PHE A 152 -57.22 -28.50 2.98
C PHE A 152 -57.35 -28.47 4.50
N SER A 153 -56.28 -28.80 5.23
CA SER A 153 -56.33 -28.76 6.69
C SER A 153 -56.29 -27.32 7.18
N PRO A 154 -57.08 -26.98 8.20
CA PRO A 154 -57.04 -25.60 8.73
C PRO A 154 -55.69 -25.20 9.28
N LEU A 155 -54.95 -26.12 9.91
CA LEU A 155 -53.65 -25.79 10.47
C LEU A 155 -52.66 -25.42 9.38
N ARG A 156 -52.59 -26.22 8.31
CA ARG A 156 -51.72 -25.87 7.20
C ARG A 156 -52.23 -24.63 6.48
N ARG A 157 -53.54 -24.39 6.46
CA ARG A 157 -54.05 -23.16 5.88
C ARG A 157 -53.54 -21.94 6.64
N ILE A 158 -53.57 -22.01 7.97
CA ILE A 158 -53.07 -20.89 8.78
C ILE A 158 -51.56 -20.75 8.61
N SER A 159 -50.85 -21.88 8.53
CA SER A 159 -49.40 -21.81 8.31
C SER A 159 -49.06 -21.15 6.99
N ILE A 160 -49.82 -21.48 5.93
CA ILE A 160 -49.63 -20.83 4.64
C ILE A 160 -49.93 -19.34 4.75
N LYS A 161 -51.03 -18.99 5.42
CA LYS A 161 -51.40 -17.59 5.57
C LYS A 161 -50.28 -16.81 6.27
N ILE A 162 -49.65 -17.43 7.27
CA ILE A 162 -48.55 -16.76 7.97
C ILE A 162 -47.33 -16.66 7.07
N LEU A 163 -46.98 -17.73 6.35
CA LEU A 163 -45.72 -17.77 5.61
C LEU A 163 -45.68 -16.69 4.53
N VAL A 164 -46.72 -16.59 3.72
CA VAL A 164 -46.76 -15.63 2.62
C VAL A 164 -47.55 -14.42 3.14
N HIS A 165 -46.82 -13.46 3.71
CA HIS A 165 -47.40 -12.25 4.26
C HIS A 165 -46.29 -11.25 4.50
N SER A 166 -46.63 -9.96 4.34
CA SER A 166 -45.62 -8.92 4.50
C SER A 166 -45.19 -8.77 5.94
N LEU A 167 -46.14 -8.82 6.88
CA LEU A 167 -45.82 -8.64 8.29
C LEU A 167 -44.90 -9.73 8.84
N PHE A 168 -45.03 -10.97 8.37
CA PHE A 168 -44.13 -12.03 8.80
C PHE A 168 -42.68 -11.72 8.42
N SER A 169 -42.47 -11.35 7.15
CA SER A 169 -41.13 -11.01 6.70
C SER A 169 -40.60 -9.78 7.44
N MET A 170 -41.47 -8.79 7.68
CA MET A 170 -41.04 -7.61 8.42
C MET A 170 -40.61 -7.98 9.84
N LEU A 171 -41.37 -8.84 10.51
CA LEU A 171 -41.02 -9.26 11.86
C LEU A 171 -39.69 -10.00 11.87
N ILE A 172 -39.48 -10.90 10.91
CA ILE A 172 -38.21 -11.62 10.85
C ILE A 172 -37.06 -10.65 10.59
N MET A 173 -37.28 -9.66 9.73
CA MET A 173 -36.22 -8.70 9.43
C MET A 173 -35.85 -7.87 10.66
N CYS A 174 -36.86 -7.38 11.39
CA CYS A 174 -36.57 -6.62 12.60
C CYS A 174 -35.87 -7.48 13.65
N THR A 175 -36.28 -8.74 13.77
CA THR A 175 -35.60 -9.65 14.68
C THR A 175 -34.14 -9.82 14.29
N ILE A 176 -33.87 -9.97 12.99
CA ILE A 176 -32.49 -10.15 12.54
C ILE A 176 -31.66 -8.91 12.83
N LEU A 177 -32.20 -7.72 12.56
CA LEU A 177 -31.42 -6.51 12.81
C LEU A 177 -31.18 -6.29 14.30
N THR A 178 -32.18 -6.58 15.15
CA THR A 178 -31.98 -6.46 16.58
C THR A 178 -30.91 -7.43 17.06
N ASN A 179 -30.95 -8.67 16.56
CA ASN A 179 -29.93 -9.65 16.92
C ASN A 179 -28.55 -9.18 16.48
N CYS A 180 -28.44 -8.66 15.27
CA CYS A 180 -27.16 -8.17 14.76
C CYS A 180 -26.62 -7.04 15.61
N ILE A 181 -27.51 -6.14 16.05
CA ILE A 181 -27.09 -5.09 16.99
C ILE A 181 -26.58 -5.71 18.28
N PHE A 182 -27.22 -6.78 18.74
CA PHE A 182 -26.81 -7.39 20.01
C PHE A 182 -25.48 -8.13 19.90
N MET A 183 -25.12 -8.63 18.72
CA MET A 183 -23.83 -9.32 18.62
C MET A 183 -22.63 -8.38 18.61
N THR A 184 -22.85 -7.07 18.71
CA THR A 184 -21.75 -6.12 18.73
C THR A 184 -21.17 -5.91 20.12
N MET A 185 -21.80 -6.43 21.16
CA MET A 185 -21.33 -6.25 22.53
C MET A 185 -20.35 -7.36 22.87
N ASN A 186 -19.15 -6.98 23.30
CA ASN A 186 -18.14 -7.97 23.66
C ASN A 186 -18.31 -8.49 25.09
N ASN A 187 -18.95 -7.71 25.96
CA ASN A 187 -19.23 -8.12 27.33
C ASN A 187 -20.71 -7.86 27.62
N PRO A 188 -21.60 -8.72 27.12
CA PRO A 188 -23.03 -8.51 27.31
C PRO A 188 -23.41 -8.64 28.76
N PRO A 189 -24.41 -7.89 29.23
CA PRO A 189 -24.89 -8.05 30.61
C PRO A 189 -25.62 -9.37 30.80
N ASP A 190 -26.02 -9.66 32.04
CA ASP A 190 -26.70 -10.92 32.33
C ASP A 190 -28.13 -10.93 31.80
N TRP A 191 -28.77 -9.77 31.71
CA TRP A 191 -30.16 -9.72 31.26
C TRP A 191 -30.31 -10.01 29.77
N THR A 192 -29.21 -10.03 29.01
CA THR A 192 -29.29 -10.29 27.58
C THR A 192 -29.64 -11.74 27.27
N LYS A 193 -29.53 -12.64 28.24
CA LYS A 193 -29.86 -14.04 27.99
C LYS A 193 -31.34 -14.22 27.65
N ASN A 194 -32.20 -13.43 28.29
CA ASN A 194 -33.62 -13.46 27.95
C ASN A 194 -33.85 -13.01 26.52
N VAL A 195 -33.11 -12.00 26.07
CA VAL A 195 -33.25 -11.54 24.69
C VAL A 195 -32.78 -12.61 23.71
N GLU A 196 -31.68 -13.29 24.04
CA GLU A 196 -31.23 -14.39 23.19
C GLU A 196 -32.27 -15.51 23.14
N TYR A 197 -32.90 -15.80 24.27
CA TYR A 197 -33.96 -16.80 24.30
C TYR A 197 -35.14 -16.38 23.43
N THR A 198 -35.50 -15.11 23.48
CA THR A 198 -36.57 -14.61 22.61
C THR A 198 -36.18 -14.74 21.14
N PHE A 199 -34.92 -14.44 20.81
CA PHE A 199 -34.48 -14.56 19.42
C PHE A 199 -34.58 -15.99 18.93
N THR A 200 -34.08 -16.96 19.71
CA THR A 200 -34.16 -18.34 19.26
C THR A 200 -35.60 -18.85 19.24
N GLY A 201 -36.46 -18.31 20.11
CA GLY A 201 -37.87 -18.66 20.04
C GLY A 201 -38.53 -18.16 18.78
N ILE A 202 -38.21 -16.92 18.36
CA ILE A 202 -38.74 -16.39 17.11
C ILE A 202 -38.27 -17.23 15.93
N TYR A 203 -36.99 -17.60 15.94
CA TYR A 203 -36.47 -18.43 14.85
C TYR A 203 -37.16 -19.79 14.84
N THR A 204 -37.41 -20.36 16.02
CA THR A 204 -38.11 -21.64 16.09
C THR A 204 -39.52 -21.52 15.53
N PHE A 205 -40.23 -20.45 15.87
CA PHE A 205 -41.58 -20.25 15.35
C PHE A 205 -41.56 -20.13 13.82
N GLU A 206 -40.62 -19.35 13.30
CA GLU A 206 -40.55 -19.17 11.85
C GLU A 206 -40.24 -20.50 11.14
N SER A 207 -39.29 -21.27 11.67
CA SER A 207 -38.96 -22.54 11.05
C SER A 207 -40.12 -23.52 11.13
N LEU A 208 -40.83 -23.54 12.25
CA LEU A 208 -41.99 -24.41 12.38
C LEU A 208 -43.08 -24.03 11.38
N VAL A 209 -43.31 -22.74 11.20
CA VAL A 209 -44.29 -22.29 10.21
C VAL A 209 -43.88 -22.76 8.82
N LYS A 210 -42.60 -22.58 8.48
CA LYS A 210 -42.13 -22.99 7.15
C LYS A 210 -42.30 -24.49 6.95
N ILE A 211 -41.95 -25.29 7.96
CA ILE A 211 -42.03 -26.75 7.82
C ILE A 211 -43.47 -27.21 7.74
N LEU A 212 -44.35 -26.61 8.55
CA LEU A 212 -45.76 -26.99 8.51
C LEU A 212 -46.38 -26.64 7.15
N ALA A 213 -45.99 -25.51 6.57
CA ALA A 213 -46.59 -25.10 5.31
C ALA A 213 -46.03 -25.89 4.13
N ARG A 214 -44.71 -25.87 3.93
CA ARG A 214 -44.10 -26.44 2.75
C ARG A 214 -43.85 -27.94 2.84
N GLY A 215 -43.92 -28.53 4.04
CA GLY A 215 -43.43 -29.88 4.23
C GLY A 215 -41.93 -29.87 4.43
N PHE A 216 -41.42 -30.94 5.05
CA PHE A 216 -40.04 -30.89 5.51
C PHE A 216 -39.00 -31.18 4.43
N CYS A 217 -38.94 -32.42 3.95
CA CYS A 217 -37.89 -32.78 3.00
C CYS A 217 -38.33 -33.71 1.87
N VAL A 218 -39.48 -34.38 1.96
CA VAL A 218 -39.79 -35.47 1.02
C VAL A 218 -40.17 -34.89 -0.34
N GLY A 219 -40.96 -33.83 -0.35
CA GLY A 219 -41.55 -33.34 -1.58
C GLY A 219 -40.57 -32.60 -2.47
N GLU A 220 -41.12 -32.02 -3.54
CA GLU A 220 -40.33 -31.26 -4.51
C GLU A 220 -40.11 -29.83 -4.05
N PHE A 221 -41.19 -29.09 -3.83
CA PHE A 221 -41.12 -27.72 -3.33
C PHE A 221 -41.35 -27.77 -1.82
N THR A 222 -40.27 -28.10 -1.10
CA THR A 222 -40.34 -28.37 0.32
C THR A 222 -39.37 -27.47 1.07
N PHE A 223 -39.41 -27.56 2.40
CA PHE A 223 -38.58 -26.71 3.25
C PHE A 223 -37.09 -26.94 3.01
N LEU A 224 -36.68 -28.20 2.91
CA LEU A 224 -35.26 -28.55 2.89
C LEU A 224 -34.66 -28.49 1.50
N ARG A 225 -35.46 -28.30 0.46
CA ARG A 225 -34.91 -28.18 -0.89
C ARG A 225 -34.24 -26.84 -1.13
N ASP A 226 -34.68 -25.79 -0.44
CA ASP A 226 -34.08 -24.47 -0.61
C ASP A 226 -32.72 -24.43 0.07
N PRO A 227 -31.65 -24.05 -0.64
CA PRO A 227 -30.34 -23.95 0.00
C PRO A 227 -30.31 -22.99 1.18
N TRP A 228 -31.09 -21.90 1.12
CA TRP A 228 -31.05 -20.91 2.19
C TRP A 228 -31.74 -21.38 3.46
N ASN A 229 -32.61 -22.39 3.38
CA ASN A 229 -33.20 -22.95 4.58
C ASN A 229 -32.23 -23.86 5.33
N TRP A 230 -31.18 -24.34 4.66
CA TRP A 230 -30.15 -25.10 5.36
C TRP A 230 -29.44 -24.24 6.39
N LEU A 231 -29.20 -22.97 6.07
CA LEU A 231 -28.60 -22.06 7.04
C LEU A 231 -29.49 -21.88 8.26
N ASP A 232 -30.79 -21.72 8.04
CA ASP A 232 -31.72 -21.59 9.16
C ASP A 232 -31.73 -22.84 10.02
N PHE A 233 -31.76 -24.02 9.39
CA PHE A 233 -31.74 -25.26 10.15
C PHE A 233 -30.46 -25.41 10.96
N VAL A 234 -29.31 -25.07 10.36
CA VAL A 234 -28.04 -25.17 11.06
C VAL A 234 -28.02 -24.22 12.25
N VAL A 235 -28.46 -22.98 12.05
CA VAL A 235 -28.50 -22.01 13.14
C VAL A 235 -29.40 -22.51 14.27
N ILE A 236 -30.57 -23.03 13.91
CA ILE A 236 -31.57 -23.42 14.91
C ILE A 236 -31.21 -24.70 15.63
N VAL A 237 -30.34 -25.54 15.06
CA VAL A 237 -29.89 -26.72 15.79
C VAL A 237 -28.67 -26.33 16.64
N PHE A 238 -27.84 -25.42 16.12
CA PHE A 238 -26.67 -24.96 16.87
C PHE A 238 -27.06 -24.25 18.15
N ALA A 239 -28.10 -23.41 18.10
CA ALA A 239 -28.53 -22.70 19.29
C ALA A 239 -28.83 -23.66 20.44
N TYR A 240 -29.68 -24.66 20.17
CA TYR A 240 -30.06 -25.60 21.22
C TYR A 240 -28.90 -26.49 21.63
N LEU A 241 -28.05 -26.89 20.67
CA LEU A 241 -26.90 -27.73 21.02
C LEU A 241 -25.95 -26.99 21.94
N THR A 242 -25.66 -25.71 21.64
CA THR A 242 -24.79 -24.94 22.53
C THR A 242 -25.45 -24.70 23.88
N GLU A 243 -26.77 -24.50 23.91
CA GLU A 243 -27.45 -24.29 25.18
C GLU A 243 -27.38 -25.52 26.07
N PHE A 244 -27.58 -26.72 25.50
CA PHE A 244 -27.65 -27.94 26.28
C PHE A 244 -26.45 -28.85 26.08
N VAL A 245 -25.29 -28.28 25.74
CA VAL A 245 -24.05 -29.04 25.65
C VAL A 245 -23.11 -28.75 26.81
N ASN A 246 -23.31 -27.66 27.54
CA ASN A 246 -22.42 -27.30 28.64
C ASN A 246 -22.96 -27.80 29.97
N ASN A 249 -16.14 -23.96 24.01
CA ASN A 249 -15.50 -22.66 23.86
C ASN A 249 -16.53 -21.60 23.49
N VAL A 250 -16.59 -20.53 24.30
CA VAL A 250 -17.58 -19.48 24.09
C VAL A 250 -17.33 -18.77 22.76
N SER A 251 -16.06 -18.58 22.40
CA SER A 251 -15.75 -17.87 21.16
C SER A 251 -16.29 -18.60 19.94
N ALA A 252 -16.12 -19.91 19.88
CA ALA A 252 -16.62 -20.68 18.74
C ALA A 252 -18.14 -20.64 18.67
N LEU A 253 -18.81 -20.77 19.82
CA LEU A 253 -20.26 -20.73 19.84
C LEU A 253 -20.79 -19.39 19.37
N ARG A 254 -20.16 -18.30 19.81
CA ARG A 254 -20.57 -16.98 19.37
C ARG A 254 -20.28 -16.77 17.89
N THR A 255 -19.14 -17.28 17.41
CA THR A 255 -18.82 -17.15 16.00
C THR A 255 -19.81 -17.92 15.14
N PHE A 256 -20.35 -19.02 15.67
CA PHE A 256 -21.44 -19.70 14.98
C PHE A 256 -22.75 -18.94 15.09
N ARG A 257 -22.97 -18.24 16.21
CA ARG A 257 -24.15 -17.38 16.33
C ARG A 257 -24.14 -16.28 15.27
N VAL A 258 -22.94 -15.86 14.85
CA VAL A 258 -22.79 -14.88 13.78
C VAL A 258 -23.51 -15.32 12.51
N LEU A 259 -23.75 -16.62 12.36
CA LEU A 259 -24.39 -17.13 11.15
C LEU A 259 -25.78 -16.56 10.96
N ARG A 260 -26.43 -16.11 12.05
CA ARG A 260 -27.74 -15.49 11.92
C ARG A 260 -27.70 -14.18 11.15
N ALA A 261 -26.53 -13.54 11.07
CA ALA A 261 -26.42 -12.31 10.29
C ALA A 261 -26.54 -12.57 8.80
N LEU A 262 -26.26 -13.80 8.37
CA LEU A 262 -26.36 -14.15 6.96
C LEU A 262 -27.79 -14.44 6.51
N LYS A 263 -28.74 -14.49 7.44
CA LYS A 263 -30.14 -14.64 7.06
C LYS A 263 -30.72 -13.37 6.46
N THR A 264 -29.98 -12.26 6.49
CA THR A 264 -30.43 -11.02 5.86
C THR A 264 -30.63 -11.19 4.37
N ILE A 265 -29.83 -12.04 3.72
CA ILE A 265 -29.95 -12.24 2.29
C ILE A 265 -31.32 -12.80 1.94
N SER A 266 -31.85 -13.68 2.79
CA SER A 266 -33.13 -14.32 2.50
C SER A 266 -34.31 -13.38 2.75
N VAL A 267 -34.23 -12.55 3.79
CA VAL A 267 -35.38 -11.74 4.17
C VAL A 267 -35.45 -10.43 3.39
N ILE A 268 -34.32 -9.76 3.18
CA ILE A 268 -34.31 -8.52 2.42
C ILE A 268 -34.40 -8.85 0.93
N PRO A 269 -35.41 -8.37 0.22
CA PRO A 269 -35.55 -8.71 -1.20
C PRO A 269 -34.38 -8.19 -2.02
N GLY A 270 -34.01 -8.98 -3.02
CA GLY A 270 -33.00 -8.59 -3.99
C GLY A 270 -31.58 -8.94 -3.64
N LEU A 271 -31.31 -9.40 -2.41
CA LEU A 271 -29.93 -9.70 -2.02
C LEU A 271 -29.44 -11.03 -2.57
N LYS A 272 -30.35 -11.99 -2.78
CA LYS A 272 -29.95 -13.28 -3.35
C LYS A 272 -29.42 -13.11 -4.76
N THR A 273 -30.02 -12.20 -5.54
CA THR A 273 -29.52 -11.93 -6.88
C THR A 273 -28.12 -11.33 -6.84
N ILE A 274 -27.87 -10.43 -5.89
CA ILE A 274 -26.54 -9.85 -5.75
C ILE A 274 -25.51 -10.93 -5.41
N VAL A 275 -25.86 -11.81 -4.47
CA VAL A 275 -24.94 -12.87 -4.09
C VAL A 275 -24.69 -13.82 -5.25
N GLY A 276 -25.73 -14.13 -6.03
CA GLY A 276 -25.56 -14.98 -7.20
C GLY A 276 -24.66 -14.35 -8.25
N ALA A 277 -24.83 -13.06 -8.50
CA ALA A 277 -23.94 -12.37 -9.43
C ALA A 277 -22.51 -12.35 -8.93
N LEU A 278 -22.32 -12.15 -7.62
CA LEU A 278 -20.97 -12.18 -7.05
C LEU A 278 -20.33 -13.54 -7.23
N ILE A 279 -21.09 -14.61 -7.02
CA ILE A 279 -20.56 -15.95 -7.22
C ILE A 279 -20.26 -16.20 -8.70
N GLN A 280 -21.12 -15.67 -9.59
CA GLN A 280 -20.90 -15.86 -11.02
C GLN A 280 -19.61 -15.18 -11.48
N SER A 281 -19.33 -13.99 -10.95
CA SER A 281 -18.12 -13.27 -11.37
C SER A 281 -16.86 -14.05 -11.04
N VAL A 282 -16.88 -14.86 -9.97
CA VAL A 282 -15.69 -15.57 -9.54
C VAL A 282 -15.35 -16.69 -10.52
N LYS A 283 -16.35 -17.41 -11.00
CA LYS A 283 -16.11 -18.64 -11.77
C LYS A 283 -15.36 -18.39 -13.08
N LYS A 284 -15.29 -17.15 -13.55
CA LYS A 284 -14.52 -16.81 -14.74
C LYS A 284 -13.07 -16.49 -14.42
N LEU A 285 -12.68 -16.53 -13.14
CA LEU A 285 -11.34 -16.17 -12.70
C LEU A 285 -10.43 -17.37 -12.56
N SER A 286 -10.86 -18.57 -12.97
CA SER A 286 -10.13 -19.78 -12.66
C SER A 286 -8.73 -19.77 -13.28
N ASP A 287 -8.62 -19.38 -14.55
CA ASP A 287 -7.33 -19.38 -15.21
C ASP A 287 -6.41 -18.31 -14.61
N VAL A 288 -6.97 -17.16 -14.26
CA VAL A 288 -6.17 -16.08 -13.67
C VAL A 288 -5.67 -16.49 -12.29
N MET A 289 -6.49 -17.19 -11.51
CA MET A 289 -6.04 -17.69 -10.21
C MET A 289 -4.93 -18.71 -10.37
N ILE A 290 -5.04 -19.60 -11.35
CA ILE A 290 -3.99 -20.58 -11.60
C ILE A 290 -2.68 -19.89 -11.98
N LEU A 291 -2.77 -18.90 -12.88
CA LEU A 291 -1.57 -18.17 -13.26
C LEU A 291 -0.98 -17.40 -12.10
N THR A 292 -1.83 -16.81 -11.25
CA THR A 292 -1.34 -16.08 -10.09
C THR A 292 -0.60 -17.01 -9.13
N VAL A 293 -1.18 -18.19 -8.86
CA VAL A 293 -0.52 -19.15 -7.98
C VAL A 293 0.79 -19.61 -8.58
N PHE A 294 0.81 -19.89 -9.88
CA PHE A 294 2.03 -20.36 -10.55
C PHE A 294 3.13 -19.30 -10.51
N CYS A 295 2.78 -18.05 -10.82
CA CYS A 295 3.78 -16.98 -10.82
C CYS A 295 4.28 -16.69 -9.41
N LEU A 296 3.38 -16.65 -8.43
CA LEU A 296 3.80 -16.42 -7.06
C LEU A 296 4.70 -17.55 -6.58
N SER A 297 4.41 -18.79 -6.96
CA SER A 297 5.26 -19.91 -6.57
C SER A 297 6.63 -19.82 -7.21
N VAL A 298 6.69 -19.44 -8.49
CA VAL A 298 7.98 -19.33 -9.17
C VAL A 298 8.83 -18.22 -8.54
N PHE A 299 8.23 -17.06 -8.29
CA PHE A 299 8.97 -15.98 -7.65
C PHE A 299 9.33 -16.32 -6.22
N ALA A 300 8.48 -17.07 -5.52
CA ALA A 300 8.82 -17.51 -4.16
C ALA A 300 10.01 -18.46 -4.18
N LEU A 301 10.07 -19.35 -5.15
CA LEU A 301 11.24 -20.23 -5.27
C LEU A 301 12.51 -19.44 -5.59
N ILE A 302 12.38 -18.43 -6.46
CA ILE A 302 13.54 -17.58 -6.76
C ILE A 302 14.02 -16.86 -5.50
N GLY A 303 13.09 -16.27 -4.75
CA GLY A 303 13.45 -15.58 -3.53
C GLY A 303 13.97 -16.50 -2.44
N LEU A 304 13.46 -17.74 -2.39
CA LEU A 304 13.99 -18.73 -1.47
C LEU A 304 15.43 -19.09 -1.82
N GLN A 305 15.73 -19.23 -3.11
CA GLN A 305 17.11 -19.49 -3.52
C GLN A 305 18.02 -18.31 -3.21
N LEU A 306 17.52 -17.08 -3.41
CA LEU A 306 18.38 -15.90 -3.28
C LEU A 306 18.60 -15.48 -1.83
N PHE A 307 17.55 -15.48 -1.01
CA PHE A 307 17.59 -14.79 0.28
C PHE A 307 17.40 -15.74 1.47
N MET A 308 17.75 -17.00 1.32
CA MET A 308 17.53 -17.97 2.41
C MET A 308 18.50 -17.70 3.55
N GLY A 309 17.95 -17.35 4.72
CA GLY A 309 18.75 -17.11 5.91
C GLY A 309 19.34 -15.73 6.05
N ASN A 310 19.12 -14.84 5.09
CA ASN A 310 19.76 -13.53 5.12
C ASN A 310 19.14 -12.60 6.17
N LEU A 311 17.85 -12.73 6.44
CA LEU A 311 17.20 -11.88 7.44
C LEU A 311 17.53 -12.29 8.87
N LYS A 312 18.45 -13.23 9.04
CA LYS A 312 18.98 -13.58 10.35
C LYS A 312 20.34 -12.97 10.61
N HIS A 313 20.88 -12.19 9.67
CA HIS A 313 22.15 -11.51 9.89
C HIS A 313 22.02 -10.48 10.99
N LYS A 314 22.97 -10.48 11.92
CA LYS A 314 22.97 -9.54 13.03
C LYS A 314 24.40 -9.09 13.30
N CYS A 315 24.52 -7.98 14.03
CA CYS A 315 25.81 -7.42 14.41
C CYS A 315 26.13 -7.91 15.81
N PHE A 316 27.04 -8.87 15.91
CA PHE A 316 27.40 -9.50 17.18
C PHE A 316 28.76 -8.96 17.64
N ARG A 317 28.83 -8.57 18.91
CA ARG A 317 30.00 -7.86 19.40
C ARG A 317 31.23 -8.77 19.44
N ASN A 318 32.39 -8.16 19.18
CA ASN A 318 33.63 -8.90 19.06
C ASN A 318 34.20 -9.34 20.40
N SER A 319 34.04 -8.53 21.44
CA SER A 319 34.64 -8.81 22.74
C SER A 319 33.59 -9.47 23.64
N LEU A 320 33.91 -10.68 24.10
CA LEU A 320 33.05 -11.43 25.02
C LEU A 320 33.89 -11.84 26.22
N GLU A 321 33.38 -11.58 27.42
CA GLU A 321 34.10 -11.88 28.64
C GLU A 321 33.77 -13.29 29.13
N ASN A 322 34.53 -13.74 30.13
CA ASN A 322 34.27 -15.00 30.82
C ASN A 322 34.31 -16.20 29.88
N ASN A 323 35.20 -16.14 28.88
CA ASN A 323 35.42 -17.25 27.96
C ASN A 323 34.12 -17.67 27.26
N GLU A 324 33.30 -16.69 26.91
CA GLU A 324 32.01 -16.95 26.30
C GLU A 324 32.14 -17.09 24.79
N THR A 325 31.08 -17.65 24.19
CA THR A 325 31.02 -17.88 22.75
C THR A 325 29.62 -17.57 22.27
N LEU A 326 29.50 -17.26 20.97
CA LEU A 326 28.18 -17.02 20.40
C LEU A 326 27.24 -18.19 20.61
N GLU A 327 27.77 -19.41 20.55
CA GLU A 327 26.94 -20.59 20.79
C GLU A 327 26.49 -20.67 22.25
N SER A 328 27.41 -20.44 23.18
CA SER A 328 27.06 -20.50 24.60
C SER A 328 26.20 -19.33 25.02
N ILE A 329 26.38 -18.17 24.40
CA ILE A 329 25.58 -17.00 24.75
C ILE A 329 24.14 -17.16 24.26
N MET A 330 23.96 -17.74 23.07
CA MET A 330 22.65 -17.70 22.42
C MET A 330 21.60 -18.49 23.19
N ASN A 331 21.97 -19.56 23.88
CA ASN A 331 21.00 -20.37 24.59
C ASN A 331 20.73 -19.87 26.01
N THR A 332 21.32 -18.74 26.41
CA THR A 332 21.03 -18.11 27.70
C THR A 332 20.54 -16.68 27.50
N LEU A 333 19.66 -16.46 26.51
CA LEU A 333 19.10 -15.15 26.23
C LEU A 333 17.60 -15.29 26.00
N GLU A 334 16.80 -14.61 26.83
CA GLU A 334 15.35 -14.67 26.70
C GLU A 334 14.75 -13.33 26.33
N SER A 335 15.01 -12.31 27.16
CA SER A 335 14.39 -11.02 26.97
C SER A 335 15.10 -10.22 25.88
N GLU A 336 14.51 -9.08 25.52
CA GLU A 336 15.18 -8.17 24.59
C GLU A 336 16.22 -7.31 25.29
N GLU A 337 16.12 -7.14 26.61
CA GLU A 337 17.07 -6.30 27.34
C GLU A 337 18.47 -6.87 27.29
N ASP A 338 18.62 -8.19 27.44
CA ASP A 338 19.93 -8.81 27.36
C ASP A 338 20.31 -9.21 25.93
N PHE A 339 19.33 -9.39 25.05
CA PHE A 339 19.64 -9.48 23.63
C PHE A 339 20.25 -8.18 23.12
N ARG A 340 19.90 -7.05 23.76
CA ARG A 340 20.48 -5.77 23.39
C ARG A 340 21.91 -5.62 23.88
N LYS A 341 22.35 -6.46 24.81
CA LYS A 341 23.70 -6.39 25.35
C LYS A 341 24.73 -7.12 24.50
N TYR A 342 24.29 -7.93 23.53
CA TYR A 342 25.20 -8.67 22.68
C TYR A 342 25.03 -8.39 21.20
N PHE A 343 23.88 -7.88 20.77
CA PHE A 343 23.65 -7.48 19.39
C PHE A 343 23.33 -5.99 19.35
N TYR A 344 23.62 -5.37 18.20
CA TYR A 344 23.43 -3.94 18.04
C TYR A 344 21.98 -3.66 17.66
N TYR A 345 21.34 -2.78 18.42
CA TYR A 345 19.98 -2.35 18.17
C TYR A 345 19.95 -0.85 17.94
N LEU A 346 19.15 -0.41 16.97
CA LEU A 346 18.83 1.01 16.87
C LEU A 346 17.87 1.38 18.00
N GLU A 347 17.94 2.64 18.42
CA GLU A 347 17.16 3.07 19.58
C GLU A 347 15.67 2.96 19.32
N GLY A 348 14.97 2.34 20.26
CA GLY A 348 13.54 2.13 20.12
C GLY A 348 13.14 1.18 19.02
N SER A 349 13.84 0.05 18.89
CA SER A 349 13.56 -0.94 17.87
C SER A 349 13.33 -2.30 18.51
N LYS A 350 12.38 -3.05 17.95
CA LYS A 350 12.07 -4.38 18.45
C LYS A 350 12.94 -5.46 17.85
N ASP A 351 13.61 -5.19 16.74
CA ASP A 351 14.45 -6.15 16.04
C ASP A 351 15.88 -5.67 16.02
N ALA A 352 16.81 -6.61 15.99
CA ALA A 352 18.22 -6.27 15.83
C ALA A 352 18.48 -5.74 14.43
N LEU A 353 19.47 -4.86 14.32
CA LEU A 353 19.80 -4.27 13.03
C LEU A 353 20.35 -5.32 12.09
N LEU A 354 19.84 -5.34 10.87
CA LEU A 354 20.29 -6.29 9.86
C LEU A 354 21.57 -5.80 9.20
N CYS A 355 22.37 -6.76 8.73
CA CYS A 355 23.66 -6.46 8.12
C CYS A 355 23.88 -7.42 6.97
N GLY A 356 25.00 -7.24 6.28
CA GLY A 356 25.36 -8.09 5.17
C GLY A 356 26.86 -8.27 5.11
N PHE A 357 27.30 -9.14 4.20
CA PHE A 357 28.70 -9.43 4.02
C PHE A 357 29.30 -8.81 2.76
N SER A 358 28.50 -8.19 1.91
CA SER A 358 28.98 -7.53 0.72
C SER A 358 29.26 -6.05 1.02
N THR A 359 29.78 -5.35 0.01
CA THR A 359 30.07 -3.93 0.16
C THR A 359 28.86 -3.04 -0.04
N ASP A 360 27.80 -3.55 -0.67
CA ASP A 360 26.59 -2.78 -0.90
C ASP A 360 25.48 -3.13 0.08
N SER A 361 25.80 -3.86 1.15
CA SER A 361 24.85 -4.18 2.20
C SER A 361 25.04 -3.23 3.38
N GLY A 362 24.18 -3.39 4.38
CA GLY A 362 24.31 -2.58 5.58
C GLY A 362 25.55 -2.94 6.37
N GLN A 363 26.10 -1.93 7.04
CA GLN A 363 27.32 -2.10 7.81
C GLN A 363 26.99 -2.19 9.30
N CYS A 364 27.84 -2.84 10.01
CA CYS A 364 27.82 -2.97 11.45
C CYS A 364 28.71 -1.89 12.07
N PRO A 365 28.43 -1.46 13.30
CA PRO A 365 29.32 -0.51 13.96
C PRO A 365 30.66 -1.15 14.28
N GLU A 366 31.65 -0.30 14.53
CA GLU A 366 32.94 -0.80 14.97
C GLU A 366 32.79 -1.51 16.31
N GLY A 367 33.37 -2.70 16.41
CA GLY A 367 33.19 -3.54 17.57
C GLY A 367 32.12 -4.60 17.42
N TYR A 368 31.54 -4.75 16.22
CA TYR A 368 30.58 -5.78 15.92
C TYR A 368 30.94 -6.43 14.60
N THR A 369 30.51 -7.67 14.42
CA THR A 369 30.72 -8.39 13.18
C THR A 369 29.39 -9.01 12.75
N CYS A 370 29.12 -8.95 11.46
CA CYS A 370 27.88 -9.54 10.95
C CYS A 370 27.93 -11.06 11.04
N VAL A 371 26.89 -11.65 11.59
CA VAL A 371 26.77 -13.09 11.74
C VAL A 371 25.32 -13.48 11.50
N LYS A 372 25.12 -14.70 11.04
CA LYS A 372 23.78 -15.26 10.83
C LYS A 372 23.40 -16.09 12.04
N ILE A 373 22.53 -15.54 12.88
CA ILE A 373 22.12 -16.21 14.10
C ILE A 373 20.84 -15.54 14.58
N GLY A 374 20.02 -16.30 15.30
CA GLY A 374 18.83 -15.76 15.92
C GLY A 374 17.58 -15.95 15.07
N ARG A 375 16.60 -15.10 15.35
CA ARG A 375 15.29 -15.16 14.70
C ARG A 375 15.18 -14.10 13.61
N ASN A 376 14.13 -14.23 12.82
CA ASN A 376 13.85 -13.28 11.74
C ASN A 376 13.10 -12.07 12.29
N PRO A 377 13.11 -10.96 11.55
CA PRO A 377 12.38 -9.76 12.00
C PRO A 377 10.87 -9.97 12.00
N ASP A 378 10.19 -9.04 12.66
CA ASP A 378 8.73 -8.95 12.71
C ASP A 378 8.12 -10.20 13.37
N TYR A 379 8.57 -10.47 14.59
CA TYR A 379 8.22 -11.65 15.36
C TYR A 379 8.67 -12.94 14.72
N GLY A 380 9.60 -12.89 13.78
CA GLY A 380 10.00 -14.06 13.04
C GLY A 380 9.13 -14.39 11.83
N TYR A 381 8.19 -13.52 11.48
CA TYR A 381 7.25 -13.80 10.40
C TYR A 381 7.73 -13.34 9.04
N THR A 382 8.85 -12.62 8.96
CA THR A 382 9.38 -12.13 7.68
C THR A 382 10.67 -12.88 7.38
N SER A 383 10.67 -13.66 6.30
CA SER A 383 11.83 -14.45 5.92
C SER A 383 11.60 -15.05 4.53
N PHE A 384 12.67 -15.61 3.98
CA PHE A 384 12.67 -16.45 2.80
C PHE A 384 13.27 -17.81 3.12
N ASP A 385 12.96 -18.32 4.32
CA ASP A 385 13.59 -19.53 4.82
C ASP A 385 12.91 -20.81 4.37
N THR A 386 11.59 -20.80 4.28
CA THR A 386 10.82 -21.91 3.77
C THR A 386 9.96 -21.43 2.60
N PHE A 387 9.38 -22.36 1.87
CA PHE A 387 8.53 -21.98 0.75
C PHE A 387 7.27 -21.27 1.21
N SER A 388 6.75 -21.62 2.38
CA SER A 388 5.51 -21.00 2.85
C SER A 388 5.74 -19.56 3.29
N TRP A 389 6.82 -19.30 4.01
CA TRP A 389 7.16 -17.93 4.39
C TRP A 389 7.51 -17.08 3.17
N ALA A 390 8.25 -17.65 2.23
CA ALA A 390 8.58 -16.93 1.00
C ALA A 390 7.33 -16.66 0.17
N PHE A 391 6.40 -17.60 0.13
CA PHE A 391 5.13 -17.39 -0.56
C PHE A 391 4.32 -16.29 0.10
N LEU A 392 4.33 -16.24 1.43
CA LEU A 392 3.68 -15.13 2.14
C LEU A 392 4.33 -13.80 1.77
N ALA A 393 5.66 -13.77 1.71
CA ALA A 393 6.37 -12.54 1.33
C ALA A 393 6.01 -12.13 -0.10
N LEU A 394 5.89 -13.10 -1.01
CA LEU A 394 5.58 -12.76 -2.39
C LEU A 394 4.12 -12.33 -2.57
N PHE A 395 3.20 -12.91 -1.81
CA PHE A 395 1.83 -12.40 -1.81
C PHE A 395 1.77 -11.00 -1.24
N ARG A 396 2.56 -10.72 -0.20
CA ARG A 396 2.65 -9.37 0.34
C ARG A 396 3.18 -8.39 -0.70
N LEU A 397 4.20 -8.80 -1.46
CA LEU A 397 4.72 -7.94 -2.52
C LEU A 397 3.69 -7.73 -3.63
N MET A 398 2.95 -8.77 -3.99
CA MET A 398 1.93 -8.64 -5.02
C MET A 398 0.83 -7.67 -4.60
N THR A 399 0.41 -7.75 -3.34
CA THR A 399 -0.56 -6.79 -2.81
C THR A 399 0.08 -5.48 -2.37
N GLN A 400 1.41 -5.43 -2.28
CA GLN A 400 2.15 -4.20 -1.97
C GLN A 400 1.83 -3.68 -0.57
N ASP A 401 1.60 -4.58 0.37
CA ASP A 401 1.29 -4.21 1.74
C ASP A 401 2.59 -4.06 2.52
N TYR A 402 2.95 -2.81 2.85
CA TYR A 402 4.14 -2.53 3.65
C TYR A 402 5.39 -3.10 3.00
N TRP A 403 5.37 -3.18 1.66
CA TRP A 403 6.42 -3.87 0.92
C TRP A 403 7.75 -3.15 0.94
N GLU A 404 7.76 -1.84 1.21
CA GLU A 404 9.02 -1.11 1.26
C GLU A 404 9.82 -1.47 2.50
N ASN A 405 9.15 -1.88 3.58
CA ASN A 405 9.86 -2.37 4.76
C ASN A 405 10.64 -3.65 4.44
N LEU A 406 9.98 -4.60 3.79
CA LEU A 406 10.65 -5.83 3.35
C LEU A 406 11.74 -5.53 2.34
N TYR A 407 11.47 -4.61 1.41
CA TYR A 407 12.43 -4.24 0.38
C TYR A 407 13.69 -3.66 1.01
N GLN A 408 13.54 -2.76 1.99
CA GLN A 408 14.68 -2.17 2.67
C GLN A 408 15.42 -3.20 3.53
N GLN A 409 14.68 -4.09 4.20
CA GLN A 409 15.34 -5.14 4.98
C GLN A 409 16.17 -6.05 4.10
N THR A 410 15.62 -6.45 2.95
CA THR A 410 16.34 -7.36 2.05
C THR A 410 17.54 -6.67 1.43
N LEU A 411 17.43 -5.38 1.12
CA LEU A 411 18.59 -4.67 0.60
C LEU A 411 19.67 -4.52 1.67
N ARG A 412 19.26 -4.29 2.91
CA ARG A 412 20.23 -4.19 4.00
C ARG A 412 20.93 -5.52 4.24
N ALA A 413 20.20 -6.63 4.18
CA ALA A 413 20.77 -7.93 4.51
C ALA A 413 21.52 -8.56 3.35
N ALA A 414 21.17 -8.24 2.12
CA ALA A 414 21.76 -8.90 0.96
C ALA A 414 22.62 -7.99 0.09
N GLY A 415 22.23 -6.75 -0.10
CA GLY A 415 22.96 -5.82 -0.94
C GLY A 415 22.01 -5.00 -1.77
N LYS A 416 22.44 -3.79 -2.15
CA LYS A 416 21.63 -2.91 -2.97
C LYS A 416 21.46 -3.43 -4.38
N THR A 417 22.33 -4.36 -4.82
CA THR A 417 22.25 -4.90 -6.17
C THR A 417 21.04 -5.79 -6.39
N TYR A 418 20.37 -6.20 -5.32
CA TYR A 418 19.24 -7.11 -5.40
C TYR A 418 17.91 -6.39 -5.55
N MET A 419 17.93 -5.08 -5.80
CA MET A 419 16.71 -4.36 -6.14
C MET A 419 16.17 -4.75 -7.51
N ILE A 420 16.98 -5.41 -8.35
CA ILE A 420 16.50 -5.94 -9.61
C ILE A 420 15.38 -6.95 -9.37
N PHE A 421 15.55 -7.80 -8.35
CA PHE A 421 14.51 -8.75 -7.96
C PHE A 421 13.20 -8.03 -7.67
N PHE A 422 13.27 -6.95 -6.88
CA PHE A 422 12.05 -6.25 -6.51
C PHE A 422 11.45 -5.51 -7.69
N VAL A 423 12.28 -4.96 -8.59
CA VAL A 423 11.75 -4.32 -9.79
C VAL A 423 10.97 -5.33 -10.63
N VAL A 424 11.59 -6.48 -10.90
CA VAL A 424 10.95 -7.49 -11.74
C VAL A 424 9.69 -8.01 -11.07
N VAL A 425 9.75 -8.29 -9.77
CA VAL A 425 8.59 -8.82 -9.06
C VAL A 425 7.47 -7.80 -9.02
N ILE A 426 7.77 -6.53 -8.71
CA ILE A 426 6.74 -5.51 -8.67
C ILE A 426 6.05 -5.42 -10.02
N PHE A 427 6.83 -5.29 -11.09
CA PHE A 427 6.24 -5.15 -12.42
C PHE A 427 5.40 -6.36 -12.79
N LEU A 428 5.96 -7.57 -12.65
CA LEU A 428 5.25 -8.75 -13.14
C LEU A 428 4.06 -9.10 -12.27
N GLY A 429 4.24 -9.17 -10.95
CA GLY A 429 3.12 -9.49 -10.11
C GLY A 429 2.20 -8.31 -9.84
N SER A 430 2.69 -7.32 -9.10
CA SER A 430 1.78 -6.35 -8.50
C SER A 430 1.14 -5.43 -9.53
N PHE A 431 1.61 -5.46 -10.76
CA PHE A 431 0.99 -4.70 -11.83
C PHE A 431 0.25 -5.60 -12.81
N TYR A 432 0.93 -6.61 -13.36
CA TYR A 432 0.32 -7.43 -14.40
C TYR A 432 -0.75 -8.37 -13.87
N LEU A 433 -0.49 -9.03 -12.73
CA LEU A 433 -1.49 -9.95 -12.20
C LEU A 433 -2.73 -9.21 -11.72
N ILE A 434 -2.53 -8.04 -11.09
CA ILE A 434 -3.67 -7.21 -10.68
C ILE A 434 -4.43 -6.74 -11.92
N ASN A 435 -3.72 -6.37 -12.99
CA ASN A 435 -4.39 -6.01 -14.23
C ASN A 435 -5.24 -7.15 -14.74
N LEU A 436 -4.70 -8.37 -14.70
CA LEU A 436 -5.44 -9.53 -15.18
C LEU A 436 -6.71 -9.76 -14.36
N ILE A 437 -6.59 -9.66 -13.03
CA ILE A 437 -7.75 -9.86 -12.17
C ILE A 437 -8.82 -8.82 -12.47
N LEU A 438 -8.42 -7.56 -12.56
CA LEU A 438 -9.37 -6.48 -12.83
C LEU A 438 -10.02 -6.66 -14.19
N ALA A 439 -9.23 -7.01 -15.20
CA ALA A 439 -9.76 -7.16 -16.56
C ALA A 439 -10.74 -8.32 -16.65
N VAL A 440 -10.45 -9.43 -15.98
CA VAL A 440 -11.36 -10.57 -16.05
C VAL A 440 -12.66 -10.26 -15.32
N VAL A 441 -12.58 -9.64 -14.15
CA VAL A 441 -13.80 -9.31 -13.42
C VAL A 441 -14.63 -8.28 -14.20
N ALA A 442 -13.96 -7.31 -14.82
CA ALA A 442 -14.67 -6.31 -15.62
C ALA A 442 -15.33 -6.95 -16.84
N MET A 443 -14.65 -7.89 -17.50
CA MET A 443 -15.25 -8.59 -18.62
C MET A 443 -16.48 -9.38 -18.18
N ALA A 444 -16.38 -10.05 -17.03
CA ALA A 444 -17.53 -10.79 -16.51
C ALA A 444 -18.71 -9.85 -16.25
N TYR A 445 -18.46 -8.71 -15.63
CA TYR A 445 -19.58 -7.84 -15.28
C TYR A 445 -20.14 -7.17 -16.53
N GLU A 446 -19.29 -6.86 -17.52
CA GLU A 446 -19.80 -6.37 -18.80
C GLU A 446 -20.71 -7.39 -19.46
N GLU A 447 -20.30 -8.66 -19.46
CA GLU A 447 -21.12 -9.70 -20.06
C GLU A 447 -22.46 -9.83 -19.34
N GLN A 448 -22.44 -9.81 -18.00
CA GLN A 448 -23.68 -9.93 -17.25
C GLN A 448 -24.59 -8.72 -17.46
N ASN A 449 -24.02 -7.51 -17.54
CA ASN A 449 -24.81 -6.31 -17.79
C ASN A 449 -25.43 -6.36 -19.18
N GLN A 450 -24.65 -6.80 -20.18
CA GLN A 450 -25.18 -6.90 -21.53
C GLN A 450 -26.31 -7.92 -21.59
N ALA A 451 -26.16 -9.05 -20.90
CA ALA A 451 -27.24 -10.03 -20.85
C ALA A 451 -28.48 -9.46 -20.17
N ASN A 452 -28.29 -8.72 -19.08
CA ASN A 452 -29.43 -8.15 -18.36
C ASN A 452 -30.19 -7.16 -19.23
N ILE A 453 -29.47 -6.28 -19.92
CA ILE A 453 -30.15 -5.32 -20.78
C ILE A 453 -30.66 -5.96 -22.08
N GLU A 454 -30.12 -7.11 -22.46
CA GLU A 454 -30.64 -7.84 -23.61
C GLU A 454 -31.97 -8.50 -23.29
N GLU A 455 -32.08 -9.12 -22.10
CA GLU A 455 -33.36 -9.72 -21.72
C GLU A 455 -34.38 -8.67 -21.32
N ALA A 456 -33.93 -7.52 -20.80
CA ALA A 456 -34.86 -6.46 -20.41
C ALA A 456 -35.57 -5.88 -21.64
N LYS A 457 -34.82 -5.65 -22.71
CA LYS A 457 -35.44 -5.13 -23.94
C LYS A 457 -36.44 -6.13 -24.52
N GLN A 458 -36.07 -7.41 -24.54
CA GLN A 458 -36.99 -8.42 -25.05
C GLN A 458 -38.25 -8.51 -24.20
N PRO A 768 -55.89 39.58 -1.74
CA PRO A 768 -55.74 40.86 -2.45
C PRO A 768 -54.32 41.41 -2.34
N TYR A 769 -54.05 42.11 -1.25
CA TYR A 769 -52.70 42.65 -1.02
C TYR A 769 -51.67 41.53 -0.91
N TRP A 770 -52.06 40.40 -0.33
CA TRP A 770 -51.15 39.26 -0.25
C TRP A 770 -50.80 38.76 -1.65
N ILE A 771 -51.80 38.64 -2.53
CA ILE A 771 -51.53 38.23 -3.90
C ILE A 771 -50.59 39.23 -4.58
N LYS A 772 -50.86 40.52 -4.38
CA LYS A 772 -50.05 41.55 -5.04
C LYS A 772 -48.60 41.48 -4.60
N PHE A 773 -48.35 41.48 -3.29
CA PHE A 773 -46.95 41.55 -2.90
C PHE A 773 -46.25 40.21 -3.04
N LYS A 774 -46.98 39.09 -3.04
CA LYS A 774 -46.32 37.82 -3.33
C LYS A 774 -45.95 37.71 -4.81
N LYS A 775 -46.79 38.26 -5.70
CA LYS A 775 -46.39 38.34 -7.11
C LYS A 775 -45.19 39.27 -7.27
N CYS A 776 -45.16 40.37 -6.52
CA CYS A 776 -44.02 41.27 -6.59
C CYS A 776 -42.75 40.57 -6.12
N ILE A 777 -42.82 39.81 -5.03
CA ILE A 777 -41.66 39.08 -4.53
C ILE A 777 -41.21 38.03 -5.53
N TYR A 778 -42.17 37.35 -6.17
CA TYR A 778 -41.83 36.39 -7.21
C TYR A 778 -41.10 37.07 -8.37
N PHE A 779 -41.55 38.27 -8.74
CA PHE A 779 -40.84 39.03 -9.78
C PHE A 779 -39.47 39.46 -9.32
N ILE A 780 -39.29 39.72 -8.02
CA ILE A 780 -38.00 40.15 -7.50
C ILE A 780 -36.95 39.06 -7.70
N VAL A 781 -37.35 37.80 -7.54
CA VAL A 781 -36.42 36.70 -7.71
C VAL A 781 -36.23 36.46 -9.20
N MET A 782 -35.23 37.13 -9.77
CA MET A 782 -34.96 37.10 -11.21
C MET A 782 -33.90 36.04 -11.51
N ASP A 783 -34.15 35.26 -12.56
CA ASP A 783 -33.29 34.12 -12.85
C ASP A 783 -31.84 34.53 -13.14
N PRO A 784 -31.55 35.44 -14.07
CA PRO A 784 -30.15 35.70 -14.41
C PRO A 784 -29.40 36.56 -13.40
N PHE A 785 -30.07 37.11 -12.39
CA PHE A 785 -29.42 38.00 -11.43
C PHE A 785 -29.43 37.43 -10.02
N VAL A 786 -30.60 37.02 -9.51
CA VAL A 786 -30.66 36.50 -8.14
C VAL A 786 -29.89 35.20 -8.03
N ASP A 787 -30.05 34.30 -9.00
CA ASP A 787 -29.35 33.01 -8.96
C ASP A 787 -27.85 33.21 -9.09
N LEU A 788 -27.42 34.12 -9.98
CA LEU A 788 -26.00 34.41 -10.11
C LEU A 788 -25.45 34.99 -8.82
N ALA A 789 -26.21 35.87 -8.17
CA ALA A 789 -25.79 36.44 -6.89
C ALA A 789 -25.66 35.35 -5.83
N ILE A 790 -26.59 34.40 -5.81
CA ILE A 790 -26.52 33.30 -4.85
C ILE A 790 -25.28 32.44 -5.10
N THR A 791 -24.99 32.17 -6.38
CA THR A 791 -23.79 31.40 -6.72
C THR A 791 -22.52 32.12 -6.27
N ILE A 792 -22.45 33.43 -6.52
CA ILE A 792 -21.30 34.21 -6.09
C ILE A 792 -21.18 34.20 -4.57
N CYS A 793 -22.32 34.30 -3.87
CA CYS A 793 -22.30 34.29 -2.42
C CYS A 793 -21.83 32.94 -1.89
N ILE A 794 -22.22 31.85 -2.54
CA ILE A 794 -21.75 30.52 -2.12
C ILE A 794 -20.23 30.41 -2.29
N VAL A 795 -19.73 30.87 -3.43
CA VAL A 795 -18.28 30.82 -3.66
C VAL A 795 -17.54 31.68 -2.65
N LEU A 796 -18.05 32.88 -2.38
CA LEU A 796 -17.42 33.77 -1.43
C LEU A 796 -17.46 33.20 -0.01
N ASN A 797 -18.57 32.57 0.36
CA ASN A 797 -18.67 31.95 1.68
C ASN A 797 -17.68 30.81 1.82
N THR A 798 -17.52 29.99 0.78
CA THR A 798 -16.53 28.92 0.84
C THR A 798 -15.13 29.48 0.99
N LEU A 799 -14.79 30.53 0.22
CA LEU A 799 -13.48 31.14 0.35
C LEU A 799 -13.28 31.75 1.73
N PHE A 800 -14.34 32.34 2.30
CA PHE A 800 -14.27 32.92 3.63
C PHE A 800 -13.99 31.85 4.68
N MET A 801 -14.68 30.71 4.58
CA MET A 801 -14.44 29.63 5.53
C MET A 801 -13.08 28.99 5.33
N ALA A 802 -12.52 29.03 4.12
CA ALA A 802 -11.21 28.46 3.88
C ALA A 802 -10.06 29.34 4.38
N MET A 803 -10.36 30.45 5.04
CA MET A 803 -9.33 31.34 5.57
C MET A 803 -9.03 31.10 7.04
N GLU A 804 -9.69 30.13 7.67
CA GLU A 804 -9.43 29.85 9.07
C GLU A 804 -8.11 29.12 9.24
N HIS A 805 -7.42 29.42 10.34
CA HIS A 805 -6.16 28.79 10.68
C HIS A 805 -6.01 28.80 12.19
N HIS A 806 -5.07 28.00 12.69
CA HIS A 806 -4.98 27.89 14.15
C HIS A 806 -4.43 29.16 14.78
N PRO A 807 -3.20 29.60 14.49
CA PRO A 807 -2.68 30.77 15.19
C PRO A 807 -3.35 32.04 14.69
N MET A 808 -4.60 32.24 15.09
CA MET A 808 -5.43 33.32 14.57
C MET A 808 -5.67 34.35 15.67
N THR A 809 -5.60 35.63 15.30
CA THR A 809 -5.85 36.69 16.25
C THR A 809 -7.35 36.87 16.49
N GLU A 810 -7.68 37.62 17.53
CA GLU A 810 -9.09 37.86 17.84
C GLU A 810 -9.76 38.73 16.79
N GLU A 811 -9.00 39.63 16.16
CA GLU A 811 -9.55 40.47 15.10
C GLU A 811 -9.97 39.64 13.90
N PHE A 812 -9.09 38.73 13.47
CA PHE A 812 -9.42 37.84 12.35
C PHE A 812 -10.60 36.95 12.69
N LYS A 813 -10.63 36.43 13.93
CA LYS A 813 -11.75 35.58 14.35
C LYS A 813 -13.06 36.35 14.34
N ASN A 814 -13.04 37.59 14.82
CA ASN A 814 -14.25 38.42 14.79
C ASN A 814 -14.69 38.69 13.36
N VAL A 815 -13.73 38.99 12.47
CA VAL A 815 -14.08 39.25 11.07
C VAL A 815 -14.75 38.02 10.47
N LEU A 816 -14.18 36.85 10.71
CA LEU A 816 -14.76 35.62 10.18
C LEU A 816 -16.15 35.37 10.76
N ALA A 817 -16.33 35.65 12.05
CA ALA A 817 -17.64 35.42 12.67
C ALA A 817 -18.70 36.32 12.08
N ILE A 818 -18.41 37.61 11.91
CA ILE A 818 -19.40 38.50 11.31
C ILE A 818 -19.64 38.15 9.85
N GLY A 819 -18.61 37.71 9.12
CA GLY A 819 -18.82 37.30 7.75
C GLY A 819 -19.74 36.09 7.64
N ASN A 820 -19.53 35.10 8.51
CA ASN A 820 -20.39 33.93 8.52
C ASN A 820 -21.82 34.30 8.91
N LEU A 821 -21.97 35.21 9.88
CA LEU A 821 -23.31 35.66 10.25
C LEU A 821 -24.01 36.35 9.07
N VAL A 822 -23.28 37.19 8.34
CA VAL A 822 -23.86 37.88 7.20
C VAL A 822 -24.29 36.87 6.13
N PHE A 823 -23.43 35.89 5.85
CA PHE A 823 -23.78 34.90 4.83
C PHE A 823 -24.99 34.07 5.25
N THR A 824 -25.06 33.67 6.51
CA THR A 824 -26.21 32.91 6.99
C THR A 824 -27.48 33.75 6.90
N GLY A 825 -27.41 35.03 7.25
CA GLY A 825 -28.56 35.90 7.11
C GLY A 825 -29.02 36.04 5.67
N ILE A 826 -28.07 36.18 4.74
CA ILE A 826 -28.40 36.29 3.32
C ILE A 826 -29.10 35.02 2.83
N PHE A 827 -28.58 33.85 3.20
CA PHE A 827 -29.18 32.61 2.75
C PHE A 827 -30.56 32.41 3.34
N ALA A 828 -30.74 32.77 4.62
CA ALA A 828 -32.07 32.68 5.22
C ALA A 828 -33.05 33.63 4.56
N ALA A 829 -32.59 34.84 4.21
CA ALA A 829 -33.46 35.79 3.53
C ALA A 829 -33.88 35.26 2.16
N GLU A 830 -32.94 34.65 1.43
CA GLU A 830 -33.30 34.05 0.14
C GLU A 830 -34.31 32.92 0.32
N MET A 831 -34.11 32.09 1.34
CA MET A 831 -35.08 31.05 1.66
C MET A 831 -36.46 31.63 1.88
N VAL A 832 -36.55 32.68 2.71
CA VAL A 832 -37.85 33.26 3.04
C VAL A 832 -38.49 33.88 1.80
N LEU A 833 -37.70 34.55 0.97
CA LEU A 833 -38.25 35.16 -0.24
C LEU A 833 -38.79 34.10 -1.19
N LYS A 834 -38.07 33.00 -1.36
CA LYS A 834 -38.58 31.93 -2.23
C LYS A 834 -39.80 31.25 -1.61
N LEU A 835 -39.83 31.13 -0.28
CA LEU A 835 -40.92 30.44 0.40
C LEU A 835 -42.21 31.27 0.44
N ILE A 836 -42.11 32.59 0.40
CA ILE A 836 -43.30 33.43 0.35
C ILE A 836 -43.67 33.85 -1.07
N ALA A 837 -42.73 33.82 -2.01
CA ALA A 837 -43.04 34.08 -3.40
C ALA A 837 -43.83 32.91 -3.99
N MET A 838 -43.24 31.72 -3.94
CA MET A 838 -43.96 30.51 -4.32
C MET A 838 -44.70 29.95 -3.11
N ASP A 839 -45.68 29.09 -3.39
CA ASP A 839 -46.44 28.48 -2.32
C ASP A 839 -45.58 27.47 -1.55
N PRO A 840 -45.79 27.34 -0.25
CA PRO A 840 -45.00 26.37 0.52
C PRO A 840 -45.12 24.95 0.00
N TYR A 841 -46.30 24.54 -0.45
CA TYR A 841 -46.43 23.22 -1.06
C TYR A 841 -45.66 23.15 -2.38
N GLU A 842 -45.71 24.22 -3.17
CA GLU A 842 -44.88 24.28 -4.38
C GLU A 842 -43.41 24.43 -4.03
N TYR A 843 -43.11 25.00 -2.86
CA TYR A 843 -41.72 25.19 -2.47
C TYR A 843 -41.00 23.87 -2.26
N PHE A 844 -41.67 22.90 -1.66
CA PHE A 844 -41.06 21.61 -1.30
C PHE A 844 -41.22 20.56 -2.39
N GLN A 845 -41.38 20.97 -3.65
CA GLN A 845 -41.54 20.04 -4.74
C GLN A 845 -40.24 19.76 -5.49
N VAL A 846 -39.22 20.59 -5.31
CA VAL A 846 -37.93 20.42 -5.97
C VAL A 846 -36.87 20.06 -4.93
N GLY A 847 -36.02 19.09 -5.28
CA GLY A 847 -35.07 18.56 -4.31
C GLY A 847 -34.05 19.57 -3.84
N TRP A 848 -33.56 20.41 -4.75
CA TRP A 848 -32.58 21.43 -4.36
C TRP A 848 -33.15 22.37 -3.32
N ASN A 849 -34.45 22.66 -3.39
CA ASN A 849 -35.06 23.54 -2.41
C ASN A 849 -35.14 22.87 -1.04
N ILE A 850 -35.41 21.57 -1.01
CA ILE A 850 -35.37 20.83 0.26
C ILE A 850 -33.96 20.85 0.83
N PHE A 851 -32.95 20.65 -0.02
CA PHE A 851 -31.57 20.69 0.44
C PHE A 851 -31.22 22.05 1.02
N ASP A 852 -31.62 23.12 0.33
CA ASP A 852 -31.39 24.47 0.82
C ASP A 852 -32.09 24.68 2.15
N SER A 853 -33.33 24.21 2.27
CA SER A 853 -34.09 24.38 3.51
C SER A 853 -33.40 23.67 4.66
N LEU A 854 -32.94 22.44 4.44
CA LEU A 854 -32.25 21.70 5.49
C LEU A 854 -30.98 22.42 5.92
N ILE A 855 -30.20 22.91 4.95
CA ILE A 855 -28.97 23.62 5.31
C ILE A 855 -29.29 24.88 6.10
N VAL A 856 -30.33 25.62 5.70
CA VAL A 856 -30.67 26.85 6.40
C VAL A 856 -31.13 26.57 7.83
N THR A 857 -32.01 25.58 8.02
CA THR A 857 -32.47 25.33 9.38
C THR A 857 -31.36 24.79 10.26
N LEU A 858 -30.45 23.98 9.69
CA LEU A 858 -29.32 23.50 10.47
C LEU A 858 -28.37 24.63 10.85
N SER A 859 -28.15 25.57 9.92
CA SER A 859 -27.33 26.74 10.24
C SER A 859 -27.98 27.57 11.34
N LEU A 860 -29.30 27.74 11.29
CA LEU A 860 -29.98 28.47 12.35
C LEU A 860 -29.87 27.74 13.69
N VAL A 861 -29.98 26.41 13.68
CA VAL A 861 -29.85 25.64 14.91
C VAL A 861 -28.46 25.82 15.50
N GLU A 862 -27.42 25.76 14.67
CA GLU A 862 -26.08 26.00 15.15
C GLU A 862 -25.91 27.43 15.64
N LEU A 863 -26.59 28.39 15.00
CA LEU A 863 -26.51 29.79 15.43
C LEU A 863 -27.12 29.96 16.82
N PHE A 864 -28.22 29.27 17.10
CA PHE A 864 -28.83 29.36 18.43
C PHE A 864 -27.88 28.84 19.51
N LEU A 865 -27.20 27.74 19.24
CA LEU A 865 -26.27 27.16 20.20
C LEU A 865 -25.05 28.05 20.40
N LEU A 871 -22.06 22.77 17.67
CA LEU A 871 -20.89 21.99 18.03
C LEU A 871 -19.69 22.40 17.16
N SER A 872 -18.62 21.60 17.23
CA SER A 872 -17.44 21.84 16.42
C SER A 872 -17.55 21.22 15.03
N VAL A 873 -18.56 20.37 14.80
CA VAL A 873 -18.77 19.77 13.49
C VAL A 873 -20.04 20.29 12.82
N LEU A 874 -21.05 20.70 13.59
CA LEU A 874 -22.25 21.27 13.00
C LEU A 874 -21.96 22.57 12.25
N ARG A 875 -20.88 23.26 12.59
CA ARG A 875 -20.47 24.44 11.85
C ARG A 875 -20.11 24.09 10.41
N SER A 876 -19.55 22.90 10.19
CA SER A 876 -18.99 22.51 8.90
C SER A 876 -20.04 21.97 7.93
N PHE A 877 -21.30 21.84 8.35
CA PHE A 877 -22.31 21.27 7.47
C PHE A 877 -22.83 22.27 6.45
N ARG A 878 -22.56 23.56 6.62
CA ARG A 878 -22.88 24.54 5.60
C ARG A 878 -21.98 24.41 4.38
N LEU A 879 -20.88 23.66 4.48
CA LEU A 879 -20.00 23.44 3.33
C LEU A 879 -20.72 22.71 2.21
N LEU A 880 -21.82 22.02 2.51
CA LEU A 880 -22.54 21.24 1.51
C LEU A 880 -23.22 22.11 0.47
N ARG A 881 -23.34 23.42 0.70
CA ARG A 881 -23.94 24.31 -0.28
C ARG A 881 -23.13 24.38 -1.56
N VAL A 882 -21.87 23.92 -1.54
CA VAL A 882 -21.04 23.91 -2.74
C VAL A 882 -21.67 23.06 -3.82
N PHE A 883 -22.34 21.96 -3.44
CA PHE A 883 -22.95 21.07 -4.42
C PHE A 883 -24.09 21.73 -5.18
N LYS A 884 -24.59 22.87 -4.72
CA LYS A 884 -25.55 23.64 -5.50
C LYS A 884 -24.95 24.14 -6.81
N LEU A 885 -23.61 24.17 -6.91
CA LEU A 885 -22.95 24.55 -8.15
C LEU A 885 -23.08 23.49 -9.23
N ALA A 886 -23.59 22.30 -8.89
CA ALA A 886 -23.71 21.22 -9.85
C ALA A 886 -24.85 21.41 -10.84
N LYS A 887 -25.75 22.37 -10.59
CA LYS A 887 -26.77 22.68 -11.57
C LYS A 887 -26.15 23.25 -12.84
N SER A 888 -25.01 23.92 -12.73
CA SER A 888 -24.32 24.50 -13.86
C SER A 888 -22.97 23.87 -14.13
N TRP A 889 -22.52 22.95 -13.28
CA TRP A 889 -21.23 22.29 -13.46
C TRP A 889 -21.47 20.83 -13.82
N PRO A 890 -21.37 20.44 -15.09
CA PRO A 890 -21.70 19.06 -15.46
C PRO A 890 -20.82 18.01 -14.78
N THR A 891 -19.55 18.31 -14.55
CA THR A 891 -18.65 17.30 -13.99
C THR A 891 -18.93 17.08 -12.50
N LEU A 892 -19.29 18.13 -11.76
CA LEU A 892 -19.72 17.95 -10.38
C LEU A 892 -21.01 17.14 -10.32
N ASN A 893 -21.92 17.40 -11.26
CA ASN A 893 -23.14 16.61 -11.35
C ASN A 893 -22.85 15.14 -11.60
N MET A 894 -21.76 14.84 -12.33
CA MET A 894 -21.41 13.44 -12.57
C MET A 894 -21.03 12.74 -11.26
N LEU A 895 -20.24 13.40 -10.41
CA LEU A 895 -19.92 12.85 -9.11
C LEU A 895 -21.18 12.69 -8.26
N ILE A 896 -22.08 13.67 -8.32
CA ILE A 896 -23.33 13.56 -7.57
C ILE A 896 -24.13 12.36 -8.03
N LYS A 897 -24.18 12.13 -9.34
CA LYS A 897 -24.92 10.98 -9.87
C LYS A 897 -24.27 9.66 -9.47
N ILE A 898 -22.94 9.60 -9.44
CA ILE A 898 -22.26 8.39 -8.99
C ILE A 898 -22.62 8.10 -7.54
N ILE A 899 -22.55 9.11 -6.68
CA ILE A 899 -22.85 8.92 -5.26
C ILE A 899 -24.31 8.53 -5.08
N GLY A 900 -25.21 9.11 -5.88
CA GLY A 900 -26.61 8.73 -5.81
C GLY A 900 -26.87 7.32 -6.28
N ASN A 901 -26.14 6.87 -7.31
CA ASN A 901 -26.27 5.50 -7.78
C ASN A 901 -25.81 4.52 -6.72
N SER A 902 -24.78 4.89 -5.96
CA SER A 902 -24.28 4.01 -4.90
C SER A 902 -25.36 3.66 -3.89
N VAL A 903 -26.39 4.49 -3.72
CA VAL A 903 -27.49 4.22 -2.82
C VAL A 903 -28.81 4.09 -3.55
N GLY A 904 -28.78 4.09 -4.88
CA GLY A 904 -30.00 4.00 -5.67
C GLY A 904 -30.14 2.68 -6.40
N ALA A 905 -29.82 2.69 -7.70
CA ALA A 905 -29.88 1.46 -8.49
C ALA A 905 -28.90 0.41 -8.01
N LEU A 906 -27.86 0.81 -7.29
CA LEU A 906 -26.87 -0.11 -6.73
C LEU A 906 -26.91 -0.13 -5.22
N GLY A 907 -28.09 0.09 -4.63
CA GLY A 907 -28.20 0.12 -3.19
C GLY A 907 -28.08 -1.25 -2.54
N ASN A 908 -28.55 -2.28 -3.23
CA ASN A 908 -28.45 -3.64 -2.69
C ASN A 908 -27.02 -4.15 -2.67
N LEU A 909 -26.22 -3.78 -3.68
CA LEU A 909 -24.81 -4.18 -3.68
C LEU A 909 -24.04 -3.50 -2.55
N THR A 910 -24.31 -2.21 -2.33
CA THR A 910 -23.71 -1.50 -1.20
C THR A 910 -24.18 -2.10 0.13
N LEU A 911 -25.45 -2.51 0.19
CA LEU A 911 -25.97 -3.15 1.40
C LEU A 911 -25.27 -4.47 1.67
N VAL A 912 -25.03 -5.26 0.61
CA VAL A 912 -24.29 -6.52 0.76
C VAL A 912 -22.87 -6.24 1.25
N LEU A 913 -22.22 -5.22 0.70
CA LEU A 913 -20.87 -4.87 1.16
C LEU A 913 -20.87 -4.49 2.63
N ALA A 914 -21.85 -3.69 3.06
CA ALA A 914 -21.94 -3.30 4.47
C ALA A 914 -22.18 -4.50 5.37
N ILE A 915 -23.06 -5.42 4.94
CA ILE A 915 -23.34 -6.62 5.74
C ILE A 915 -22.09 -7.48 5.86
N ILE A 916 -21.34 -7.62 4.78
CA ILE A 916 -20.13 -8.43 4.80
C ILE A 916 -19.09 -7.81 5.74
N VAL A 917 -18.93 -6.48 5.69
CA VAL A 917 -18.01 -5.81 6.61
C VAL A 917 -18.44 -6.02 8.05
N PHE A 918 -19.74 -5.90 8.32
CA PHE A 918 -20.24 -6.11 9.68
C PHE A 918 -19.97 -7.53 10.16
N ILE A 919 -20.21 -8.52 9.30
CA ILE A 919 -20.00 -9.91 9.67
C ILE A 919 -18.53 -10.16 9.97
N PHE A 920 -17.64 -9.62 9.13
CA PHE A 920 -16.22 -9.82 9.37
C PHE A 920 -15.78 -9.16 10.67
N ALA A 921 -16.29 -7.96 10.96
CA ALA A 921 -15.92 -7.28 12.20
C ALA A 921 -16.36 -8.08 13.42
N VAL A 922 -17.62 -8.55 13.43
CA VAL A 922 -18.10 -9.30 14.58
C VAL A 922 -17.40 -10.65 14.69
N VAL A 923 -17.07 -11.28 13.57
CA VAL A 923 -16.37 -12.56 13.61
C VAL A 923 -14.97 -12.38 14.20
N GLY A 924 -14.27 -11.34 13.77
CA GLY A 924 -12.96 -11.05 14.35
C GLY A 924 -13.04 -10.75 15.83
N MET A 925 -14.02 -9.96 16.24
CA MET A 925 -14.16 -9.65 17.66
C MET A 925 -14.43 -10.91 18.48
N GLN A 926 -15.34 -11.77 18.00
CA GLN A 926 -15.66 -12.98 18.76
C GLN A 926 -14.51 -13.98 18.77
N LEU A 927 -13.69 -14.01 17.71
CA LEU A 927 -12.61 -14.99 17.66
C LEU A 927 -11.38 -14.53 18.44
N PHE A 928 -10.94 -13.29 18.23
CA PHE A 928 -9.66 -12.85 18.77
C PHE A 928 -9.76 -11.76 19.82
N GLY A 929 -10.97 -11.34 20.22
CA GLY A 929 -11.09 -10.20 21.12
C GLY A 929 -10.53 -10.47 22.49
N LYS A 930 -10.84 -11.63 23.07
CA LYS A 930 -10.34 -11.95 24.40
C LYS A 930 -8.85 -12.30 24.37
N SER A 931 -8.38 -12.87 23.26
CA SER A 931 -6.96 -13.17 23.11
C SER A 931 -6.14 -11.89 23.12
N TYR A 932 -6.65 -10.82 22.51
CA TYR A 932 -5.92 -9.55 22.50
C TYR A 932 -5.69 -9.04 23.90
N LYS A 933 -6.70 -9.13 24.78
CA LYS A 933 -6.55 -8.66 26.14
C LYS A 933 -5.70 -9.62 26.98
N GLU A 934 -5.85 -10.93 26.76
CA GLU A 934 -5.14 -11.91 27.58
C GLU A 934 -3.67 -12.01 27.21
N CYS A 935 -3.34 -11.93 25.92
CA CYS A 935 -1.97 -12.02 25.43
C CYS A 935 -1.38 -10.65 25.13
N VAL A 936 -1.77 -9.63 25.89
CA VAL A 936 -1.49 -8.26 25.49
C VAL A 936 -0.01 -7.89 25.61
N CYS A 937 0.72 -8.54 26.51
CA CYS A 937 2.12 -8.21 26.74
C CYS A 937 3.06 -8.91 25.77
N LYS A 938 2.53 -9.74 24.87
CA LYS A 938 3.30 -10.27 23.77
C LYS A 938 3.39 -9.31 22.59
N ILE A 939 2.57 -8.26 22.57
CA ILE A 939 2.54 -7.32 21.46
C ILE A 939 2.64 -5.88 21.95
N ASN A 940 2.99 -5.70 23.21
CA ASN A 940 3.09 -4.36 23.79
C ASN A 940 3.98 -4.43 25.03
N ASP A 941 5.00 -3.59 25.08
CA ASP A 941 5.88 -3.56 26.24
C ASP A 941 5.19 -2.95 27.46
N ASP A 942 4.28 -2.01 27.24
CA ASP A 942 3.53 -1.39 28.33
C ASP A 942 2.43 -2.27 28.87
N CYS A 943 2.20 -3.43 28.25
CA CYS A 943 1.20 -4.41 28.69
C CYS A 943 -0.22 -3.87 28.56
N THR A 944 -0.42 -2.91 27.66
CA THR A 944 -1.74 -2.34 27.36
C THR A 944 -2.08 -2.60 25.90
N LEU A 945 -3.33 -2.35 25.56
CA LEU A 945 -3.81 -2.67 24.22
C LEU A 945 -3.15 -1.78 23.18
N PRO A 946 -2.86 -2.31 22.00
CA PRO A 946 -2.28 -1.50 20.93
C PRO A 946 -3.33 -0.62 20.26
N ARG A 947 -2.90 0.13 19.25
CA ARG A 947 -3.81 1.00 18.53
C ARG A 947 -4.86 0.21 17.77
N TRP A 948 -4.47 -0.91 17.17
CA TRP A 948 -5.36 -1.74 16.39
C TRP A 948 -5.50 -3.09 17.07
N HIS A 949 -6.74 -3.48 17.35
CA HIS A 949 -7.03 -4.73 18.05
C HIS A 949 -8.48 -5.10 17.77
N MET A 950 -8.92 -6.22 18.35
CA MET A 950 -10.28 -6.72 18.17
C MET A 950 -11.01 -6.89 19.49
N ASN A 951 -10.58 -6.19 20.53
CA ASN A 951 -11.19 -6.38 21.84
C ASN A 951 -12.62 -5.85 21.91
N ASP A 952 -12.99 -4.90 21.05
CA ASP A 952 -14.35 -4.41 20.98
C ASP A 952 -14.74 -4.23 19.51
N PHE A 953 -16.03 -3.99 19.29
CA PHE A 953 -16.57 -4.02 17.93
C PHE A 953 -16.02 -2.90 17.06
N PHE A 954 -15.89 -1.68 17.61
CA PHE A 954 -15.45 -0.55 16.79
C PHE A 954 -14.03 -0.76 16.29
N HIS A 955 -13.14 -1.26 17.14
CA HIS A 955 -11.76 -1.48 16.73
C HIS A 955 -11.67 -2.64 15.73
N SER A 956 -12.50 -3.67 15.90
CA SER A 956 -12.56 -4.75 14.93
C SER A 956 -13.01 -4.25 13.56
N PHE A 957 -14.04 -3.38 13.55
CA PHE A 957 -14.46 -2.79 12.28
C PHE A 957 -13.36 -1.92 11.68
N LEU A 958 -12.63 -1.19 12.53
CA LEU A 958 -11.52 -0.38 12.03
C LEU A 958 -10.45 -1.26 11.38
N ILE A 959 -10.16 -2.42 11.98
CA ILE A 959 -9.19 -3.35 11.38
C ILE A 959 -9.70 -3.88 10.05
N VAL A 960 -10.98 -4.23 9.97
CA VAL A 960 -11.55 -4.72 8.72
C VAL A 960 -11.48 -3.64 7.64
N PHE A 961 -11.80 -2.40 8.00
CA PHE A 961 -11.74 -1.29 7.05
C PHE A 961 -10.31 -1.02 6.59
N ARG A 962 -9.34 -1.13 7.52
CA ARG A 962 -7.94 -0.95 7.15
C ARG A 962 -7.46 -2.05 6.22
N VAL A 963 -7.92 -3.29 6.45
CA VAL A 963 -7.61 -4.39 5.54
C VAL A 963 -8.18 -4.11 4.15
N LEU A 964 -9.42 -3.61 4.09
CA LEU A 964 -10.00 -3.27 2.80
C LEU A 964 -9.26 -2.11 2.13
N CYS A 965 -8.69 -1.19 2.92
CA CYS A 965 -7.86 -0.14 2.35
C CYS A 965 -6.52 -0.68 1.84
N GLY A 966 -6.12 -1.88 2.26
CA GLY A 966 -4.95 -2.52 1.72
C GLY A 966 -3.84 -2.81 2.70
N GLU A 967 -4.09 -2.63 4.00
CA GLU A 967 -3.07 -2.80 5.03
C GLU A 967 -3.50 -3.91 5.98
N TRP A 968 -2.88 -5.08 5.85
CA TRP A 968 -3.25 -6.23 6.65
C TRP A 968 -2.10 -6.91 7.37
N ILE A 969 -0.86 -6.78 6.93
CA ILE A 969 0.22 -7.62 7.46
C ILE A 969 0.64 -7.20 8.85
N GLU A 970 0.64 -5.90 9.15
CA GLU A 970 1.09 -5.44 10.47
C GLU A 970 0.13 -5.84 11.58
N THR A 971 -1.18 -5.74 11.32
CA THR A 971 -2.15 -6.24 12.29
C THR A 971 -2.24 -7.76 12.29
N MET A 972 -1.96 -8.38 11.14
CA MET A 972 -1.85 -9.84 11.09
C MET A 972 -0.74 -10.36 11.98
N TRP A 973 0.38 -9.65 12.08
CA TRP A 973 1.45 -10.10 12.96
C TRP A 973 0.99 -10.14 14.41
N ASP A 974 0.28 -9.09 14.85
CA ASP A 974 -0.27 -9.08 16.21
C ASP A 974 -1.31 -10.17 16.41
N CYS A 975 -2.15 -10.39 15.40
CA CYS A 975 -3.13 -11.46 15.49
C CYS A 975 -2.44 -12.82 15.65
N MET A 976 -1.40 -13.08 14.85
CA MET A 976 -0.69 -14.34 14.94
C MET A 976 0.05 -14.47 16.26
N GLU A 977 0.46 -13.35 16.85
CA GLU A 977 1.12 -13.42 18.15
C GLU A 977 0.13 -13.72 19.28
N VAL A 978 -1.10 -13.21 19.21
CA VAL A 978 -2.02 -13.42 20.31
C VAL A 978 -2.91 -14.66 20.13
N ALA A 979 -3.18 -15.08 18.90
CA ALA A 979 -4.20 -16.08 18.63
C ALA A 979 -3.73 -17.29 17.84
N GLY A 980 -2.59 -17.25 17.20
CA GLY A 980 -2.15 -18.38 16.42
C GLY A 980 -2.12 -18.08 14.93
N GLN A 981 -1.21 -18.75 14.23
CA GLN A 981 -0.99 -18.46 12.82
C GLN A 981 -2.17 -18.90 11.96
N ALA A 982 -2.67 -20.11 12.17
CA ALA A 982 -3.64 -20.69 11.25
C ALA A 982 -4.95 -19.91 11.24
N MET A 983 -5.50 -19.64 12.43
CA MET A 983 -6.80 -18.98 12.51
C MET A 983 -6.75 -17.58 11.92
N CYS A 984 -5.76 -16.79 12.31
CA CYS A 984 -5.62 -15.44 11.80
C CYS A 984 -5.35 -15.45 10.30
N LEU A 985 -4.54 -16.39 9.83
CA LEU A 985 -4.28 -16.50 8.39
C LEU A 985 -5.57 -16.75 7.64
N ILE A 986 -6.36 -17.73 8.09
CA ILE A 986 -7.61 -18.06 7.40
C ILE A 986 -8.56 -16.87 7.39
N VAL A 987 -8.73 -16.24 8.56
CA VAL A 987 -9.69 -15.13 8.66
C VAL A 987 -9.24 -13.96 7.80
N TYR A 988 -7.95 -13.60 7.85
CA TYR A 988 -7.46 -12.47 7.09
C TYR A 988 -7.57 -12.70 5.59
N MET A 989 -7.22 -13.91 5.12
CA MET A 989 -7.32 -14.17 3.69
C MET A 989 -8.77 -14.22 3.23
N MET A 990 -9.67 -14.76 4.06
CA MET A 990 -11.09 -14.69 3.71
C MET A 990 -11.54 -13.25 3.58
N VAL A 991 -11.17 -12.40 4.54
CA VAL A 991 -11.55 -10.99 4.48
C VAL A 991 -11.00 -10.36 3.20
N MET A 992 -9.71 -10.57 2.93
CA MET A 992 -9.10 -9.98 1.73
C MET A 992 -9.85 -10.40 0.47
N VAL A 993 -10.01 -11.70 0.26
CA VAL A 993 -10.59 -12.17 -1.00
C VAL A 993 -12.03 -11.68 -1.13
N ILE A 994 -12.86 -11.93 -0.13
CA ILE A 994 -14.28 -11.63 -0.26
C ILE A 994 -14.52 -10.12 -0.30
N GLY A 995 -13.89 -9.37 0.61
CA GLY A 995 -14.09 -7.94 0.63
C GLY A 995 -13.57 -7.25 -0.61
N ASN A 996 -12.39 -7.66 -1.10
CA ASN A 996 -11.86 -7.06 -2.31
C ASN A 996 -12.75 -7.39 -3.51
N LEU A 997 -13.26 -8.62 -3.58
CA LEU A 997 -14.17 -8.97 -4.66
C LEU A 997 -15.43 -8.11 -4.64
N VAL A 998 -16.03 -7.92 -3.46
CA VAL A 998 -17.26 -7.13 -3.38
C VAL A 998 -16.99 -5.66 -3.68
N VAL A 999 -15.89 -5.12 -3.16
CA VAL A 999 -15.54 -3.72 -3.43
C VAL A 999 -15.28 -3.51 -4.91
N LEU A 1000 -14.57 -4.44 -5.54
CA LEU A 1000 -14.29 -4.32 -6.98
C LEU A 1000 -15.57 -4.42 -7.80
N ASN A 1001 -16.48 -5.32 -7.42
CA ASN A 1001 -17.75 -5.41 -8.12
C ASN A 1001 -18.55 -4.12 -7.99
N LEU A 1002 -18.57 -3.52 -6.79
CA LEU A 1002 -19.25 -2.25 -6.62
C LEU A 1002 -18.60 -1.15 -7.45
N PHE A 1003 -17.27 -1.13 -7.49
CA PHE A 1003 -16.56 -0.13 -8.29
C PHE A 1003 -16.92 -0.26 -9.77
N LEU A 1004 -16.91 -1.49 -10.28
CA LEU A 1004 -17.23 -1.71 -11.69
C LEU A 1004 -18.68 -1.37 -11.99
N ALA A 1005 -19.60 -1.76 -11.11
CA ALA A 1005 -21.00 -1.44 -11.32
C ALA A 1005 -21.23 0.06 -11.36
N LEU A 1006 -20.66 0.78 -10.38
CA LEU A 1006 -20.78 2.23 -10.37
C LEU A 1006 -20.19 2.84 -11.63
N LEU A 1007 -18.98 2.39 -12.01
CA LEU A 1007 -18.30 2.94 -13.17
C LEU A 1007 -19.13 2.77 -14.43
N LEU A 1008 -19.56 1.55 -14.73
CA LEU A 1008 -20.26 1.33 -15.98
C LEU A 1008 -21.65 1.93 -15.98
N SER A 1009 -22.36 1.85 -14.84
CA SER A 1009 -23.69 2.43 -14.78
C SER A 1009 -23.63 3.94 -15.01
N SER A 1010 -22.79 4.64 -14.25
CA SER A 1010 -22.71 6.09 -14.39
C SER A 1010 -21.91 6.53 -15.61
N PHE A 1011 -21.29 5.58 -16.33
CA PHE A 1011 -20.57 5.90 -17.56
C PHE A 1011 -21.49 5.78 -18.79
N SER A 1012 -22.14 4.63 -18.95
CA SER A 1012 -22.96 4.36 -20.12
C SER A 1012 -24.45 4.42 -19.85
N SER A 1013 -24.92 3.88 -18.72
CA SER A 1013 -26.35 3.79 -18.49
C SER A 1013 -26.96 5.15 -18.20
N ASP A 1014 -26.31 5.94 -17.35
CA ASP A 1014 -26.88 7.23 -16.95
C ASP A 1014 -26.78 8.25 -18.08
N ASN A 1015 -25.64 8.33 -18.75
CA ASN A 1015 -25.44 9.32 -19.81
C ASN A 1015 -26.01 8.79 -21.11
N LEU A 1016 -27.14 9.36 -21.55
CA LEU A 1016 -27.75 8.99 -22.81
C LEU A 1016 -28.18 10.18 -23.66
N THR A 1017 -27.89 11.41 -23.24
CA THR A 1017 -28.27 12.62 -23.95
C THR A 1017 -29.78 12.66 -24.22
N ALA A 1018 -30.55 12.25 -23.21
CA ALA A 1018 -32.01 12.30 -23.33
C ALA A 1018 -32.52 13.74 -23.41
N ILE A 1019 -31.89 14.64 -22.66
CA ILE A 1019 -32.28 16.04 -22.64
C ILE A 1019 -31.11 16.88 -23.17
N GLU A 1020 -31.42 18.12 -23.51
CA GLU A 1020 -30.42 19.03 -24.05
C GLU A 1020 -29.42 19.45 -22.97
N GLU A 1021 -28.39 20.18 -23.42
CA GLU A 1021 -27.44 20.78 -22.48
C GLU A 1021 -28.12 21.91 -21.73
N ASP A 1022 -28.56 21.65 -20.51
CA ASP A 1022 -29.42 22.55 -19.75
C ASP A 1022 -30.64 22.91 -20.59
N PRO A 1023 -31.59 21.97 -20.76
CA PRO A 1023 -32.73 22.21 -21.65
C PRO A 1023 -33.47 23.50 -21.34
N ASP A 1024 -33.94 23.64 -20.10
CA ASP A 1024 -34.39 24.94 -19.63
C ASP A 1024 -33.19 25.88 -19.58
N ALA A 1025 -33.37 27.10 -20.08
CA ALA A 1025 -32.27 28.06 -20.14
C ALA A 1025 -31.67 28.27 -18.77
N ASN A 1026 -30.42 27.84 -18.59
CA ASN A 1026 -29.74 27.98 -17.31
C ASN A 1026 -29.59 29.45 -16.95
N ASN A 1027 -29.89 29.78 -15.69
CA ASN A 1027 -29.78 31.16 -15.24
C ASN A 1027 -28.36 31.69 -15.41
N LEU A 1028 -27.35 30.85 -15.21
CA LEU A 1028 -25.99 31.25 -15.51
C LEU A 1028 -25.82 31.53 -17.00
N GLN A 1029 -26.39 30.68 -17.86
CA GLN A 1029 -26.32 30.91 -19.30
C GLN A 1029 -27.08 32.16 -19.71
N ILE A 1030 -28.23 32.41 -19.09
CA ILE A 1030 -28.97 33.63 -19.38
C ILE A 1030 -28.16 34.87 -18.98
N ALA A 1031 -27.52 34.82 -17.81
CA ALA A 1031 -26.66 35.92 -17.39
C ALA A 1031 -25.49 36.10 -18.34
N VAL A 1032 -24.93 34.99 -18.83
CA VAL A 1032 -23.82 35.07 -19.79
C VAL A 1032 -24.29 35.75 -21.08
N THR A 1033 -25.47 35.38 -21.56
CA THR A 1033 -26.02 36.01 -22.77
C THR A 1033 -26.27 37.49 -22.54
N ARG A 1034 -26.81 37.85 -21.37
CA ARG A 1034 -27.07 39.25 -21.06
C ARG A 1034 -25.77 40.04 -20.98
N ILE A 1035 -24.71 39.41 -20.46
CA ILE A 1035 -23.40 40.05 -20.44
C ILE A 1035 -22.88 40.23 -21.86
N LYS A 1036 -23.01 39.20 -22.70
CA LYS A 1036 -22.59 39.31 -24.09
C LYS A 1036 -23.31 40.45 -24.79
N LYS A 1037 -24.59 40.64 -24.49
CA LYS A 1037 -25.31 41.79 -25.02
C LYS A 1037 -24.75 43.10 -24.49
N GLY A 1038 -24.75 43.25 -23.17
CA GLY A 1038 -24.49 44.56 -22.57
C GLY A 1038 -23.06 45.04 -22.78
N ILE A 1039 -22.08 44.18 -22.51
CA ILE A 1039 -20.68 44.61 -22.61
C ILE A 1039 -20.34 44.95 -24.05
N ASN A 1040 -20.77 44.11 -25.00
CA ASN A 1040 -20.49 44.39 -26.40
C ASN A 1040 -21.17 45.67 -26.87
N TYR A 1041 -22.43 45.88 -26.47
CA TYR A 1041 -23.12 47.10 -26.86
C TYR A 1041 -22.45 48.33 -26.27
N VAL A 1042 -22.05 48.26 -25.00
CA VAL A 1042 -21.40 49.41 -24.37
C VAL A 1042 -20.06 49.71 -25.03
N LYS A 1043 -19.28 48.66 -25.34
CA LYS A 1043 -18.00 48.89 -25.99
C LYS A 1043 -18.17 49.47 -27.38
N GLN A 1044 -19.17 48.98 -28.13
CA GLN A 1044 -19.41 49.53 -29.47
C GLN A 1044 -19.85 50.99 -29.38
N THR A 1045 -20.73 51.32 -28.43
CA THR A 1045 -21.14 52.71 -28.27
C THR A 1045 -20.00 53.60 -27.83
N LEU A 1046 -19.09 53.08 -26.98
CA LEU A 1046 -17.92 53.85 -26.59
C LEU A 1046 -17.01 54.11 -27.78
N ARG A 1047 -16.83 53.11 -28.64
CA ARG A 1047 -16.07 53.32 -29.87
C ARG A 1047 -16.72 54.36 -30.76
N GLU A 1048 -18.06 54.32 -30.87
CA GLU A 1048 -18.78 55.31 -31.65
C GLU A 1048 -18.57 56.72 -31.08
N PHE A 1049 -18.63 56.85 -29.76
CA PHE A 1049 -18.44 58.15 -29.13
C PHE A 1049 -17.01 58.65 -29.35
N ILE A 1050 -16.02 57.75 -29.28
CA ILE A 1050 -14.64 58.14 -29.54
C ILE A 1050 -14.49 58.62 -30.98
N LEU A 1051 -15.10 57.90 -31.93
CA LEU A 1051 -15.03 58.33 -33.33
C LEU A 1051 -15.70 59.68 -33.53
N LYS A 1052 -16.83 59.92 -32.86
CA LYS A 1052 -17.50 61.22 -32.95
C LYS A 1052 -16.61 62.32 -32.38
N ALA A 1053 -15.95 62.06 -31.25
CA ALA A 1053 -15.09 63.08 -30.64
C ALA A 1053 -13.92 63.42 -31.54
N PHE A 1054 -13.29 62.42 -32.14
CA PHE A 1054 -12.17 62.65 -33.03
C PHE A 1054 -12.65 62.84 -34.47
N GLY A 1215 21.29 37.05 -54.13
CA GLY A 1215 20.62 36.64 -52.91
C GLY A 1215 20.37 35.14 -52.84
N LYS A 1216 20.49 34.47 -54.00
CA LYS A 1216 20.29 33.03 -54.05
C LYS A 1216 21.36 32.26 -53.30
N ILE A 1217 22.52 32.87 -53.05
CA ILE A 1217 23.56 32.19 -52.29
C ILE A 1217 23.10 31.99 -50.85
N TRP A 1218 22.32 32.93 -50.30
CA TRP A 1218 21.75 32.73 -48.97
C TRP A 1218 20.75 31.59 -48.97
N TRP A 1219 19.98 31.43 -50.05
CA TRP A 1219 19.10 30.28 -50.18
C TRP A 1219 19.91 28.98 -50.21
N ASN A 1220 21.05 29.00 -50.90
CA ASN A 1220 21.92 27.82 -50.93
C ASN A 1220 22.44 27.51 -49.54
N ILE A 1221 22.81 28.53 -48.76
CA ILE A 1221 23.26 28.31 -47.39
C ILE A 1221 22.14 27.68 -46.57
N ARG A 1222 20.92 28.20 -46.72
CA ARG A 1222 19.79 27.64 -45.98
C ARG A 1222 19.55 26.19 -46.35
N LYS A 1223 19.62 25.87 -47.64
CA LYS A 1223 19.40 24.48 -48.06
C LYS A 1223 20.52 23.57 -47.58
N THR A 1224 21.76 24.07 -47.53
CA THR A 1224 22.86 23.28 -46.99
C THR A 1224 22.64 22.98 -45.52
N CYS A 1225 22.24 23.99 -44.74
CA CYS A 1225 21.96 23.76 -43.33
C CYS A 1225 20.80 22.80 -43.15
N TYR A 1226 19.77 22.90 -44.02
CA TYR A 1226 18.67 21.95 -43.99
C TYR A 1226 19.14 20.52 -44.25
N LYS A 1227 20.00 20.34 -45.25
CA LYS A 1227 20.52 19.01 -45.57
C LYS A 1227 21.34 18.44 -44.42
N ILE A 1228 22.15 19.28 -43.76
CA ILE A 1228 22.98 18.80 -42.65
C ILE A 1228 22.11 18.43 -41.46
N VAL A 1229 21.16 19.29 -41.09
CA VAL A 1229 20.39 19.07 -39.88
C VAL A 1229 19.50 17.84 -40.02
N GLU A 1230 18.95 17.62 -41.22
CA GLU A 1230 18.02 16.51 -41.43
C GLU A 1230 18.70 15.15 -41.53
N HIS A 1231 20.01 15.12 -41.71
CA HIS A 1231 20.69 13.85 -41.96
C HIS A 1231 20.67 12.96 -40.73
N SER A 1232 20.74 11.64 -40.98
CA SER A 1232 20.71 10.68 -39.89
C SER A 1232 21.97 10.74 -39.03
N TRP A 1233 23.12 11.04 -39.64
CA TRP A 1233 24.36 11.13 -38.88
C TRP A 1233 24.31 12.26 -37.87
N PHE A 1234 23.76 13.42 -38.27
CA PHE A 1234 23.63 14.54 -37.35
C PHE A 1234 22.73 14.18 -36.18
N GLU A 1235 21.59 13.54 -36.46
CA GLU A 1235 20.66 13.15 -35.40
C GLU A 1235 21.31 12.15 -34.46
N SER A 1236 22.04 11.17 -35.01
CA SER A 1236 22.72 10.20 -34.17
C SER A 1236 23.77 10.86 -33.28
N PHE A 1237 24.55 11.79 -33.85
CA PHE A 1237 25.55 12.51 -33.07
C PHE A 1237 24.91 13.27 -31.92
N ILE A 1238 23.83 14.00 -32.22
CA ILE A 1238 23.19 14.82 -31.19
C ILE A 1238 22.57 13.93 -30.11
N VAL A 1239 22.00 12.79 -30.51
CA VAL A 1239 21.46 11.86 -29.52
C VAL A 1239 22.57 11.32 -28.63
N LEU A 1240 23.72 10.97 -29.23
CA LEU A 1240 24.84 10.46 -28.46
C LEU A 1240 25.31 11.49 -27.44
N MET A 1241 25.42 12.76 -27.84
CA MET A 1241 25.89 13.76 -26.89
C MET A 1241 24.82 14.14 -25.87
N ILE A 1242 23.54 14.04 -26.22
CA ILE A 1242 22.49 14.18 -25.19
C ILE A 1242 22.63 13.10 -24.14
N LEU A 1243 22.85 11.86 -24.57
CA LEU A 1243 23.04 10.76 -23.62
C LEU A 1243 24.27 10.97 -22.76
N LEU A 1244 25.38 11.40 -23.36
CA LEU A 1244 26.60 11.64 -22.59
C LEU A 1244 26.42 12.76 -21.57
N SER A 1245 25.81 13.87 -21.99
CA SER A 1245 25.61 14.99 -21.09
C SER A 1245 24.63 14.65 -19.97
N SER A 1246 23.61 13.85 -20.26
CA SER A 1246 22.69 13.42 -19.21
C SER A 1246 23.38 12.48 -18.22
N GLY A 1247 24.19 11.54 -18.73
CA GLY A 1247 24.88 10.61 -17.86
C GLY A 1247 26.00 11.24 -17.06
N ALA A 1248 26.52 12.39 -17.51
CA ALA A 1248 27.54 13.09 -16.73
C ALA A 1248 26.99 13.71 -15.45
N LEU A 1249 25.66 13.86 -15.36
CA LEU A 1249 25.08 14.46 -14.16
C LEU A 1249 25.09 13.49 -12.98
N ALA A 1250 25.07 12.18 -13.25
CA ALA A 1250 25.02 11.20 -12.17
C ALA A 1250 26.29 11.16 -11.35
N PHE A 1251 27.42 11.57 -11.93
CA PHE A 1251 28.71 11.53 -11.24
C PHE A 1251 28.85 12.59 -10.15
N GLU A 1252 27.95 13.57 -10.10
CA GLU A 1252 28.06 14.68 -9.17
C GLU A 1252 27.31 14.32 -7.90
N ASP A 1253 27.99 13.67 -6.97
CA ASP A 1253 27.40 13.31 -5.68
C ASP A 1253 28.30 13.79 -4.55
N ILE A 1254 27.99 13.37 -3.32
CA ILE A 1254 28.75 13.83 -2.16
C ILE A 1254 30.19 13.37 -2.17
N TYR A 1255 30.55 12.40 -3.01
CA TYR A 1255 31.91 11.88 -3.09
C TYR A 1255 32.70 12.48 -4.23
N ILE A 1256 32.20 13.56 -4.84
CA ILE A 1256 32.87 14.16 -5.99
C ILE A 1256 34.24 14.74 -5.61
N GLU A 1257 34.47 15.07 -4.34
CA GLU A 1257 35.75 15.62 -3.93
C GLU A 1257 36.85 14.56 -3.86
N ARG A 1258 36.50 13.29 -3.80
CA ARG A 1258 37.50 12.23 -3.92
C ARG A 1258 37.96 12.06 -5.37
N LYS A 1259 37.08 12.34 -6.32
CA LYS A 1259 37.37 12.15 -7.75
C LYS A 1259 37.70 13.52 -8.36
N LYS A 1260 38.95 13.93 -8.20
CA LYS A 1260 39.40 15.21 -8.71
C LYS A 1260 39.46 15.20 -10.24
N THR A 1261 40.09 14.17 -10.81
CA THR A 1261 40.29 14.11 -12.25
C THR A 1261 38.95 14.05 -12.97
N ILE A 1262 38.02 13.22 -12.47
CA ILE A 1262 36.68 13.17 -13.04
C ILE A 1262 35.98 14.52 -12.92
N LYS A 1263 36.19 15.23 -11.81
CA LYS A 1263 35.56 16.53 -11.63
C LYS A 1263 36.02 17.53 -12.68
N ILE A 1264 37.34 17.61 -12.91
CA ILE A 1264 37.87 18.52 -13.93
C ILE A 1264 37.39 18.11 -15.32
N ILE A 1265 37.42 16.81 -15.61
CA ILE A 1265 36.98 16.31 -16.90
C ILE A 1265 35.52 16.67 -17.14
N LEU A 1266 34.68 16.55 -16.11
CA LEU A 1266 33.27 16.89 -16.25
C LEU A 1266 33.06 18.38 -16.46
N GLU A 1267 33.87 19.24 -15.81
CA GLU A 1267 33.76 20.67 -16.07
C GLU A 1267 34.03 20.99 -17.54
N TYR A 1268 35.14 20.48 -18.07
CA TYR A 1268 35.45 20.77 -19.46
C TYR A 1268 34.45 20.10 -20.41
N ALA A 1269 33.90 18.95 -20.02
CA ALA A 1269 32.86 18.31 -20.81
C ALA A 1269 31.60 19.16 -20.85
N ASP A 1270 31.25 19.79 -19.74
CA ASP A 1270 30.11 20.71 -19.74
C ASP A 1270 30.36 21.86 -20.71
N LYS A 1271 31.58 22.38 -20.74
CA LYS A 1271 31.90 23.43 -21.71
C LYS A 1271 31.71 22.95 -23.14
N ILE A 1272 32.23 21.76 -23.46
CA ILE A 1272 32.12 21.25 -24.83
C ILE A 1272 30.65 20.98 -25.19
N PHE A 1273 29.86 20.48 -24.24
CA PHE A 1273 28.47 20.20 -24.52
C PHE A 1273 27.69 21.49 -24.78
N THR A 1274 27.95 22.53 -23.99
CA THR A 1274 27.32 23.82 -24.24
C THR A 1274 27.65 24.33 -25.64
N TYR A 1275 28.92 24.26 -26.02
CA TYR A 1275 29.32 24.70 -27.35
C TYR A 1275 28.58 23.93 -28.44
N ILE A 1276 28.54 22.59 -28.30
CA ILE A 1276 27.93 21.76 -29.33
C ILE A 1276 26.44 22.05 -29.48
N PHE A 1277 25.73 22.19 -28.36
CA PHE A 1277 24.30 22.42 -28.46
C PHE A 1277 23.98 23.84 -28.95
N ILE A 1278 24.83 24.81 -28.63
CA ILE A 1278 24.65 26.14 -29.23
C ILE A 1278 24.84 26.06 -30.75
N LEU A 1279 25.85 25.32 -31.20
CA LEU A 1279 26.05 25.14 -32.63
C LEU A 1279 24.85 24.48 -33.29
N GLU A 1280 24.29 23.45 -32.63
CA GLU A 1280 23.10 22.79 -33.17
C GLU A 1280 21.93 23.75 -33.28
N MET A 1281 21.73 24.58 -32.25
CA MET A 1281 20.64 25.55 -32.29
C MET A 1281 20.81 26.54 -33.42
N LEU A 1282 22.04 27.03 -33.63
CA LEU A 1282 22.30 27.95 -34.73
C LEU A 1282 22.03 27.28 -36.08
N LEU A 1283 22.46 26.03 -36.24
CA LEU A 1283 22.20 25.30 -37.48
C LEU A 1283 20.70 25.16 -37.72
N LYS A 1284 19.94 24.84 -36.68
CA LYS A 1284 18.50 24.70 -36.85
C LYS A 1284 17.83 26.04 -37.15
N TRP A 1285 18.33 27.13 -36.54
CA TRP A 1285 17.83 28.45 -36.88
C TRP A 1285 17.99 28.73 -38.36
N ILE A 1286 19.20 28.51 -38.90
CA ILE A 1286 19.44 28.82 -40.30
C ILE A 1286 18.65 27.87 -41.20
N ALA A 1287 18.51 26.60 -40.79
CA ALA A 1287 17.88 25.60 -41.66
C ALA A 1287 16.37 25.79 -41.73
N TYR A 1288 15.73 26.07 -40.59
CA TYR A 1288 14.27 26.12 -40.54
C TYR A 1288 13.71 27.54 -40.61
N GLY A 1289 14.42 28.53 -40.11
CA GLY A 1289 13.90 29.87 -40.00
C GLY A 1289 13.25 30.13 -38.65
N TYR A 1290 13.15 31.41 -38.31
CA TYR A 1290 12.65 31.79 -36.99
C TYR A 1290 11.20 31.38 -36.80
N LYS A 1291 10.39 31.53 -37.84
CA LYS A 1291 8.96 31.22 -37.73
C LYS A 1291 8.74 29.76 -37.35
N THR A 1292 9.17 28.84 -38.22
CA THR A 1292 8.92 27.42 -37.97
C THR A 1292 9.65 26.93 -36.73
N TYR A 1293 10.82 27.49 -36.43
CA TYR A 1293 11.55 27.08 -35.24
C TYR A 1293 10.81 27.47 -33.97
N PHE A 1294 10.27 28.69 -33.92
CA PHE A 1294 9.66 29.21 -32.72
C PHE A 1294 8.16 28.95 -32.64
N THR A 1295 7.58 28.29 -33.65
CA THR A 1295 6.25 27.70 -33.50
C THR A 1295 6.30 26.21 -33.18
N ASN A 1296 7.49 25.66 -32.92
CA ASN A 1296 7.66 24.26 -32.56
C ASN A 1296 7.97 24.16 -31.07
N ALA A 1297 7.26 23.27 -30.38
CA ALA A 1297 7.39 23.19 -28.92
C ALA A 1297 8.67 22.48 -28.50
N TRP A 1298 9.06 21.43 -29.22
CA TRP A 1298 10.32 20.75 -28.92
C TRP A 1298 11.50 21.70 -29.09
N CYS A 1299 11.48 22.49 -30.17
CA CYS A 1299 12.52 23.49 -30.38
C CYS A 1299 12.51 24.53 -29.26
N TRP A 1300 11.33 24.90 -28.78
CA TRP A 1300 11.24 25.84 -27.67
C TRP A 1300 11.88 25.27 -26.41
N LEU A 1301 11.63 24.00 -26.12
CA LEU A 1301 12.22 23.37 -24.94
C LEU A 1301 13.74 23.32 -25.04
N ASP A 1302 14.24 22.91 -26.21
CA ASP A 1302 15.69 22.88 -26.42
C ASP A 1302 16.29 24.28 -26.32
N PHE A 1303 15.59 25.28 -26.85
CA PHE A 1303 16.04 26.66 -26.77
C PHE A 1303 16.14 27.13 -25.32
N LEU A 1304 15.14 26.80 -24.51
CA LEU A 1304 15.18 27.20 -23.10
C LEU A 1304 16.32 26.52 -22.36
N ILE A 1305 16.53 25.21 -22.61
CA ILE A 1305 17.61 24.50 -21.94
C ILE A 1305 18.96 25.09 -22.31
N VAL A 1306 19.17 25.35 -23.60
CA VAL A 1306 20.46 25.88 -24.04
C VAL A 1306 20.66 27.30 -23.54
N ASP A 1307 19.58 28.09 -23.43
CA ASP A 1307 19.70 29.43 -22.87
C ASP A 1307 20.11 29.39 -21.41
N VAL A 1308 19.51 28.50 -20.63
CA VAL A 1308 19.89 28.38 -19.22
C VAL A 1308 21.35 27.96 -19.11
N SER A 1309 21.76 26.99 -19.93
CA SER A 1309 23.15 26.54 -19.88
C SER A 1309 24.11 27.66 -20.27
N LEU A 1310 23.77 28.44 -21.31
CA LEU A 1310 24.65 29.51 -21.76
C LEU A 1310 24.73 30.63 -20.74
N VAL A 1311 23.61 30.97 -20.10
CA VAL A 1311 23.63 31.99 -19.06
C VAL A 1311 24.50 31.54 -17.90
N THR A 1312 24.37 30.27 -17.49
CA THR A 1312 25.21 29.76 -16.41
C THR A 1312 26.69 29.80 -16.79
N LEU A 1313 27.01 29.40 -18.02
CA LEU A 1313 28.40 29.39 -18.45
C LEU A 1313 28.98 30.81 -18.49
N VAL A 1314 28.22 31.76 -19.01
CA VAL A 1314 28.73 33.13 -19.11
C VAL A 1314 28.88 33.75 -17.72
N ALA A 1315 27.97 33.41 -16.80
CA ALA A 1315 28.12 33.91 -15.43
C ALA A 1315 29.34 33.29 -14.75
N ASN A 1316 29.58 32.00 -14.98
CA ASN A 1316 30.75 31.34 -14.40
C ASN A 1316 32.04 31.94 -14.95
N THR A 1317 32.10 32.17 -16.26
CA THR A 1317 33.31 32.73 -16.86
C THR A 1317 33.51 34.20 -16.47
N LEU A 1318 32.43 34.94 -16.27
CA LEU A 1318 32.57 36.34 -15.89
C LEU A 1318 33.04 36.48 -14.45
N GLY A 1319 32.49 35.68 -13.54
CA GLY A 1319 32.92 35.72 -12.15
C GLY A 1319 31.82 35.55 -11.12
N TYR A 1320 30.57 35.63 -11.56
CA TYR A 1320 29.45 35.48 -10.63
C TYR A 1320 29.10 34.01 -10.43
N SER A 1321 30.09 33.19 -10.08
CA SER A 1321 29.86 31.77 -9.90
C SER A 1321 29.41 31.40 -8.50
N ASP A 1322 29.35 32.36 -7.58
CA ASP A 1322 28.97 32.10 -6.20
C ASP A 1322 27.69 32.80 -5.78
N LEU A 1323 27.04 33.55 -6.68
CA LEU A 1323 25.80 34.21 -6.33
C LEU A 1323 24.70 33.20 -6.09
N GLY A 1324 23.81 33.51 -5.16
CA GLY A 1324 22.72 32.62 -4.80
C GLY A 1324 21.80 32.28 -5.95
N PRO A 1325 21.29 33.29 -6.66
CA PRO A 1325 20.47 32.99 -7.85
C PRO A 1325 21.21 32.20 -8.91
N ILE A 1326 22.50 32.44 -9.08
CA ILE A 1326 23.26 31.69 -10.08
C ILE A 1326 23.38 30.22 -9.69
N LYS A 1327 23.58 29.94 -8.40
CA LYS A 1327 23.61 28.55 -7.96
C LYS A 1327 22.24 27.89 -8.07
N SER A 1328 21.18 28.64 -7.76
CA SER A 1328 19.83 28.10 -7.93
C SER A 1328 19.55 27.77 -9.39
N LEU A 1329 20.04 28.61 -10.31
CA LEU A 1329 19.89 28.33 -11.73
C LEU A 1329 20.78 27.17 -12.17
N ARG A 1330 21.95 27.02 -11.55
CA ARG A 1330 22.81 25.86 -11.80
C ARG A 1330 22.18 24.57 -11.33
N THR A 1331 21.27 24.63 -10.36
CA THR A 1331 20.51 23.43 -10.02
C THR A 1331 19.57 22.99 -11.14
N LEU A 1332 19.37 23.82 -12.16
CA LEU A 1332 18.47 23.51 -13.26
C LEU A 1332 19.11 22.68 -14.37
N ARG A 1333 20.37 22.28 -14.22
CA ARG A 1333 20.97 21.37 -15.18
C ARG A 1333 20.38 19.97 -15.12
N ALA A 1334 19.56 19.67 -14.11
CA ALA A 1334 18.89 18.39 -14.05
C ALA A 1334 17.83 18.23 -15.13
N LEU A 1335 17.45 19.30 -15.82
CA LEU A 1335 16.43 19.23 -16.87
C LEU A 1335 17.00 19.02 -18.26
N ARG A 1336 18.32 18.94 -18.42
CA ARG A 1336 18.89 18.69 -19.74
C ARG A 1336 18.56 17.31 -20.30
N PRO A 1337 18.28 16.28 -19.49
CA PRO A 1337 17.75 15.03 -20.06
C PRO A 1337 16.45 15.18 -20.82
N LEU A 1338 15.72 16.29 -20.63
CA LEU A 1338 14.48 16.51 -21.36
C LEU A 1338 14.69 16.63 -22.86
N ARG A 1339 15.93 16.84 -23.32
CA ARG A 1339 16.22 16.91 -24.74
C ARG A 1339 16.02 15.58 -25.44
N ALA A 1340 15.87 14.49 -24.69
CA ALA A 1340 15.68 13.16 -25.27
C ALA A 1340 14.24 12.85 -25.62
N LEU A 1341 13.29 13.66 -25.17
CA LEU A 1341 11.88 13.39 -25.45
C LEU A 1341 11.60 13.44 -26.95
N SER A 1342 12.15 14.44 -27.64
CA SER A 1342 11.89 14.59 -29.06
C SER A 1342 12.71 13.65 -29.93
N ARG A 1343 13.73 13.00 -29.37
CA ARG A 1343 14.63 12.17 -30.15
C ARG A 1343 14.20 10.71 -30.23
N PHE A 1344 13.39 10.24 -29.29
CA PHE A 1344 12.93 8.86 -29.26
C PHE A 1344 11.43 8.83 -29.56
N GLU A 1345 11.03 7.95 -30.48
CA GLU A 1345 9.65 7.94 -30.95
C GLU A 1345 8.69 7.47 -29.86
N GLY A 1346 9.08 6.48 -29.06
CA GLY A 1346 8.17 5.94 -28.06
C GLY A 1346 7.79 6.95 -27.00
N MET A 1347 8.79 7.66 -26.46
CA MET A 1347 8.51 8.70 -25.49
C MET A 1347 7.66 9.81 -26.10
N ARG A 1348 7.92 10.15 -27.36
CA ARG A 1348 7.13 11.17 -28.03
C ARG A 1348 5.66 10.75 -28.15
N VAL A 1349 5.42 9.49 -28.51
CA VAL A 1349 4.04 9.00 -28.64
C VAL A 1349 3.34 9.00 -27.29
N VAL A 1350 4.02 8.54 -26.24
CA VAL A 1350 3.40 8.53 -24.91
C VAL A 1350 3.13 9.95 -24.43
N VAL A 1351 4.05 10.88 -24.72
CA VAL A 1351 3.88 12.27 -24.30
C VAL A 1351 2.71 12.89 -25.05
N ASN A 1352 2.56 12.57 -26.35
CA ASN A 1352 1.43 13.08 -27.11
C ASN A 1352 0.10 12.54 -26.56
N ALA A 1353 0.09 11.26 -26.17
CA ALA A 1353 -1.12 10.71 -25.56
C ALA A 1353 -1.46 11.43 -24.26
N LEU A 1354 -0.47 11.68 -23.42
CA LEU A 1354 -0.72 12.39 -22.17
C LEU A 1354 -1.19 13.81 -22.42
N ILE A 1355 -0.59 14.51 -23.38
CA ILE A 1355 -0.99 15.87 -23.70
C ILE A 1355 -2.42 15.91 -24.24
N GLY A 1356 -2.81 14.92 -25.04
CA GLY A 1356 -4.18 14.84 -25.48
C GLY A 1356 -5.16 14.46 -24.40
N ALA A 1357 -4.68 13.81 -23.34
CA ALA A 1357 -5.53 13.49 -22.19
C ALA A 1357 -5.64 14.61 -21.16
N ILE A 1358 -4.72 15.58 -21.18
CA ILE A 1358 -4.69 16.60 -20.11
C ILE A 1358 -6.01 17.34 -19.92
N PRO A 1359 -6.72 17.80 -20.96
CA PRO A 1359 -7.91 18.64 -20.71
C PRO A 1359 -8.95 18.07 -19.76
N SER A 1360 -9.47 16.86 -20.03
CA SER A 1360 -10.49 16.28 -19.16
C SER A 1360 -9.94 16.02 -17.76
N ILE A 1361 -8.66 15.66 -17.69
CA ILE A 1361 -7.97 15.52 -16.41
C ILE A 1361 -8.06 16.81 -15.62
N MET A 1362 -7.96 17.96 -16.29
CA MET A 1362 -8.10 19.24 -15.62
C MET A 1362 -9.48 19.48 -15.01
N ASN A 1363 -10.56 19.16 -15.74
CA ASN A 1363 -11.90 19.33 -15.19
C ASN A 1363 -12.10 18.43 -13.98
N VAL A 1364 -11.69 17.17 -14.10
CA VAL A 1364 -11.85 16.25 -12.96
C VAL A 1364 -10.97 16.68 -11.80
N LEU A 1365 -9.80 17.25 -12.10
CA LEU A 1365 -8.95 17.79 -11.05
C LEU A 1365 -9.62 18.94 -10.32
N LEU A 1366 -10.32 19.81 -11.05
CA LEU A 1366 -11.04 20.91 -10.41
C LEU A 1366 -12.13 20.37 -9.49
N VAL A 1367 -12.92 19.41 -9.98
CA VAL A 1367 -13.97 18.83 -9.14
C VAL A 1367 -13.37 18.19 -7.90
N CYS A 1368 -12.27 17.46 -8.07
CA CYS A 1368 -11.63 16.77 -6.96
C CYS A 1368 -11.05 17.76 -5.95
N LEU A 1369 -10.50 18.87 -6.44
CA LEU A 1369 -9.93 19.87 -5.54
C LEU A 1369 -11.01 20.56 -4.72
N ILE A 1370 -12.16 20.85 -5.32
CA ILE A 1370 -13.28 21.40 -4.54
C ILE A 1370 -13.76 20.40 -3.51
N PHE A 1371 -13.91 19.13 -3.91
CA PHE A 1371 -14.37 18.11 -2.98
C PHE A 1371 -13.39 17.94 -1.82
N TRP A 1372 -12.10 17.96 -2.10
CA TRP A 1372 -11.09 17.85 -1.06
C TRP A 1372 -10.98 19.12 -0.23
N LEU A 1373 -11.34 20.27 -0.80
CA LEU A 1373 -11.37 21.50 -0.04
C LEU A 1373 -12.44 21.46 1.04
N ILE A 1374 -13.60 20.87 0.72
CA ILE A 1374 -14.64 20.72 1.74
C ILE A 1374 -14.10 19.94 2.93
N PHE A 1375 -13.45 18.80 2.67
CA PHE A 1375 -12.92 17.98 3.75
C PHE A 1375 -11.78 18.67 4.47
N SER A 1376 -10.96 19.43 3.75
CA SER A 1376 -9.88 20.18 4.38
C SER A 1376 -10.42 21.22 5.34
N ILE A 1377 -11.46 21.95 4.94
CA ILE A 1377 -12.07 22.95 5.82
C ILE A 1377 -12.67 22.27 7.04
N MET A 1378 -13.34 21.13 6.85
CA MET A 1378 -13.88 20.40 7.99
C MET A 1378 -12.78 19.94 8.94
N GLY A 1379 -11.67 19.42 8.39
CA GLY A 1379 -10.56 19.00 9.21
C GLY A 1379 -9.89 20.14 9.95
N VAL A 1380 -9.85 21.33 9.35
CA VAL A 1380 -9.32 22.49 10.04
C VAL A 1380 -10.26 22.92 11.17
N ASN A 1381 -11.57 22.82 10.93
CA ASN A 1381 -12.53 23.12 11.99
C ASN A 1381 -12.41 22.12 13.14
N LEU A 1382 -12.03 20.88 12.85
CA LEU A 1382 -11.97 19.86 13.89
C LEU A 1382 -10.63 19.85 14.62
N PHE A 1383 -9.51 19.95 13.91
CA PHE A 1383 -8.21 19.54 14.43
C PHE A 1383 -7.17 20.66 14.44
N ALA A 1384 -7.56 21.93 14.29
CA ALA A 1384 -6.57 23.00 14.19
C ALA A 1384 -6.05 23.37 15.56
N GLY A 1385 -4.74 23.30 15.73
CA GLY A 1385 -4.10 23.68 16.98
C GLY A 1385 -4.19 22.66 18.08
N LYS A 1386 -4.58 21.42 17.77
CA LYS A 1386 -4.80 20.40 18.78
C LYS A 1386 -3.79 19.26 18.74
N PHE A 1387 -2.84 19.30 17.80
CA PHE A 1387 -1.86 18.22 17.67
C PHE A 1387 -0.56 18.52 18.40
N TYR A 1388 -0.47 19.64 19.10
CA TYR A 1388 0.68 19.92 19.94
C TYR A 1388 0.67 19.02 21.17
N GLU A 1389 1.87 18.68 21.65
CA GLU A 1389 1.97 17.84 22.83
C GLU A 1389 3.32 18.07 23.50
N CYS A 1390 3.34 17.85 24.82
CA CYS A 1390 4.57 17.86 25.60
C CYS A 1390 5.19 16.48 25.54
N ILE A 1391 6.43 16.40 25.06
CA ILE A 1391 7.12 15.12 24.90
C ILE A 1391 8.47 15.20 25.57
N ASN A 1392 8.93 14.06 26.09
CA ASN A 1392 10.27 13.91 26.61
C ASN A 1392 11.19 13.57 25.45
N THR A 1393 12.06 14.51 25.08
CA THR A 1393 12.77 14.44 23.80
C THR A 1393 13.80 13.32 23.75
N THR A 1394 14.21 12.78 24.90
CA THR A 1394 15.18 11.69 24.88
C THR A 1394 14.59 10.44 24.24
N ASP A 1395 13.38 10.05 24.65
CA ASP A 1395 12.69 8.90 24.11
C ASP A 1395 11.49 9.26 23.26
N GLY A 1396 11.16 10.54 23.13
CA GLY A 1396 10.03 10.95 22.32
C GLY A 1396 8.69 10.54 22.86
N SER A 1397 8.59 10.28 24.16
CA SER A 1397 7.35 9.81 24.76
C SER A 1397 6.50 10.98 25.22
N ARG A 1398 5.23 10.95 24.85
CA ARG A 1398 4.30 11.97 25.31
C ARG A 1398 4.08 11.84 26.81
N PHE A 1399 4.14 12.96 27.52
CA PHE A 1399 3.87 12.96 28.94
C PHE A 1399 2.41 12.59 29.20
N PRO A 1400 2.12 11.97 30.33
CA PRO A 1400 0.72 11.78 30.73
C PRO A 1400 0.07 13.13 30.95
N ALA A 1401 -1.26 13.15 30.90
CA ALA A 1401 -2.00 14.39 31.13
C ALA A 1401 -2.31 14.63 32.61
N SER A 1402 -1.97 13.68 33.49
CA SER A 1402 -2.10 13.91 34.93
C SER A 1402 -1.18 15.05 35.34
N GLN A 1403 0.12 14.85 35.17
CA GLN A 1403 1.05 15.97 35.16
C GLN A 1403 1.00 16.63 33.79
N VAL A 1404 1.45 17.89 33.74
CA VAL A 1404 1.48 18.71 32.52
C VAL A 1404 0.23 18.47 31.68
N PRO A 1405 -0.94 18.96 32.10
CA PRO A 1405 -2.14 18.88 31.26
C PRO A 1405 -2.29 20.04 30.30
N ASN A 1406 -1.52 21.12 30.49
CA ASN A 1406 -1.65 22.33 29.72
C ASN A 1406 -0.36 22.60 28.94
N ARG A 1407 -0.38 23.66 28.14
CA ARG A 1407 0.83 24.17 27.53
C ARG A 1407 1.68 24.94 28.55
N SER A 1408 1.03 25.67 29.45
CA SER A 1408 1.77 26.42 30.46
C SER A 1408 2.51 25.49 31.40
N GLU A 1409 1.90 24.37 31.76
CA GLU A 1409 2.60 23.37 32.56
C GLU A 1409 3.76 22.78 31.79
N CYS A 1410 3.61 22.62 30.47
CA CYS A 1410 4.71 22.13 29.65
C CYS A 1410 5.88 23.11 29.68
N PHE A 1411 5.60 24.41 29.59
CA PHE A 1411 6.68 25.38 29.61
C PHE A 1411 7.33 25.48 30.99
N ALA A 1412 6.52 25.37 32.05
CA ALA A 1412 7.08 25.31 33.40
C ALA A 1412 8.01 24.12 33.53
N LEU A 1413 7.63 22.97 32.96
CA LEU A 1413 8.47 21.79 33.04
C LEU A 1413 9.73 21.94 32.18
N MET A 1414 9.61 22.60 31.02
CA MET A 1414 10.81 22.89 30.23
C MET A 1414 11.78 23.77 30.98
N ASN A 1415 11.29 24.63 31.87
CA ASN A 1415 12.24 25.30 32.75
C ASN A 1415 12.73 24.37 33.86
N VAL A 1416 11.88 23.46 34.35
CA VAL A 1416 12.34 22.51 35.35
C VAL A 1416 13.27 21.47 34.73
N SER A 1417 12.91 20.92 33.58
CA SER A 1417 13.65 19.85 32.94
C SER A 1417 14.14 20.27 31.57
N GLN A 1418 15.25 19.69 31.13
CA GLN A 1418 15.93 20.17 29.93
C GLN A 1418 15.37 19.55 28.67
N ASN A 1419 15.12 18.24 28.66
CA ASN A 1419 14.71 17.54 27.44
C ASN A 1419 13.19 17.45 27.34
N VAL A 1420 12.56 18.61 27.33
CA VAL A 1420 11.11 18.74 27.27
C VAL A 1420 10.76 19.71 26.15
N ARG A 1421 9.74 19.37 25.37
CA ARG A 1421 9.37 20.18 24.21
C ARG A 1421 7.87 20.13 24.00
N TRP A 1422 7.28 21.29 23.66
CA TRP A 1422 5.88 21.39 23.26
C TRP A 1422 5.86 21.46 21.74
N LYS A 1423 5.75 20.30 21.09
CA LYS A 1423 5.97 20.20 19.66
C LYS A 1423 4.72 19.73 18.94
N ASN A 1424 4.61 20.16 17.68
CA ASN A 1424 3.47 19.92 16.81
C ASN A 1424 3.87 18.93 15.71
N LEU A 1425 2.87 18.30 15.11
CA LEU A 1425 3.10 17.48 13.93
C LEU A 1425 3.47 18.35 12.74
N LYS A 1426 4.25 17.78 11.83
CA LYS A 1426 4.62 18.51 10.62
C LYS A 1426 3.45 18.58 9.64
N VAL A 1427 2.74 17.48 9.46
CA VAL A 1427 1.57 17.42 8.60
C VAL A 1427 0.35 17.40 9.50
N ASN A 1428 -0.47 18.44 9.42
CA ASN A 1428 -1.57 18.63 10.35
C ASN A 1428 -2.71 19.35 9.63
N PHE A 1429 -3.66 19.87 10.40
CA PHE A 1429 -4.78 20.64 9.89
C PHE A 1429 -4.77 22.04 10.48
N ASP A 1430 -3.60 22.66 10.54
CA ASP A 1430 -3.48 24.02 11.07
C ASP A 1430 -3.99 25.06 10.09
N ASN A 1431 -3.90 24.80 8.79
CA ASN A 1431 -4.53 25.61 7.76
C ASN A 1431 -4.98 24.68 6.65
N VAL A 1432 -5.45 25.26 5.55
CA VAL A 1432 -6.09 24.46 4.51
C VAL A 1432 -5.07 23.85 3.56
N GLY A 1433 -3.92 24.49 3.33
CA GLY A 1433 -2.87 23.84 2.56
C GLY A 1433 -2.28 22.64 3.28
N LEU A 1434 -2.00 22.79 4.58
CA LEU A 1434 -1.55 21.65 5.37
C LEU A 1434 -2.63 20.58 5.45
N GLY A 1435 -3.90 20.99 5.46
CA GLY A 1435 -4.98 20.02 5.38
C GLY A 1435 -5.01 19.27 4.06
N TYR A 1436 -4.69 19.97 2.97
CA TYR A 1436 -4.58 19.31 1.67
C TYR A 1436 -3.48 18.27 1.68
N LEU A 1437 -2.33 18.61 2.28
CA LEU A 1437 -1.24 17.64 2.39
C LEU A 1437 -1.65 16.45 3.26
N SER A 1438 -2.36 16.72 4.37
CA SER A 1438 -2.86 15.65 5.22
C SER A 1438 -3.82 14.73 4.47
N LEU A 1439 -4.73 15.32 3.69
CA LEU A 1439 -5.68 14.53 2.92
C LEU A 1439 -5.00 13.73 1.83
N LEU A 1440 -3.92 14.25 1.24
CA LEU A 1440 -3.15 13.46 0.31
C LEU A 1440 -2.48 12.28 0.99
N GLN A 1441 -1.96 12.49 2.21
CA GLN A 1441 -1.35 11.37 2.93
C GLN A 1441 -2.38 10.34 3.37
N VAL A 1442 -3.61 10.77 3.63
CA VAL A 1442 -4.66 9.82 4.02
C VAL A 1442 -5.18 9.07 2.80
N ALA A 1443 -5.34 9.75 1.67
CA ALA A 1443 -5.89 9.12 0.47
C ALA A 1443 -4.95 8.03 -0.06
N THR A 1444 -3.65 8.27 -0.03
CA THR A 1444 -2.68 7.28 -0.45
C THR A 1444 -2.37 6.26 0.64
N PHE A 1445 -2.87 6.46 1.86
CA PHE A 1445 -2.63 5.58 3.00
C PHE A 1445 -1.16 5.53 3.38
N LYS A 1446 -0.46 6.64 3.23
CA LYS A 1446 0.97 6.75 3.50
C LYS A 1446 1.17 7.89 4.49
N GLY A 1447 1.40 7.55 5.76
CA GLY A 1447 1.52 8.54 6.80
C GLY A 1447 0.22 8.86 7.51
N TRP A 1448 -0.88 8.20 7.13
CA TRP A 1448 -2.19 8.54 7.66
C TRP A 1448 -2.34 8.17 9.12
N THR A 1449 -1.67 7.11 9.59
CA THR A 1449 -1.89 6.62 10.94
C THR A 1449 -1.44 7.63 12.00
N ILE A 1450 -0.33 8.34 11.75
CA ILE A 1450 0.12 9.36 12.68
C ILE A 1450 -0.93 10.45 12.81
N ILE A 1451 -1.48 10.89 11.68
CA ILE A 1451 -2.51 11.92 11.69
C ILE A 1451 -3.75 11.45 12.45
N MET A 1452 -4.17 10.20 12.20
CA MET A 1452 -5.36 9.69 12.90
C MET A 1452 -5.13 9.51 14.39
N TYR A 1453 -3.93 9.10 14.81
CA TYR A 1453 -3.65 9.02 16.23
C TYR A 1453 -3.70 10.39 16.87
N ALA A 1454 -3.11 11.39 16.22
CA ALA A 1454 -3.16 12.74 16.76
C ALA A 1454 -4.58 13.27 16.79
N ALA A 1455 -5.40 12.86 15.82
CA ALA A 1455 -6.79 13.33 15.76
C ALA A 1455 -7.64 12.69 16.86
N VAL A 1456 -7.49 11.39 17.08
CA VAL A 1456 -8.28 10.72 18.11
C VAL A 1456 -7.73 10.95 19.52
N ASP A 1457 -6.51 11.45 19.64
CA ASP A 1457 -5.99 11.83 20.95
C ASP A 1457 -6.29 13.29 21.30
N SER A 1458 -6.80 14.07 20.36
CA SER A 1458 -6.95 15.50 20.56
C SER A 1458 -7.99 15.83 21.63
N VAL A 1459 -7.76 16.94 22.32
CA VAL A 1459 -8.64 17.40 23.38
C VAL A 1459 -9.14 18.80 23.05
N ASN A 1460 -8.21 19.75 22.95
CA ASN A 1460 -8.52 21.15 22.67
C ASN A 1460 -7.24 21.86 22.27
N VAL A 1461 -7.29 23.17 22.20
CA VAL A 1461 -6.11 23.99 21.91
C VAL A 1461 -5.40 24.32 23.22
N ASP A 1462 -4.08 24.15 23.23
CA ASP A 1462 -3.24 24.33 24.41
C ASP A 1462 -3.57 23.31 25.50
N LYS A 1463 -4.08 22.14 25.10
CA LYS A 1463 -4.40 21.06 26.03
C LYS A 1463 -3.63 19.80 25.63
N GLN A 1464 -3.03 19.15 26.62
CA GLN A 1464 -2.25 17.95 26.36
C GLN A 1464 -3.17 16.84 25.86
N PRO A 1465 -2.81 16.16 24.76
CA PRO A 1465 -3.66 15.09 24.25
C PRO A 1465 -3.76 13.91 25.21
N LYS A 1466 -4.88 13.20 25.14
CA LYS A 1466 -5.14 12.03 25.96
C LYS A 1466 -5.49 10.86 25.06
N TYR A 1467 -5.13 9.65 25.50
CA TYR A 1467 -5.21 8.48 24.64
C TYR A 1467 -6.65 8.18 24.24
N GLU A 1468 -6.91 8.26 22.94
CA GLU A 1468 -8.23 7.95 22.35
C GLU A 1468 -9.34 8.74 23.04
N TYR A 1469 -9.03 9.99 23.40
CA TYR A 1469 -10.03 10.86 23.98
C TYR A 1469 -11.15 11.16 22.99
N SER A 1470 -10.78 11.51 21.75
CA SER A 1470 -11.73 11.68 20.67
C SER A 1470 -11.77 10.44 19.79
N LEU A 1471 -12.22 9.32 20.35
CA LEU A 1471 -12.07 8.02 19.69
C LEU A 1471 -12.82 7.98 18.36
N TYR A 1472 -14.01 8.57 18.32
CA TYR A 1472 -14.88 8.46 17.16
C TYR A 1472 -14.61 9.53 16.10
N MET A 1473 -13.43 10.14 16.12
CA MET A 1473 -12.98 10.91 14.97
C MET A 1473 -12.41 10.02 13.87
N TYR A 1474 -12.29 8.72 14.11
CA TYR A 1474 -12.00 7.78 13.04
C TYR A 1474 -13.08 7.79 11.98
N ILE A 1475 -14.30 8.20 12.33
CA ILE A 1475 -15.39 8.30 11.37
C ILE A 1475 -15.06 9.34 10.31
N TYR A 1476 -14.42 10.44 10.71
CA TYR A 1476 -14.02 11.47 9.75
C TYR A 1476 -13.12 10.88 8.67
N PHE A 1477 -12.12 10.09 9.08
CA PHE A 1477 -11.18 9.52 8.12
C PHE A 1477 -11.82 8.45 7.26
N VAL A 1478 -12.71 7.64 7.83
CA VAL A 1478 -13.40 6.62 7.04
C VAL A 1478 -14.30 7.26 6.00
N VAL A 1479 -15.05 8.30 6.40
CA VAL A 1479 -15.92 9.00 5.46
C VAL A 1479 -15.10 9.67 4.36
N PHE A 1480 -13.99 10.31 4.74
CA PHE A 1480 -13.13 10.89 3.71
C PHE A 1480 -12.58 9.84 2.78
N ILE A 1481 -12.11 8.71 3.33
CA ILE A 1481 -11.55 7.68 2.46
C ILE A 1481 -12.59 7.24 1.45
N ILE A 1482 -13.80 6.91 1.91
CA ILE A 1482 -14.86 6.48 1.01
C ILE A 1482 -15.09 7.55 -0.06
N PHE A 1483 -15.55 8.74 0.36
CA PHE A 1483 -16.05 9.70 -0.61
C PHE A 1483 -14.93 10.31 -1.46
N GLY A 1484 -13.85 10.75 -0.83
CA GLY A 1484 -12.78 11.39 -1.53
C GLY A 1484 -11.69 10.49 -2.09
N SER A 1485 -11.80 9.17 -1.95
CA SER A 1485 -10.89 8.29 -2.67
C SER A 1485 -11.67 7.38 -3.59
N PHE A 1486 -12.63 6.61 -3.06
CA PHE A 1486 -13.34 5.63 -3.86
C PHE A 1486 -14.15 6.31 -4.97
N PHE A 1487 -14.99 7.27 -4.59
CA PHE A 1487 -15.84 7.95 -5.57
C PHE A 1487 -15.02 8.86 -6.48
N THR A 1488 -14.00 9.51 -5.92
CA THR A 1488 -13.13 10.38 -6.71
C THR A 1488 -12.37 9.59 -7.77
N LEU A 1489 -11.82 8.43 -7.40
CA LEU A 1489 -11.16 7.57 -8.37
C LEU A 1489 -12.15 7.00 -9.37
N ASN A 1490 -13.38 6.71 -8.94
CA ASN A 1490 -14.41 6.27 -9.87
C ASN A 1490 -14.65 7.33 -10.94
N LEU A 1491 -14.79 8.59 -10.53
CA LEU A 1491 -15.00 9.68 -11.48
C LEU A 1491 -13.81 9.82 -12.42
N PHE A 1492 -12.60 9.82 -11.88
CA PHE A 1492 -11.41 10.01 -12.71
C PHE A 1492 -11.26 8.89 -13.72
N ILE A 1493 -11.47 7.64 -13.30
CA ILE A 1493 -11.36 6.50 -14.20
C ILE A 1493 -12.45 6.57 -15.27
N GLY A 1494 -13.68 6.93 -14.87
CA GLY A 1494 -14.76 7.03 -15.82
C GLY A 1494 -14.52 8.06 -16.90
N VAL A 1495 -13.89 9.18 -16.55
CA VAL A 1495 -13.60 10.17 -17.59
C VAL A 1495 -12.36 9.78 -18.39
N ILE A 1496 -11.39 9.11 -17.76
CA ILE A 1496 -10.20 8.68 -18.50
C ILE A 1496 -10.59 7.67 -19.57
N ILE A 1497 -11.52 6.77 -19.24
CA ILE A 1497 -11.98 5.78 -20.21
C ILE A 1497 -12.57 6.47 -21.43
N ASP A 1498 -13.48 7.40 -21.21
CA ASP A 1498 -14.14 8.07 -22.34
C ASP A 1498 -13.16 8.88 -23.16
N ASN A 1499 -12.29 9.65 -22.49
CA ASN A 1499 -11.31 10.47 -23.19
C ASN A 1499 -10.37 9.60 -24.03
N PHE A 1500 -9.90 8.50 -23.48
CA PHE A 1500 -8.93 7.68 -24.19
C PHE A 1500 -9.59 6.90 -25.32
N ASN A 1501 -10.85 6.51 -25.13
CA ASN A 1501 -11.60 5.88 -26.23
C ASN A 1501 -11.79 6.88 -27.38
N GLN A 1502 -12.10 8.13 -27.06
CA GLN A 1502 -12.20 9.14 -28.13
C GLN A 1502 -10.85 9.36 -28.79
N GLN A 1503 -9.77 9.35 -28.01
CA GLN A 1503 -8.44 9.51 -28.59
C GLN A 1503 -8.12 8.38 -29.57
N LYS A 1504 -8.45 7.15 -29.21
CA LYS A 1504 -8.27 6.03 -30.13
C LYS A 1504 -9.20 6.14 -31.34
N LYS A 1505 -10.43 6.63 -31.13
CA LYS A 1505 -11.40 6.71 -32.21
C LYS A 1505 -10.98 7.73 -33.26
N LYS A 1506 -10.44 8.87 -32.84
CA LYS A 1506 -10.20 9.96 -33.79
C LYS A 1506 -9.15 9.59 -34.82
N LEU A 1507 -8.11 8.84 -34.42
CA LEU A 1507 -7.04 8.50 -35.33
C LEU A 1507 -7.28 7.21 -36.10
N GLY A 1508 -8.44 6.58 -35.92
CA GLY A 1508 -8.81 5.42 -36.68
C GLY A 1508 -8.63 4.08 -35.98
N GLY A 1509 -8.70 4.04 -34.66
CA GLY A 1509 -8.57 2.79 -33.94
C GLY A 1509 -7.16 2.28 -33.76
N GLN A 1510 -6.15 3.02 -34.20
CA GLN A 1510 -4.77 2.59 -34.07
C GLN A 1510 -4.33 2.65 -32.62
N ASP A 1511 -3.25 1.92 -32.33
CA ASP A 1511 -2.66 1.97 -31.00
C ASP A 1511 -2.07 3.34 -30.73
N ILE A 1512 -2.24 3.82 -29.48
CA ILE A 1512 -1.80 5.15 -29.10
C ILE A 1512 -0.52 5.15 -28.29
N PHE A 1513 0.02 3.98 -27.93
CA PHE A 1513 1.30 3.89 -27.24
C PHE A 1513 2.33 3.13 -28.07
N MET A 1514 2.16 3.08 -29.39
CA MET A 1514 3.04 2.30 -30.25
C MET A 1514 3.46 3.13 -31.46
N THR A 1515 4.70 2.94 -31.88
CA THR A 1515 5.20 3.53 -33.10
C THR A 1515 4.83 2.65 -34.30
N GLU A 1516 5.01 3.19 -35.50
CA GLU A 1516 4.60 2.48 -36.72
C GLU A 1516 5.35 1.17 -36.88
N GLU A 1517 6.67 1.19 -36.69
CA GLU A 1517 7.43 -0.04 -36.76
C GLU A 1517 7.00 -1.02 -35.66
N GLN A 1518 6.73 -0.50 -34.46
CA GLN A 1518 6.18 -1.34 -33.41
C GLN A 1518 4.80 -1.87 -33.79
N LYS A 1519 4.01 -1.09 -34.54
CA LYS A 1519 2.73 -1.59 -35.01
C LYS A 1519 2.89 -2.76 -35.98
N LYS A 1520 3.86 -2.67 -36.88
CA LYS A 1520 4.10 -3.78 -37.80
C LYS A 1520 4.58 -5.02 -37.06
N TYR A 1521 5.49 -4.85 -36.10
CA TYR A 1521 5.91 -5.99 -35.28
C TYR A 1521 4.75 -6.54 -34.46
N TYR A 1522 3.85 -5.67 -34.00
CA TYR A 1522 2.68 -6.11 -33.25
C TYR A 1522 1.76 -6.97 -34.11
N ASN A 1523 1.55 -6.57 -35.36
CA ASN A 1523 0.75 -7.39 -36.27
C ASN A 1523 1.42 -8.73 -36.56
N ALA A 1524 2.75 -8.70 -36.77
CA ALA A 1524 3.47 -9.95 -37.01
C ALA A 1524 3.36 -10.89 -35.81
N MET A 1525 3.48 -10.35 -34.60
CA MET A 1525 3.28 -11.16 -33.41
C MET A 1525 1.84 -11.66 -33.30
N LYS A 1526 0.88 -10.83 -33.69
CA LYS A 1526 -0.53 -11.21 -33.63
C LYS A 1526 -0.82 -12.39 -34.54
N LYS A 1527 -0.13 -12.49 -35.68
CA LYS A 1527 -0.31 -13.66 -36.54
C LYS A 1527 0.24 -14.94 -35.93
N LEU A 1528 1.04 -14.86 -34.85
CA LEU A 1528 1.57 -16.06 -34.22
C LEU A 1528 0.49 -16.83 -33.48
N GLY A 1529 -0.29 -16.14 -32.65
CA GLY A 1529 -1.30 -16.79 -31.85
C GLY A 1529 -2.56 -17.16 -32.61
N SER A 1530 -2.69 -16.70 -33.85
CA SER A 1530 -3.87 -16.98 -34.68
C SER A 1530 -3.53 -17.93 -35.83
N LYS A 1531 -2.60 -18.86 -35.59
CA LYS A 1531 -2.25 -19.84 -36.61
C LYS A 1531 -3.20 -21.03 -36.57
N LYS A 1532 -3.56 -21.51 -37.76
CA LYS A 1532 -4.25 -22.78 -37.87
C LYS A 1532 -3.26 -23.92 -37.64
N PRO A 1533 -3.75 -25.11 -37.26
CA PRO A 1533 -2.85 -26.23 -37.02
C PRO A 1533 -1.99 -26.54 -38.24
N GLN A 1534 -0.72 -26.87 -37.98
CA GLN A 1534 0.25 -27.09 -39.04
C GLN A 1534 0.26 -28.56 -39.45
N LYS A 1535 1.12 -28.88 -40.42
CA LYS A 1535 1.21 -30.23 -40.94
C LYS A 1535 1.76 -31.17 -39.87
N PRO A 1536 1.11 -32.30 -39.61
CA PRO A 1536 1.66 -33.26 -38.64
C PRO A 1536 3.00 -33.80 -39.10
N ILE A 1537 3.86 -34.08 -38.13
CA ILE A 1537 5.20 -34.62 -38.45
C ILE A 1537 5.05 -36.06 -38.93
N PRO A 1538 5.62 -36.42 -40.08
CA PRO A 1538 5.46 -37.79 -40.57
C PRO A 1538 6.47 -38.73 -39.91
N ARG A 1539 5.99 -39.95 -39.62
CA ARG A 1539 6.74 -40.94 -38.87
C ARG A 1539 7.88 -41.52 -39.71
N PRO A 1540 9.04 -41.76 -39.11
CA PRO A 1540 10.13 -42.42 -39.82
C PRO A 1540 9.73 -43.84 -40.23
N GLY A 1541 10.36 -44.31 -41.32
CA GLY A 1541 10.05 -45.62 -41.84
C GLY A 1541 10.58 -46.79 -41.02
N ASN A 1542 11.60 -46.56 -40.21
CA ASN A 1542 12.19 -47.65 -39.44
C ASN A 1542 11.24 -48.12 -38.34
N LYS A 1543 11.38 -49.40 -37.98
CA LYS A 1543 10.44 -50.01 -37.04
C LYS A 1543 10.63 -49.48 -35.63
N ILE A 1544 11.87 -49.52 -35.13
CA ILE A 1544 12.13 -49.04 -33.77
C ILE A 1544 11.91 -47.53 -33.70
N GLN A 1545 12.33 -46.80 -34.74
CA GLN A 1545 12.06 -45.37 -34.78
C GLN A 1545 10.57 -45.09 -34.82
N GLY A 1546 9.80 -45.92 -35.54
CA GLY A 1546 8.36 -45.76 -35.56
C GLY A 1546 7.72 -46.01 -34.20
N CYS A 1547 8.21 -47.02 -33.48
CA CYS A 1547 7.71 -47.28 -32.13
C CYS A 1547 8.02 -46.11 -31.21
N ILE A 1548 9.24 -45.57 -31.30
CA ILE A 1548 9.58 -44.39 -30.50
C ILE A 1548 8.69 -43.21 -30.90
N PHE A 1549 8.38 -43.09 -32.19
CA PHE A 1549 7.54 -42.00 -32.66
C PHE A 1549 6.14 -42.09 -32.06
N ASP A 1550 5.52 -43.27 -32.13
CA ASP A 1550 4.19 -43.41 -31.54
C ASP A 1550 4.24 -43.40 -30.02
N LEU A 1551 5.41 -43.56 -29.42
CA LEU A 1551 5.54 -43.42 -27.97
C LEU A 1551 5.62 -41.95 -27.55
N VAL A 1552 6.39 -41.13 -28.26
CA VAL A 1552 6.58 -39.74 -27.88
C VAL A 1552 5.49 -38.81 -28.41
N THR A 1553 4.68 -39.25 -29.36
CA THR A 1553 3.58 -38.45 -29.86
C THR A 1553 2.26 -38.75 -29.18
N ASN A 1554 2.24 -39.66 -28.21
CA ASN A 1554 1.04 -39.95 -27.46
C ASN A 1554 0.79 -38.88 -26.40
N GLN A 1555 -0.46 -38.78 -25.97
CA GLN A 1555 -0.80 -37.82 -24.91
C GLN A 1555 -0.29 -38.28 -23.56
N ALA A 1556 -0.21 -39.60 -23.34
CA ALA A 1556 0.27 -40.11 -22.07
C ALA A 1556 1.70 -39.68 -21.80
N PHE A 1557 2.53 -39.63 -22.84
CA PHE A 1557 3.91 -39.18 -22.68
C PHE A 1557 3.95 -37.74 -22.17
N ASP A 1558 3.13 -36.87 -22.78
CA ASP A 1558 3.11 -35.46 -22.37
C ASP A 1558 2.59 -35.30 -20.95
N ILE A 1559 1.53 -36.02 -20.59
CA ILE A 1559 1.01 -35.89 -19.23
C ILE A 1559 2.00 -36.44 -18.21
N SER A 1560 2.73 -37.50 -18.56
CA SER A 1560 3.77 -38.00 -17.68
C SER A 1560 4.88 -36.99 -17.49
N ILE A 1561 5.27 -36.31 -18.57
CA ILE A 1561 6.29 -35.26 -18.45
C ILE A 1561 5.79 -34.14 -17.55
N MET A 1562 4.51 -33.75 -17.70
CA MET A 1562 3.96 -32.69 -16.85
C MET A 1562 3.95 -33.09 -15.38
N VAL A 1563 3.57 -34.34 -15.08
CA VAL A 1563 3.57 -34.74 -13.67
C VAL A 1563 5.00 -34.83 -13.13
N LEU A 1564 5.97 -35.20 -13.98
CA LEU A 1564 7.37 -35.17 -13.56
C LEU A 1564 7.82 -33.75 -13.22
N ILE A 1565 7.39 -32.78 -14.04
CA ILE A 1565 7.72 -31.38 -13.78
C ILE A 1565 7.11 -30.93 -12.46
N CYS A 1566 5.86 -31.33 -12.19
CA CYS A 1566 5.23 -30.99 -10.93
C CYS A 1566 5.98 -31.61 -9.75
N LEU A 1567 6.45 -32.85 -9.91
CA LEU A 1567 7.23 -33.48 -8.85
C LEU A 1567 8.54 -32.74 -8.60
N ASN A 1568 9.18 -32.25 -9.66
CA ASN A 1568 10.41 -31.47 -9.49
C ASN A 1568 10.12 -30.16 -8.77
N MET A 1569 8.98 -29.52 -9.10
CA MET A 1569 8.56 -28.33 -8.38
C MET A 1569 8.40 -28.61 -6.89
N VAL A 1570 7.75 -29.73 -6.55
CA VAL A 1570 7.60 -30.10 -5.15
C VAL A 1570 8.96 -30.35 -4.51
N THR A 1571 9.86 -31.01 -5.24
CA THR A 1571 11.18 -31.31 -4.71
C THR A 1571 11.90 -30.04 -4.30
N MET A 1572 11.85 -29.00 -5.13
CA MET A 1572 12.51 -27.76 -4.74
C MET A 1572 11.69 -26.94 -3.74
N MET A 1573 10.37 -27.18 -3.64
CA MET A 1573 9.59 -26.57 -2.58
C MET A 1573 9.92 -27.18 -1.21
N VAL A 1574 10.51 -28.37 -1.19
CA VAL A 1574 10.86 -29.01 0.08
C VAL A 1574 12.01 -28.27 0.78
N GLU A 1575 12.90 -27.64 0.03
CA GLU A 1575 14.13 -27.08 0.60
C GLU A 1575 13.84 -25.98 1.62
N LYS A 1576 14.65 -25.94 2.67
CA LYS A 1576 14.44 -25.00 3.77
C LYS A 1576 15.79 -24.63 4.39
N GLU A 1577 15.75 -23.64 5.28
CA GLU A 1577 16.95 -23.14 5.93
C GLU A 1577 17.27 -23.97 7.17
N GLY A 1578 18.53 -24.34 7.32
CA GLY A 1578 18.94 -25.15 8.44
C GLY A 1578 18.68 -26.63 8.28
N GLN A 1579 18.33 -27.08 7.08
CA GLN A 1579 18.09 -28.49 6.83
C GLN A 1579 19.37 -29.30 6.99
N SER A 1580 19.21 -30.57 7.33
CA SER A 1580 20.35 -31.43 7.61
C SER A 1580 21.11 -31.75 6.32
N GLN A 1581 22.30 -32.34 6.48
CA GLN A 1581 23.11 -32.72 5.34
C GLN A 1581 22.50 -33.89 4.58
N HIS A 1582 21.83 -34.80 5.29
CA HIS A 1582 21.15 -35.91 4.63
C HIS A 1582 20.03 -35.40 3.72
N MET A 1583 19.26 -34.42 4.20
CA MET A 1583 18.26 -33.77 3.38
C MET A 1583 18.89 -33.20 2.10
N THR A 1584 20.00 -32.49 2.26
CA THR A 1584 20.66 -31.86 1.11
C THR A 1584 21.13 -32.90 0.11
N GLU A 1585 21.73 -33.99 0.60
CA GLU A 1585 22.26 -35.02 -0.30
C GLU A 1585 21.12 -35.70 -1.07
N VAL A 1586 20.04 -36.08 -0.38
CA VAL A 1586 18.96 -36.77 -1.08
C VAL A 1586 18.26 -35.83 -2.05
N LEU A 1587 18.13 -34.55 -1.70
CA LEU A 1587 17.54 -33.60 -2.63
C LEU A 1587 18.41 -33.43 -3.86
N TYR A 1588 19.73 -33.37 -3.67
CA TYR A 1588 20.65 -33.29 -4.79
C TYR A 1588 20.49 -34.49 -5.73
N TRP A 1589 20.41 -35.69 -5.15
CA TRP A 1589 20.31 -36.87 -6.00
C TRP A 1589 18.97 -36.97 -6.70
N ILE A 1590 17.88 -36.54 -6.04
CA ILE A 1590 16.58 -36.51 -6.71
C ILE A 1590 16.60 -35.54 -7.89
N ASN A 1591 17.20 -34.37 -7.69
CA ASN A 1591 17.27 -33.41 -8.79
C ASN A 1591 18.16 -33.92 -9.93
N VAL A 1592 19.23 -34.65 -9.59
CA VAL A 1592 20.07 -35.26 -10.62
C VAL A 1592 19.28 -36.29 -11.41
N VAL A 1593 18.46 -37.08 -10.73
CA VAL A 1593 17.61 -38.06 -11.41
C VAL A 1593 16.62 -37.36 -12.34
N PHE A 1594 16.04 -36.25 -11.89
CA PHE A 1594 15.14 -35.48 -12.75
C PHE A 1594 15.87 -34.96 -13.99
N ILE A 1595 17.10 -34.47 -13.81
CA ILE A 1595 17.88 -34.00 -14.94
C ILE A 1595 18.13 -35.13 -15.93
N ILE A 1596 18.46 -36.32 -15.42
CA ILE A 1596 18.70 -37.46 -16.29
C ILE A 1596 17.43 -37.80 -17.07
N LEU A 1597 16.28 -37.82 -16.40
CA LEU A 1597 15.04 -38.15 -17.07
C LEU A 1597 14.69 -37.13 -18.16
N PHE A 1598 14.89 -35.84 -17.88
CA PHE A 1598 14.58 -34.82 -18.87
C PHE A 1598 15.52 -34.88 -20.07
N THR A 1599 16.80 -35.15 -19.81
CA THR A 1599 17.73 -35.34 -20.92
C THR A 1599 17.38 -36.57 -21.74
N GLY A 1600 16.90 -37.63 -21.08
CA GLY A 1600 16.45 -38.79 -21.82
C GLY A 1600 15.23 -38.50 -22.67
N GLU A 1601 14.30 -37.69 -22.17
CA GLU A 1601 13.17 -37.26 -22.98
C GLU A 1601 13.64 -36.47 -24.20
N CYS A 1602 14.60 -35.56 -24.01
CA CYS A 1602 15.13 -34.80 -25.13
C CYS A 1602 15.78 -35.73 -26.16
N VAL A 1603 16.55 -36.71 -25.70
CA VAL A 1603 17.21 -37.64 -26.62
C VAL A 1603 16.18 -38.46 -27.39
N LEU A 1604 15.14 -38.94 -26.70
CA LEU A 1604 14.10 -39.69 -27.39
C LEU A 1604 13.39 -38.86 -28.44
N LYS A 1605 13.07 -37.60 -28.10
CA LYS A 1605 12.42 -36.73 -29.08
C LYS A 1605 13.33 -36.43 -30.26
N LEU A 1606 14.63 -36.25 -30.02
CA LEU A 1606 15.57 -36.03 -31.12
C LEU A 1606 15.64 -37.25 -32.02
N ILE A 1607 15.69 -38.46 -31.43
CA ILE A 1607 15.80 -39.67 -32.23
C ILE A 1607 14.52 -39.89 -33.03
N SER A 1608 13.37 -39.59 -32.44
CA SER A 1608 12.10 -39.82 -33.13
C SER A 1608 11.84 -38.78 -34.22
N LEU A 1609 11.79 -37.50 -33.83
CA LEU A 1609 11.35 -36.44 -34.73
C LEU A 1609 12.42 -36.02 -35.73
N ARG A 1610 13.68 -36.35 -35.47
CA ARG A 1610 14.82 -35.95 -36.32
C ARG A 1610 14.87 -34.42 -36.37
N HIS A 1611 15.25 -33.86 -37.52
CA HIS A 1611 15.36 -32.41 -37.65
C HIS A 1611 14.00 -31.73 -37.71
N TYR A 1612 12.91 -32.49 -37.83
CA TYR A 1612 11.58 -31.91 -37.67
C TYR A 1612 11.27 -31.55 -36.22
N TYR A 1613 12.13 -31.93 -35.28
CA TYR A 1613 11.91 -31.59 -33.88
C TYR A 1613 12.10 -30.09 -33.64
N PHE A 1614 12.95 -29.45 -34.43
CA PHE A 1614 13.30 -28.05 -34.26
C PHE A 1614 12.31 -27.10 -34.92
N THR A 1615 11.28 -27.60 -35.60
CA THR A 1615 10.27 -26.77 -36.20
C THR A 1615 9.18 -26.36 -35.22
N VAL A 1616 9.43 -26.51 -33.92
CA VAL A 1616 8.50 -26.12 -32.87
C VAL A 1616 9.23 -25.24 -31.88
N GLY A 1617 8.62 -24.11 -31.52
CA GLY A 1617 9.25 -23.20 -30.57
C GLY A 1617 9.37 -23.79 -29.18
N TRP A 1618 8.34 -24.53 -28.73
CA TRP A 1618 8.38 -25.13 -27.41
C TRP A 1618 9.46 -26.21 -27.31
N ASN A 1619 9.69 -26.95 -28.40
CA ASN A 1619 10.77 -27.92 -28.42
C ASN A 1619 12.12 -27.23 -28.28
N ILE A 1620 12.29 -26.08 -28.94
CA ILE A 1620 13.51 -25.30 -28.81
C ILE A 1620 13.68 -24.82 -27.37
N PHE A 1621 12.60 -24.36 -26.75
CA PHE A 1621 12.68 -23.93 -25.36
C PHE A 1621 13.08 -25.09 -24.45
N ASP A 1622 12.52 -26.27 -24.68
CA ASP A 1622 12.88 -27.44 -23.87
C ASP A 1622 14.34 -27.83 -24.07
N PHE A 1623 14.83 -27.77 -25.31
CA PHE A 1623 16.23 -28.08 -25.58
C PHE A 1623 17.17 -27.10 -24.89
N VAL A 1624 16.85 -25.82 -24.96
CA VAL A 1624 17.63 -24.81 -24.25
C VAL A 1624 17.57 -25.05 -22.76
N VAL A 1625 16.41 -25.44 -22.24
CA VAL A 1625 16.25 -25.70 -20.82
C VAL A 1625 17.12 -26.87 -20.39
N VAL A 1626 17.17 -27.92 -21.20
CA VAL A 1626 17.99 -29.09 -20.88
C VAL A 1626 19.46 -28.71 -20.81
N ILE A 1627 19.93 -27.95 -21.82
CA ILE A 1627 21.32 -27.49 -21.78
C ILE A 1627 21.57 -26.63 -20.55
N ILE A 1628 20.64 -25.71 -20.26
CA ILE A 1628 20.76 -24.86 -19.08
C ILE A 1628 20.87 -25.70 -17.82
N SER A 1629 20.05 -26.73 -17.70
CA SER A 1629 20.06 -27.59 -16.51
C SER A 1629 21.41 -28.28 -16.34
N ILE A 1630 21.87 -28.95 -17.40
CA ILE A 1630 23.13 -29.70 -17.28
C ILE A 1630 24.29 -28.75 -16.99
N VAL A 1631 24.41 -27.67 -17.76
CA VAL A 1631 25.52 -26.75 -17.60
C VAL A 1631 25.47 -26.06 -16.24
N GLY A 1632 24.29 -25.64 -15.81
CA GLY A 1632 24.18 -25.00 -14.50
C GLY A 1632 24.50 -25.94 -13.36
N MET A 1633 24.08 -27.20 -13.46
CA MET A 1633 24.42 -28.17 -12.43
C MET A 1633 25.93 -28.37 -12.34
N PHE A 1634 26.59 -28.57 -13.49
CA PHE A 1634 28.03 -28.77 -13.48
C PHE A 1634 28.77 -27.52 -12.98
N LEU A 1635 28.34 -26.34 -13.43
CA LEU A 1635 29.01 -25.11 -13.02
C LEU A 1635 28.79 -24.81 -11.54
N ALA A 1636 27.58 -25.05 -11.03
CA ALA A 1636 27.31 -24.85 -9.62
C ALA A 1636 28.15 -25.80 -8.77
N ASP A 1637 28.27 -27.06 -9.20
CA ASP A 1637 29.14 -27.98 -8.49
C ASP A 1637 30.58 -27.51 -8.51
N LEU A 1638 31.05 -27.00 -9.66
CA LEU A 1638 32.41 -26.51 -9.76
C LEU A 1638 32.64 -25.33 -8.82
N ILE A 1639 31.69 -24.40 -8.77
CA ILE A 1639 31.84 -23.24 -7.89
C ILE A 1639 31.82 -23.66 -6.42
N GLU A 1640 30.91 -24.58 -6.07
CA GLU A 1640 30.80 -24.96 -4.67
C GLU A 1640 31.94 -25.86 -4.22
N THR A 1641 32.64 -26.52 -5.15
CA THR A 1641 33.76 -27.37 -4.77
C THR A 1641 35.09 -26.64 -4.86
N TYR A 1642 35.45 -26.15 -6.05
CA TYR A 1642 36.76 -25.55 -6.28
C TYR A 1642 36.72 -24.04 -6.33
N PHE A 1643 35.85 -23.41 -5.55
CA PHE A 1643 35.72 -21.96 -5.53
C PHE A 1643 35.01 -21.58 -4.24
N VAL A 1644 35.08 -20.29 -3.90
CA VAL A 1644 34.42 -19.74 -2.72
C VAL A 1644 33.63 -18.52 -3.18
N SER A 1645 32.37 -18.73 -3.55
CA SER A 1645 31.49 -17.64 -3.96
C SER A 1645 30.03 -18.07 -3.82
N PRO A 1646 29.45 -17.92 -2.63
CA PRO A 1646 28.04 -18.32 -2.45
C PRO A 1646 27.09 -17.56 -3.36
N THR A 1647 27.33 -16.27 -3.58
CA THR A 1647 26.42 -15.47 -4.40
C THR A 1647 26.33 -16.02 -5.82
N LEU A 1648 27.48 -16.29 -6.43
CA LEU A 1648 27.49 -16.87 -7.76
C LEU A 1648 26.83 -18.25 -7.76
N PHE A 1649 27.00 -19.00 -6.67
CA PHE A 1649 26.38 -20.32 -6.56
C PHE A 1649 24.87 -20.20 -6.62
N ARG A 1650 24.29 -19.28 -5.84
CA ARG A 1650 22.84 -19.10 -5.86
C ARG A 1650 22.34 -18.57 -7.20
N VAL A 1651 23.07 -17.63 -7.80
CA VAL A 1651 22.64 -17.08 -9.08
C VAL A 1651 22.67 -18.16 -10.17
N ILE A 1652 23.71 -19.01 -10.16
CA ILE A 1652 23.77 -20.08 -11.15
C ILE A 1652 22.71 -21.14 -10.87
N ARG A 1653 22.46 -21.47 -9.60
CA ARG A 1653 21.42 -22.43 -9.29
C ARG A 1653 20.03 -21.90 -9.56
N LEU A 1654 19.88 -20.60 -9.79
CA LEU A 1654 18.60 -20.09 -10.27
C LEU A 1654 18.21 -20.64 -11.63
N ALA A 1655 19.08 -21.45 -12.25
CA ALA A 1655 18.86 -21.99 -13.58
C ALA A 1655 17.95 -23.21 -13.61
N ARG A 1656 17.71 -23.86 -12.47
CA ARG A 1656 16.81 -25.01 -12.45
C ARG A 1656 15.35 -24.59 -12.55
N ILE A 1657 15.05 -23.30 -12.44
CA ILE A 1657 13.70 -22.79 -12.62
C ILE A 1657 13.19 -23.06 -14.02
N GLY A 1658 14.09 -23.22 -15.00
CA GLY A 1658 13.65 -23.47 -16.36
C GLY A 1658 12.83 -24.73 -16.52
N ARG A 1659 13.16 -25.79 -15.76
CA ARG A 1659 12.38 -27.02 -15.84
C ARG A 1659 10.94 -26.80 -15.39
N ILE A 1660 10.71 -25.79 -14.55
CA ILE A 1660 9.36 -25.49 -14.07
C ILE A 1660 8.58 -24.63 -15.05
N LEU A 1661 9.26 -23.76 -15.80
CA LEU A 1661 8.56 -22.88 -16.72
C LEU A 1661 7.94 -23.63 -17.89
N ARG A 1662 8.27 -24.91 -18.06
CA ARG A 1662 7.67 -25.75 -19.08
C ARG A 1662 6.25 -26.19 -18.72
N LEU A 1663 5.79 -25.94 -17.50
CA LEU A 1663 4.40 -26.19 -17.15
C LEU A 1663 3.46 -25.28 -17.94
N VAL A 1664 3.97 -24.16 -18.45
CA VAL A 1664 3.16 -23.26 -19.26
C VAL A 1664 2.68 -23.94 -20.53
N LYS A 1665 3.49 -24.87 -21.06
CA LYS A 1665 3.12 -25.54 -22.30
C LYS A 1665 1.82 -26.33 -22.16
N GLY A 1666 1.64 -26.98 -21.00
CA GLY A 1666 0.42 -27.76 -20.79
C GLY A 1666 -0.81 -26.93 -20.53
N ALA A 1667 -0.68 -25.79 -19.86
CA ALA A 1667 -1.80 -24.94 -19.55
C ALA A 1667 -2.12 -24.04 -20.73
N LYS A 1668 -3.40 -23.92 -21.07
CA LYS A 1668 -3.85 -23.13 -22.21
C LYS A 1668 -4.28 -21.72 -21.83
N GLY A 1669 -5.07 -21.56 -20.78
CA GLY A 1669 -5.48 -20.23 -20.36
C GLY A 1669 -4.32 -19.36 -19.93
N ILE A 1670 -3.41 -19.91 -19.13
CA ILE A 1670 -2.25 -19.14 -18.71
C ILE A 1670 -1.34 -18.89 -19.90
N ARG A 1671 -1.32 -19.79 -20.88
CA ARG A 1671 -0.57 -19.55 -22.10
C ARG A 1671 -1.13 -18.36 -22.87
N THR A 1672 -2.47 -18.27 -22.96
CA THR A 1672 -3.09 -17.12 -23.62
C THR A 1672 -2.82 -15.83 -22.86
N LEU A 1673 -2.85 -15.89 -21.53
CA LEU A 1673 -2.56 -14.69 -20.74
C LEU A 1673 -1.12 -14.23 -20.93
N LEU A 1674 -0.17 -15.18 -20.99
CA LEU A 1674 1.22 -14.81 -21.24
C LEU A 1674 1.41 -14.28 -22.65
N PHE A 1675 0.66 -14.80 -23.62
CA PHE A 1675 0.67 -14.21 -24.95
C PHE A 1675 0.15 -12.79 -24.93
N ALA A 1676 -0.88 -12.52 -24.13
CA ALA A 1676 -1.37 -11.16 -23.97
C ALA A 1676 -0.30 -10.25 -23.38
N LEU A 1677 0.45 -10.74 -22.40
CA LEU A 1677 1.56 -9.95 -21.84
C LEU A 1677 2.61 -9.65 -22.91
N MET A 1678 2.97 -10.67 -23.69
CA MET A 1678 3.92 -10.47 -24.79
C MET A 1678 3.40 -9.43 -25.77
N MET A 1679 2.10 -9.45 -26.05
CA MET A 1679 1.49 -8.44 -26.92
C MET A 1679 1.59 -7.06 -26.31
N SER A 1680 1.40 -6.95 -24.99
CA SER A 1680 1.47 -5.66 -24.31
C SER A 1680 2.90 -5.13 -24.21
N LEU A 1681 3.90 -5.98 -24.43
CA LEU A 1681 5.29 -5.60 -24.18
C LEU A 1681 5.75 -4.30 -24.86
N PRO A 1682 5.47 -4.02 -26.14
CA PRO A 1682 6.03 -2.80 -26.75
C PRO A 1682 5.57 -1.49 -26.12
N ALA A 1683 4.25 -1.32 -25.97
CA ALA A 1683 3.73 -0.11 -25.36
C ALA A 1683 4.23 0.06 -23.93
N LEU A 1684 4.29 -1.05 -23.18
CA LEU A 1684 4.87 -1.01 -21.85
C LEU A 1684 6.33 -0.57 -21.89
N PHE A 1685 7.06 -0.98 -22.92
CA PHE A 1685 8.44 -0.54 -23.07
C PHE A 1685 8.54 0.96 -23.29
N ASN A 1686 7.66 1.53 -24.12
CA ASN A 1686 7.68 2.97 -24.35
C ASN A 1686 7.36 3.73 -23.06
N ILE A 1687 6.31 3.28 -22.36
CA ILE A 1687 5.92 3.95 -21.12
C ILE A 1687 7.02 3.81 -20.07
N GLY A 1688 7.69 2.66 -20.04
CA GLY A 1688 8.79 2.48 -19.10
C GLY A 1688 9.98 3.37 -19.42
N LEU A 1689 10.25 3.58 -20.71
CA LEU A 1689 11.30 4.53 -21.09
C LEU A 1689 10.99 5.93 -20.57
N LEU A 1690 9.74 6.37 -20.77
CA LEU A 1690 9.37 7.69 -20.25
C LEU A 1690 9.49 7.75 -18.74
N LEU A 1691 9.03 6.72 -18.04
CA LEU A 1691 9.11 6.68 -16.59
C LEU A 1691 10.57 6.72 -16.13
N PHE A 1692 11.45 5.98 -16.80
CA PHE A 1692 12.86 5.99 -16.43
C PHE A 1692 13.46 7.38 -16.62
N LEU A 1693 13.13 8.06 -17.71
CA LEU A 1693 13.67 9.41 -17.92
C LEU A 1693 13.19 10.37 -16.84
N VAL A 1694 11.90 10.29 -16.49
CA VAL A 1694 11.37 11.17 -15.45
C VAL A 1694 12.04 10.89 -14.11
N MET A 1695 12.21 9.61 -13.77
CA MET A 1695 12.85 9.27 -12.51
C MET A 1695 14.33 9.65 -12.50
N PHE A 1696 14.99 9.61 -13.65
CA PHE A 1696 16.37 10.08 -13.75
C PHE A 1696 16.46 11.57 -13.46
N ILE A 1697 15.57 12.36 -14.05
CA ILE A 1697 15.57 13.81 -13.81
C ILE A 1697 15.33 14.09 -12.33
N TYR A 1698 14.34 13.41 -11.75
CA TYR A 1698 14.05 13.61 -10.34
C TYR A 1698 15.20 13.15 -9.46
N ALA A 1699 15.93 12.12 -9.88
CA ALA A 1699 17.10 11.68 -9.10
C ALA A 1699 18.19 12.73 -9.10
N ILE A 1700 18.45 13.35 -10.26
CA ILE A 1700 19.46 14.40 -10.29
C ILE A 1700 19.05 15.57 -9.40
N PHE A 1701 17.77 15.96 -9.47
CA PHE A 1701 17.28 17.04 -8.62
C PHE A 1701 17.39 16.68 -7.14
N GLY A 1702 17.02 15.45 -6.78
CA GLY A 1702 17.11 15.02 -5.39
C GLY A 1702 18.54 14.97 -4.88
N MET A 1703 19.47 14.52 -5.73
CA MET A 1703 20.88 14.58 -5.34
C MET A 1703 21.32 16.00 -5.09
N SER A 1704 20.89 16.93 -5.94
CA SER A 1704 21.32 18.32 -5.78
C SER A 1704 20.64 19.02 -4.61
N ASN A 1705 19.50 18.53 -4.15
CA ASN A 1705 18.75 19.21 -3.09
C ASN A 1705 18.86 18.55 -1.72
N PHE A 1706 18.53 17.26 -1.61
CA PHE A 1706 18.35 16.60 -0.31
C PHE A 1706 19.53 15.73 0.09
N ALA A 1707 20.74 16.01 -0.41
CA ALA A 1707 21.87 15.15 -0.13
C ALA A 1707 22.45 15.35 1.28
N TYR A 1708 22.03 16.40 2.00
CA TYR A 1708 22.64 16.72 3.28
C TYR A 1708 21.63 16.88 4.40
N VAL A 1709 20.38 16.46 4.21
CA VAL A 1709 19.40 16.58 5.29
C VAL A 1709 19.69 15.55 6.38
N LYS A 1710 19.06 15.76 7.53
CA LYS A 1710 19.24 14.87 8.67
C LYS A 1710 18.74 13.47 8.33
N LYS A 1711 19.46 12.47 8.84
CA LYS A 1711 19.10 11.07 8.61
C LYS A 1711 18.13 10.65 9.70
N GLU A 1712 16.84 10.73 9.40
CA GLU A 1712 15.78 10.36 10.32
C GLU A 1712 14.56 9.98 9.48
N ASP A 1713 13.60 9.32 10.13
CA ASP A 1713 12.38 8.84 9.49
C ASP A 1713 12.81 7.88 8.37
N GLY A 1714 12.39 8.08 7.13
CA GLY A 1714 12.72 7.21 6.03
C GLY A 1714 14.05 7.45 5.36
N ILE A 1715 14.84 8.41 5.84
CA ILE A 1715 16.14 8.72 5.28
C ILE A 1715 17.20 8.22 6.26
N ASN A 1716 18.09 7.36 5.77
CA ASN A 1716 19.11 6.77 6.64
C ASN A 1716 20.40 6.51 5.89
N ASP A 1717 21.26 5.67 6.45
CA ASP A 1717 22.60 5.41 5.92
C ASP A 1717 22.58 4.66 4.58
N MET A 1718 21.47 4.04 4.20
CA MET A 1718 21.39 3.30 2.95
C MET A 1718 20.36 3.84 1.97
N PHE A 1719 19.36 4.58 2.44
CA PHE A 1719 18.26 5.04 1.60
C PHE A 1719 18.18 6.56 1.74
N ASN A 1720 18.85 7.25 0.81
CA ASN A 1720 19.02 8.69 0.88
C ASN A 1720 19.23 9.23 -0.53
N PHE A 1721 19.64 10.49 -0.62
CA PHE A 1721 19.93 11.15 -1.88
C PHE A 1721 21.39 11.58 -1.96
N GLU A 1722 22.26 10.77 -1.35
CA GLU A 1722 23.69 11.10 -1.36
C GLU A 1722 24.36 10.75 -2.67
N THR A 1723 23.94 9.66 -3.31
CA THR A 1723 24.49 9.25 -4.60
C THR A 1723 23.35 8.97 -5.57
N PHE A 1724 23.72 8.81 -6.85
CA PHE A 1724 22.72 8.55 -7.88
C PHE A 1724 22.02 7.22 -7.67
N GLY A 1725 22.77 6.17 -7.35
CA GLY A 1725 22.17 4.87 -7.11
C GLY A 1725 21.22 4.88 -5.94
N ASN A 1726 21.61 5.53 -4.84
CA ASN A 1726 20.73 5.64 -3.68
C ASN A 1726 19.46 6.39 -4.03
N SER A 1727 19.59 7.48 -4.78
CA SER A 1727 18.42 8.28 -5.16
C SER A 1727 17.46 7.49 -6.03
N MET A 1728 17.99 6.70 -6.98
CA MET A 1728 17.11 5.89 -7.80
C MET A 1728 16.49 4.74 -7.02
N ILE A 1729 17.21 4.21 -6.04
CA ILE A 1729 16.61 3.24 -5.11
C ILE A 1729 15.43 3.86 -4.40
N CYS A 1730 15.60 5.09 -3.89
CA CYS A 1730 14.52 5.75 -3.18
C CYS A 1730 13.35 6.11 -4.09
N LEU A 1731 13.63 6.46 -5.34
CA LEU A 1731 12.57 6.89 -6.24
C LEU A 1731 11.79 5.73 -6.85
N PHE A 1732 12.44 4.59 -7.07
CA PHE A 1732 11.68 3.41 -7.49
C PHE A 1732 10.69 3.00 -6.41
N GLN A 1733 11.04 3.20 -5.14
CA GLN A 1733 10.15 2.84 -4.05
C GLN A 1733 8.87 3.66 -4.08
N ILE A 1734 9.00 4.98 -4.26
CA ILE A 1734 7.84 5.87 -4.19
C ILE A 1734 7.12 6.00 -5.54
N THR A 1735 7.58 5.30 -6.57
CA THR A 1735 6.79 5.19 -7.79
C THR A 1735 5.48 4.46 -7.50
N THR A 1736 5.50 3.53 -6.57
CA THR A 1736 4.29 2.90 -6.03
C THR A 1736 3.66 3.71 -4.92
N SER A 1737 4.29 4.82 -4.51
CA SER A 1737 3.95 5.73 -3.42
C SER A 1737 4.32 5.18 -2.05
N ALA A 1738 5.03 4.05 -1.98
CA ALA A 1738 5.33 3.43 -0.69
C ALA A 1738 6.37 4.25 0.07
N GLY A 1739 5.98 4.76 1.23
CA GLY A 1739 6.92 5.44 2.11
C GLY A 1739 7.34 6.84 1.69
N TRP A 1740 6.52 7.55 0.90
CA TRP A 1740 6.91 8.89 0.49
C TRP A 1740 6.81 9.89 1.64
N ASP A 1741 5.92 9.62 2.61
CA ASP A 1741 5.80 10.49 3.77
C ASP A 1741 7.06 10.45 4.63
N GLY A 1742 7.67 9.27 4.77
CA GLY A 1742 8.88 9.17 5.57
C GLY A 1742 10.09 9.81 4.91
N LEU A 1743 10.08 9.88 3.58
CA LEU A 1743 11.11 10.62 2.87
C LEU A 1743 10.86 12.12 2.94
N LEU A 1744 9.60 12.54 2.92
CA LEU A 1744 9.30 13.96 2.98
C LEU A 1744 9.51 14.54 4.37
N ALA A 1745 9.34 13.73 5.41
CA ALA A 1745 9.44 14.25 6.77
C ALA A 1745 10.76 14.93 7.10
N PRO A 1746 11.94 14.37 6.79
CA PRO A 1746 13.19 15.08 7.11
C PRO A 1746 13.39 16.37 6.34
N ILE A 1747 12.69 16.53 5.20
CA ILE A 1747 12.82 17.76 4.43
C ILE A 1747 11.92 18.86 4.98
N LEU A 1748 10.95 18.49 5.83
CA LEU A 1748 10.09 19.47 6.48
C LEU A 1748 10.74 20.14 7.67
N ASN A 1749 11.98 19.78 7.98
CA ASN A 1749 12.77 20.47 9.01
C ASN A 1749 13.45 21.67 8.37
N SER A 1750 13.20 22.86 8.93
CA SER A 1750 13.79 24.06 8.38
C SER A 1750 14.37 25.01 9.42
N LYS A 1751 14.22 24.75 10.72
CA LYS A 1751 14.72 25.63 11.75
C LYS A 1751 15.01 24.81 12.99
N PRO A 1752 15.88 25.29 13.87
CA PRO A 1752 16.15 24.56 15.11
C PRO A 1752 14.92 24.53 15.98
N PRO A 1753 14.79 23.50 16.84
CA PRO A 1753 15.72 22.41 17.11
C PRO A 1753 15.55 21.23 16.16
N ASP A 1754 14.70 21.36 15.15
CA ASP A 1754 14.50 20.27 14.20
C ASP A 1754 15.78 19.99 13.41
N CYS A 1755 16.47 21.04 12.97
CA CYS A 1755 17.69 20.87 12.21
C CYS A 1755 18.78 21.80 12.72
N ASP A 1756 19.93 21.82 12.05
CA ASP A 1756 21.05 22.69 12.42
C ASP A 1756 21.51 23.43 11.16
N PRO A 1757 21.22 24.73 11.04
CA PRO A 1757 21.62 25.45 9.83
C PRO A 1757 23.12 25.59 9.64
N LYS A 1758 23.91 25.43 10.71
CA LYS A 1758 25.36 25.57 10.63
C LYS A 1758 26.08 24.24 10.86
N LYS A 1759 25.41 23.14 10.52
CA LYS A 1759 26.03 21.82 10.62
C LYS A 1759 27.22 21.73 9.67
N VAL A 1760 28.33 21.21 10.17
CA VAL A 1760 29.55 21.06 9.39
C VAL A 1760 29.68 19.62 8.95
N HIS A 1761 29.91 19.40 7.66
CA HIS A 1761 30.07 18.07 7.10
C HIS A 1761 31.52 17.86 6.71
N PRO A 1762 32.24 16.93 7.34
CA PRO A 1762 33.64 16.70 6.95
C PRO A 1762 33.74 16.25 5.50
N GLY A 1763 34.73 16.80 4.81
CA GLY A 1763 34.93 16.51 3.40
C GLY A 1763 34.11 17.36 2.44
N SER A 1764 33.36 18.34 2.94
CA SER A 1764 32.57 19.20 2.08
C SER A 1764 32.54 20.61 2.68
N SER A 1765 32.24 21.58 1.82
CA SER A 1765 32.03 22.96 2.23
C SER A 1765 30.55 23.29 2.39
N VAL A 1766 29.66 22.33 2.16
CA VAL A 1766 28.24 22.54 2.42
C VAL A 1766 27.99 22.65 3.92
N GLU A 1767 27.12 23.58 4.29
CA GLU A 1767 26.79 23.81 5.70
C GLU A 1767 25.30 23.66 5.92
N GLY A 1768 24.93 23.00 7.00
CA GLY A 1768 23.54 22.85 7.36
C GLY A 1768 22.98 21.50 6.98
N ASP A 1769 22.03 21.03 7.79
CA ASP A 1769 21.32 19.78 7.52
C ASP A 1769 19.82 20.00 7.41
N CYS A 1770 19.40 21.24 7.18
CA CYS A 1770 17.98 21.56 7.10
C CYS A 1770 17.44 21.22 5.72
N GLY A 1771 16.12 21.19 5.63
CA GLY A 1771 15.43 20.98 4.37
C GLY A 1771 14.80 22.26 3.84
N ASN A 1772 14.20 22.14 2.67
CA ASN A 1772 13.44 23.22 2.06
C ASN A 1772 12.00 22.72 1.91
N PRO A 1773 11.11 23.05 2.86
CA PRO A 1773 9.77 22.44 2.85
C PRO A 1773 8.99 22.68 1.58
N SER A 1774 9.08 23.86 0.99
CA SER A 1774 8.35 24.13 -0.25
C SER A 1774 8.88 23.28 -1.39
N VAL A 1775 10.20 23.24 -1.55
CA VAL A 1775 10.82 22.44 -2.60
C VAL A 1775 10.52 20.96 -2.39
N GLY A 1776 10.62 20.49 -1.14
CA GLY A 1776 10.34 19.09 -0.87
C GLY A 1776 8.89 18.71 -1.14
N ILE A 1777 7.95 19.54 -0.71
CA ILE A 1777 6.54 19.24 -0.93
C ILE A 1777 6.24 19.22 -2.43
N PHE A 1778 6.74 20.22 -3.16
CA PHE A 1778 6.52 20.22 -4.61
C PHE A 1778 7.13 18.99 -5.25
N TYR A 1779 8.37 18.66 -4.89
CA TYR A 1779 9.07 17.51 -5.43
C TYR A 1779 8.25 16.23 -5.25
N PHE A 1780 7.82 15.97 -4.02
CA PHE A 1780 7.18 14.70 -3.74
C PHE A 1780 5.77 14.63 -4.30
N VAL A 1781 5.00 15.71 -4.19
CA VAL A 1781 3.64 15.70 -4.70
C VAL A 1781 3.65 15.57 -6.23
N SER A 1782 4.52 16.33 -6.89
CA SER A 1782 4.60 16.25 -8.35
C SER A 1782 5.04 14.86 -8.80
N TYR A 1783 6.03 14.27 -8.10
CA TYR A 1783 6.48 12.95 -8.52
C TYR A 1783 5.37 11.90 -8.35
N ILE A 1784 4.66 11.93 -7.22
CA ILE A 1784 3.63 10.91 -7.05
C ILE A 1784 2.48 11.11 -8.03
N ILE A 1785 2.15 12.36 -8.36
CA ILE A 1785 1.10 12.60 -9.36
C ILE A 1785 1.53 12.09 -10.73
N ILE A 1786 2.75 12.40 -11.15
CA ILE A 1786 3.24 11.95 -12.46
C ILE A 1786 3.31 10.43 -12.50
N SER A 1787 3.79 9.80 -11.43
CA SER A 1787 3.83 8.35 -11.36
C SER A 1787 2.43 7.75 -11.48
N PHE A 1788 1.45 8.36 -10.80
CA PHE A 1788 0.08 7.88 -10.89
C PHE A 1788 -0.42 7.94 -12.33
N LEU A 1789 -0.17 9.04 -13.03
CA LEU A 1789 -0.64 9.17 -14.41
C LEU A 1789 0.02 8.15 -15.32
N VAL A 1790 1.34 8.00 -15.22
CA VAL A 1790 2.05 7.07 -16.08
C VAL A 1790 1.62 5.62 -15.81
N VAL A 1791 1.47 5.27 -14.53
CA VAL A 1791 1.04 3.92 -14.18
C VAL A 1791 -0.40 3.66 -14.65
N VAL A 1792 -1.25 4.69 -14.61
CA VAL A 1792 -2.59 4.55 -15.18
C VAL A 1792 -2.51 4.27 -16.68
N ASN A 1793 -1.56 4.93 -17.37
CA ASN A 1793 -1.35 4.63 -18.78
C ASN A 1793 -0.99 3.16 -18.99
N MET A 1794 -0.11 2.63 -18.14
CA MET A 1794 0.25 1.22 -18.23
C MET A 1794 -0.96 0.32 -17.99
N TYR A 1795 -1.78 0.65 -16.98
CA TYR A 1795 -3.01 -0.09 -16.73
C TYR A 1795 -3.89 -0.15 -17.97
N ILE A 1796 -4.15 1.01 -18.58
CA ILE A 1796 -5.06 1.01 -19.73
C ILE A 1796 -4.45 0.26 -20.91
N ALA A 1797 -3.14 0.32 -21.09
CA ALA A 1797 -2.51 -0.45 -22.16
C ALA A 1797 -2.74 -1.95 -21.97
N VAL A 1798 -2.48 -2.45 -20.76
CA VAL A 1798 -2.63 -3.88 -20.52
C VAL A 1798 -4.10 -4.30 -20.63
N ILE A 1799 -5.02 -3.45 -20.13
CA ILE A 1799 -6.43 -3.83 -20.20
C ILE A 1799 -6.91 -3.86 -21.65
N LEU A 1800 -6.49 -2.90 -22.47
CA LEU A 1800 -6.84 -2.95 -23.89
C LEU A 1800 -6.29 -4.20 -24.55
N GLU A 1801 -5.05 -4.57 -24.21
CA GLU A 1801 -4.48 -5.79 -24.78
C GLU A 1801 -5.30 -7.02 -24.39
N ASN A 1802 -5.72 -7.11 -23.12
CA ASN A 1802 -6.51 -8.25 -22.67
C ASN A 1802 -7.88 -8.26 -23.34
N PHE A 1803 -8.55 -7.11 -23.39
CA PHE A 1803 -9.89 -7.06 -23.97
C PHE A 1803 -9.85 -7.41 -25.45
N SER A 1804 -8.82 -6.97 -26.17
CA SER A 1804 -8.72 -7.30 -27.59
C SER A 1804 -8.42 -8.78 -27.79
N VAL A 1805 -7.48 -9.33 -27.02
CA VAL A 1805 -7.06 -10.71 -27.23
C VAL A 1805 -8.15 -11.68 -26.80
N ALA A 1806 -8.72 -11.46 -25.61
CA ALA A 1806 -9.67 -12.43 -25.05
C ALA A 1806 -11.01 -12.44 -25.76
N THR A 1807 -11.39 -11.34 -26.43
CA THR A 1807 -12.66 -11.25 -27.13
C THR A 1807 -12.50 -11.48 -28.63
N GLU A 1808 -11.32 -11.92 -29.07
CA GLU A 1808 -11.08 -12.18 -30.49
C GLU A 1808 -10.94 -13.67 -30.74
N GLY B 20 27.03 14.34 4.87
CA GLY B 20 27.39 13.58 6.05
C GLY B 20 28.87 13.66 6.38
N CYS B 21 29.61 12.64 5.97
CA CYS B 21 31.05 12.58 6.20
C CYS B 21 31.71 11.86 5.04
N VAL B 22 32.71 12.50 4.44
CA VAL B 22 33.43 11.95 3.30
C VAL B 22 34.91 12.03 3.60
N GLU B 23 35.62 10.91 3.44
CA GLU B 23 37.05 10.84 3.75
C GLU B 23 37.84 11.30 2.52
N VAL B 24 38.09 12.59 2.47
CA VAL B 24 38.88 13.19 1.40
C VAL B 24 40.34 13.23 1.80
N ASP B 25 41.20 12.81 0.89
CA ASP B 25 42.64 12.79 1.14
C ASP B 25 43.22 14.19 1.06
N SER B 26 44.36 14.37 1.72
CA SER B 26 45.01 15.67 1.79
C SER B 26 45.73 16.00 0.49
N GLU B 27 45.90 17.29 0.23
CA GLU B 27 46.75 17.73 -0.86
C GLU B 27 48.21 17.49 -0.53
N THR B 28 48.99 17.15 -1.55
CA THR B 28 50.37 16.73 -1.35
C THR B 28 51.38 17.87 -1.40
N GLU B 29 51.06 18.96 -2.11
CA GLU B 29 52.03 20.01 -2.41
C GLU B 29 51.69 21.28 -1.64
N ALA B 30 52.69 21.88 -1.02
CA ALA B 30 52.54 23.12 -0.27
C ALA B 30 53.53 24.15 -0.77
N VAL B 31 53.09 25.40 -0.85
CA VAL B 31 53.92 26.49 -1.36
C VAL B 31 54.66 27.15 -0.19
N TYR B 32 55.96 27.34 -0.37
CA TYR B 32 56.79 27.92 0.68
C TYR B 32 56.35 29.36 0.98
N GLY B 33 56.24 29.68 2.27
CA GLY B 33 55.87 31.00 2.71
C GLY B 33 54.38 31.24 2.83
N MET B 34 53.55 30.39 2.25
CA MET B 34 52.11 30.53 2.27
C MET B 34 51.52 29.66 3.39
N THR B 35 50.21 29.52 3.40
CA THR B 35 49.51 28.69 4.38
C THR B 35 49.13 27.36 3.75
N PHE B 36 48.98 26.33 4.58
CA PHE B 36 48.64 25.00 4.10
C PHE B 36 47.80 24.27 5.13
N LYS B 37 46.79 23.55 4.67
CA LYS B 37 45.93 22.72 5.50
C LYS B 37 46.15 21.26 5.16
N ILE B 38 46.44 20.44 6.17
CA ILE B 38 46.71 19.02 6.01
C ILE B 38 45.47 18.27 6.46
N LEU B 39 44.71 17.74 5.49
CA LEU B 39 43.45 17.07 5.81
C LEU B 39 43.69 15.74 6.52
N CYS B 40 42.85 15.47 7.52
CA CYS B 40 42.74 14.13 8.10
C CYS B 40 41.29 13.94 8.51
N ILE B 41 40.57 13.09 7.77
CA ILE B 41 39.17 12.81 8.04
C ILE B 41 39.01 11.32 8.26
N SER B 42 38.35 10.96 9.37
CA SER B 42 38.14 9.55 9.74
C SER B 42 36.68 9.43 10.20
N CYS B 43 35.80 9.07 9.27
CA CYS B 43 34.39 8.91 9.59
C CYS B 43 34.14 7.60 10.34
N LYS B 44 33.09 7.60 11.14
CA LYS B 44 32.65 6.39 11.80
C LYS B 44 31.83 5.54 10.84
N ARG B 45 31.93 4.22 11.00
CA ARG B 45 31.24 3.31 10.09
C ARG B 45 29.73 3.49 10.15
N ARG B 46 29.21 3.84 11.33
CA ARG B 46 27.80 4.21 11.48
C ARG B 46 27.74 5.57 12.16
N SER B 47 27.00 6.49 11.55
CA SER B 47 27.03 7.89 11.96
C SER B 47 26.19 8.19 13.20
N GLU B 48 25.22 7.34 13.52
CA GLU B 48 24.37 7.59 14.68
C GLU B 48 25.00 7.12 15.99
N THR B 49 26.19 6.54 15.96
CA THR B 49 26.86 6.10 17.16
C THR B 49 27.58 7.27 17.84
N ASN B 50 27.75 7.14 19.14
CA ASN B 50 28.39 8.18 19.96
C ASN B 50 29.79 7.73 20.35
N ALA B 51 30.77 8.61 20.17
CA ALA B 51 32.16 8.27 20.42
C ALA B 51 32.85 9.46 21.10
N GLU B 52 34.06 9.20 21.56
CA GLU B 52 34.95 10.23 22.12
C GLU B 52 36.32 10.02 21.52
N THR B 53 36.81 11.02 20.79
CA THR B 53 37.98 10.87 19.95
C THR B 53 39.04 11.90 20.32
N PHE B 54 40.31 11.52 20.14
CA PHE B 54 41.42 12.45 20.17
C PHE B 54 42.45 12.00 19.15
N THR B 55 43.45 12.84 18.93
CA THR B 55 44.47 12.58 17.92
C THR B 55 45.86 12.88 18.43
N GLU B 56 46.83 12.25 17.77
CA GLU B 56 48.24 12.59 17.92
C GLU B 56 48.85 12.60 16.53
N TRP B 57 49.61 13.64 16.22
CA TRP B 57 50.28 13.77 14.93
C TRP B 57 51.77 13.55 15.12
N THR B 58 52.35 12.72 14.25
CA THR B 58 53.78 12.49 14.22
C THR B 58 54.32 12.86 12.85
N PHE B 59 55.54 13.37 12.82
CA PHE B 59 56.13 13.91 11.60
C PHE B 59 57.54 13.37 11.42
N ARG B 60 57.82 12.85 10.22
CA ARG B 60 59.15 12.42 9.84
C ARG B 60 59.62 13.28 8.67
N GLN B 61 60.65 14.09 8.91
CA GLN B 61 61.17 14.99 7.90
C GLN B 61 61.96 14.20 6.85
N LYS B 62 62.10 14.81 5.67
CA LYS B 62 62.94 14.22 4.63
C LYS B 62 64.39 14.19 5.09
N GLY B 63 65.10 13.13 4.70
CA GLY B 63 66.44 12.89 5.19
C GLY B 63 66.50 12.23 6.55
N THR B 64 65.37 11.91 7.15
CA THR B 64 65.29 11.23 8.43
C THR B 64 64.38 10.01 8.28
N GLU B 65 64.41 9.14 9.30
CA GLU B 65 63.65 7.91 9.26
C GLU B 65 62.80 7.66 10.50
N GLU B 66 62.80 8.56 11.46
CA GLU B 66 62.06 8.37 12.71
C GLU B 66 60.92 9.38 12.78
N PHE B 67 59.73 8.89 13.09
CA PHE B 67 58.57 9.76 13.27
C PHE B 67 58.59 10.37 14.67
N VAL B 68 58.40 11.68 14.73
CA VAL B 68 58.47 12.43 15.98
C VAL B 68 57.11 13.07 16.22
N LYS B 69 56.58 12.90 17.44
CA LYS B 69 55.29 13.49 17.78
C LYS B 69 55.40 15.01 17.84
N ILE B 70 54.41 15.69 17.25
CA ILE B 70 54.41 17.14 17.15
C ILE B 70 53.25 17.76 17.92
N LEU B 71 52.07 17.14 17.88
CA LEU B 71 50.90 17.72 18.54
C LEU B 71 49.95 16.63 18.99
N ARG B 72 49.16 16.97 20.00
CA ARG B 72 48.05 16.14 20.47
C ARG B 72 46.85 17.05 20.72
N TYR B 73 45.68 16.63 20.26
CA TYR B 73 44.46 17.41 20.44
C TYR B 73 43.42 16.53 21.12
N GLU B 74 42.93 16.99 22.27
CA GLU B 74 41.92 16.27 23.03
C GLU B 74 41.14 17.26 23.86
N ASN B 75 39.81 17.08 23.91
CA ASN B 75 38.94 17.87 24.78
C ASN B 75 39.03 19.36 24.47
N GLU B 76 38.99 19.70 23.18
CA GLU B 76 38.93 21.07 22.69
C GLU B 76 40.14 21.91 23.10
N VAL B 77 41.27 21.29 23.42
CA VAL B 77 42.51 22.00 23.65
C VAL B 77 43.62 21.33 22.85
N LEU B 78 44.40 22.14 22.14
CA LEU B 78 45.43 21.65 21.23
C LEU B 78 46.79 21.79 21.91
N GLN B 79 47.46 20.67 22.14
CA GLN B 79 48.78 20.66 22.74
C GLN B 79 49.84 20.50 21.67
N LEU B 80 50.83 21.41 21.68
CA LEU B 80 51.94 21.36 20.74
C LEU B 80 53.22 21.00 21.48
N GLU B 81 53.97 20.05 20.93
CA GLU B 81 55.25 19.68 21.50
C GLU B 81 56.27 20.79 21.21
N GLU B 82 57.36 20.77 21.99
CA GLU B 82 58.40 21.80 21.88
C GLU B 82 59.34 21.41 20.75
N ASP B 83 58.97 21.79 19.53
CA ASP B 83 59.82 21.61 18.36
C ASP B 83 59.83 22.89 17.54
N GLU B 84 61.01 23.22 17.00
CA GLU B 84 61.17 24.50 16.31
C GLU B 84 60.35 24.55 15.03
N ARG B 85 60.30 23.46 14.28
CA ARG B 85 59.71 23.48 12.95
C ARG B 85 58.21 23.77 12.95
N PHE B 86 57.53 23.57 14.08
CA PHE B 86 56.08 23.75 14.12
C PHE B 86 55.61 24.71 15.20
N GLU B 87 56.51 25.32 15.96
CA GLU B 87 56.07 26.23 17.02
C GLU B 87 55.62 27.56 16.41
N GLY B 88 54.41 27.99 16.75
CA GLY B 88 53.87 29.23 16.25
C GLY B 88 53.38 29.19 14.83
N ARG B 89 53.33 28.02 14.21
CA ARG B 89 52.90 27.89 12.81
C ARG B 89 51.77 26.90 12.62
N VAL B 90 51.22 26.31 13.67
CA VAL B 90 50.20 25.27 13.55
C VAL B 90 48.99 25.66 14.37
N VAL B 91 47.81 25.60 13.76
CA VAL B 91 46.53 25.79 14.42
C VAL B 91 45.63 24.62 14.06
N TRP B 92 44.49 24.53 14.74
CA TRP B 92 43.56 23.43 14.57
C TRP B 92 42.60 23.70 13.41
N ASN B 93 42.35 22.66 12.61
CA ASN B 93 41.34 22.72 11.55
C ASN B 93 40.40 21.53 11.54
N GLY B 94 40.32 20.76 12.62
CA GLY B 94 39.42 19.62 12.69
C GLY B 94 38.04 20.01 13.17
N SER B 95 37.33 19.00 13.67
CA SER B 95 35.98 19.22 14.19
C SER B 95 36.04 20.07 15.46
N ARG B 96 34.97 20.82 15.71
CA ARG B 96 34.91 21.77 16.80
C ARG B 96 33.61 21.60 17.57
N GLY B 97 33.68 21.85 18.87
CA GLY B 97 32.50 21.81 19.72
C GLY B 97 32.00 20.42 20.03
N THR B 98 32.83 19.39 19.89
CA THR B 98 32.43 18.02 20.16
C THR B 98 33.63 17.24 20.68
N LYS B 99 33.33 16.10 21.29
CA LYS B 99 34.33 15.06 21.50
C LYS B 99 34.31 14.04 20.37
N ASP B 100 33.22 13.98 19.61
CA ASP B 100 33.08 13.09 18.46
C ASP B 100 33.74 13.74 17.26
N LEU B 101 35.06 13.60 17.19
CA LEU B 101 35.86 14.21 16.14
C LEU B 101 35.96 13.28 14.94
N GLN B 102 35.36 13.68 13.82
CA GLN B 102 35.53 12.98 12.55
C GLN B 102 36.42 13.74 11.58
N ASP B 103 36.67 15.02 11.82
CA ASP B 103 37.65 15.80 11.08
C ASP B 103 38.82 16.08 11.99
N LEU B 104 40.02 15.73 11.54
CA LEU B 104 41.20 15.76 12.41
C LEU B 104 42.31 16.61 11.81
N SER B 105 41.98 17.46 10.84
CA SER B 105 42.97 18.18 10.06
C SER B 105 43.64 19.27 10.88
N ILE B 106 44.80 19.72 10.38
CA ILE B 106 45.56 20.80 11.00
C ILE B 106 45.91 21.81 9.92
N PHE B 107 46.37 22.97 10.36
CA PHE B 107 46.63 24.10 9.47
C PHE B 107 48.01 24.66 9.75
N ILE B 108 48.83 24.79 8.70
CA ILE B 108 50.12 25.43 8.79
C ILE B 108 49.99 26.84 8.24
N THR B 109 50.26 27.84 9.07
CA THR B 109 50.06 29.23 8.71
C THR B 109 51.26 29.86 8.03
N ASN B 110 52.42 29.21 8.06
CA ASN B 110 53.61 29.75 7.38
C ASN B 110 54.49 28.54 7.01
N VAL B 111 54.39 28.10 5.76
CA VAL B 111 55.08 26.90 5.33
C VAL B 111 56.57 27.18 5.15
N THR B 112 57.40 26.30 5.69
CA THR B 112 58.84 26.35 5.56
C THR B 112 59.31 25.10 4.85
N TYR B 113 60.59 25.03 4.52
CA TYR B 113 61.15 23.86 3.87
C TYR B 113 61.39 22.70 4.83
N ASN B 114 61.21 22.91 6.13
CA ASN B 114 61.31 21.85 7.12
C ASN B 114 59.99 21.12 7.32
N HIS B 115 58.94 21.51 6.60
CA HIS B 115 57.63 20.87 6.71
C HIS B 115 57.41 19.82 5.64
N SER B 116 58.42 19.53 4.82
CA SER B 116 58.31 18.51 3.78
C SER B 116 58.71 17.17 4.37
N GLY B 117 57.79 16.20 4.30
CA GLY B 117 58.06 14.89 4.87
C GLY B 117 56.80 14.07 4.94
N ASP B 118 56.80 13.09 5.84
CA ASP B 118 55.69 12.17 6.02
C ASP B 118 54.98 12.49 7.32
N TYR B 119 53.67 12.67 7.25
CA TYR B 119 52.84 12.96 8.40
C TYR B 119 51.93 11.78 8.70
N GLU B 120 51.83 11.42 9.98
CA GLU B 120 50.98 10.34 10.43
C GLU B 120 49.91 10.92 11.34
N CYS B 121 48.65 10.60 11.05
CA CYS B 121 47.50 11.11 11.80
C CYS B 121 46.88 9.94 12.55
N HIS B 122 47.24 9.79 13.82
CA HIS B 122 46.71 8.74 14.67
C HIS B 122 45.39 9.20 15.27
N VAL B 123 44.32 8.44 15.02
CA VAL B 123 42.99 8.74 15.52
C VAL B 123 42.60 7.67 16.53
N TYR B 124 42.24 8.10 17.74
CA TYR B 124 41.90 7.19 18.83
C TYR B 124 40.43 7.43 19.19
N ARG B 125 39.57 6.52 18.75
CA ARG B 125 38.13 6.65 18.92
C ARG B 125 37.62 5.64 19.93
N LEU B 126 36.70 6.07 20.80
CA LEU B 126 36.13 5.24 21.85
C LEU B 126 34.61 5.24 21.70
N LEU B 127 34.08 4.23 21.00
CA LEU B 127 32.64 4.11 20.83
C LEU B 127 31.97 3.68 22.13
N PHE B 128 30.78 4.23 22.38
CA PHE B 128 29.99 3.88 23.55
C PHE B 128 28.70 3.21 23.10
N PHE B 129 28.55 1.94 23.44
CA PHE B 129 27.40 1.15 23.08
C PHE B 129 26.63 0.76 24.35
N GLU B 130 25.61 -0.07 24.17
CA GLU B 130 24.82 -0.57 25.29
C GLU B 130 25.63 -1.63 26.03
N ASN B 131 26.10 -1.28 27.23
CA ASN B 131 26.91 -2.18 28.06
C ASN B 131 28.16 -2.64 27.31
N TYR B 132 28.75 -1.74 26.54
CA TYR B 132 29.87 -2.10 25.66
C TYR B 132 30.63 -0.86 25.22
N GLU B 133 31.92 -0.80 25.54
CA GLU B 133 32.81 0.25 25.06
C GLU B 133 33.89 -0.38 24.20
N HIS B 134 34.04 0.12 22.97
CA HIS B 134 35.03 -0.39 22.03
C HIS B 134 36.06 0.70 21.75
N ASN B 135 37.30 0.46 22.15
CA ASN B 135 38.40 1.39 21.93
C ASN B 135 39.09 1.04 20.62
N THR B 136 38.97 1.91 19.63
CA THR B 136 39.53 1.70 18.30
C THR B 136 40.69 2.65 18.05
N SER B 137 41.30 2.51 16.88
CA SER B 137 42.42 3.36 16.49
C SER B 137 42.58 3.32 14.98
N VAL B 138 42.87 4.48 14.39
CA VAL B 138 43.09 4.61 12.95
C VAL B 138 44.38 5.40 12.75
N VAL B 139 45.09 5.06 11.67
CA VAL B 139 46.31 5.76 11.27
C VAL B 139 46.21 6.13 9.80
N LYS B 140 46.48 7.38 9.47
CA LYS B 140 46.53 7.85 8.09
C LYS B 140 47.90 8.46 7.82
N LYS B 141 48.35 8.34 6.57
CA LYS B 141 49.65 8.82 6.15
C LYS B 141 49.47 9.92 5.11
N ILE B 142 50.16 11.03 5.31
CA ILE B 142 50.12 12.16 4.38
C ILE B 142 51.55 12.53 4.02
N HIS B 143 51.81 12.68 2.72
CA HIS B 143 53.11 13.10 2.22
C HIS B 143 53.00 14.54 1.74
N ILE B 144 53.89 15.39 2.22
CA ILE B 144 53.86 16.82 1.90
C ILE B 144 55.18 17.20 1.24
N GLU B 145 55.09 17.87 0.09
CA GLU B 145 56.24 18.39 -0.62
C GLU B 145 56.15 19.92 -0.64
N VAL B 146 57.23 20.58 -0.23
CA VAL B 146 57.27 22.03 -0.18
C VAL B 146 58.00 22.53 -1.43
N VAL B 147 57.32 23.38 -2.19
CA VAL B 147 57.85 23.89 -3.46
C VAL B 147 57.74 25.41 -3.47
N ASP B 148 58.55 26.03 -4.34
CA ASP B 148 58.55 27.48 -4.44
C ASP B 148 57.30 27.98 -5.15
N LYS B 149 56.91 27.34 -6.24
CA LYS B 149 55.75 27.73 -7.03
C LYS B 149 54.80 26.55 -7.17
N ALA B 150 53.51 26.84 -7.05
CA ALA B 150 52.50 25.79 -7.22
C ALA B 150 52.52 25.28 -8.65
N ASN B 151 52.44 23.96 -8.80
CA ASN B 151 52.44 23.31 -10.10
C ASN B 151 51.02 22.96 -10.50
N ARG B 152 50.64 23.32 -11.72
CA ARG B 152 49.30 23.03 -12.21
C ARG B 152 49.14 21.53 -12.46
N ASP B 153 47.93 21.04 -12.22
CA ASP B 153 47.67 19.61 -12.33
C ASP B 153 47.77 19.13 -13.77
N MET B 154 48.28 17.91 -13.94
CA MET B 154 48.34 17.31 -15.26
C MET B 154 46.94 17.08 -15.82
N ALA B 155 46.00 16.69 -14.95
CA ALA B 155 44.64 16.43 -15.40
C ALA B 155 44.02 17.69 -16.00
N SER B 156 44.19 18.83 -15.33
CA SER B 156 43.63 20.07 -15.85
C SER B 156 44.27 20.46 -17.18
N ILE B 157 45.59 20.30 -17.28
CA ILE B 157 46.30 20.65 -18.52
C ILE B 157 45.78 19.80 -19.68
N VAL B 158 45.75 18.48 -19.49
CA VAL B 158 45.32 17.61 -20.58
C VAL B 158 43.84 17.80 -20.89
N SER B 159 43.02 18.11 -19.87
CA SER B 159 41.60 18.32 -20.12
C SER B 159 41.36 19.59 -20.92
N GLU B 160 42.06 20.68 -20.59
CA GLU B 160 41.93 21.90 -21.37
C GLU B 160 42.43 21.69 -22.80
N ILE B 161 43.55 21.00 -22.96
CA ILE B 161 44.08 20.77 -24.30
C ILE B 161 43.11 19.92 -25.12
N MET B 162 42.55 18.87 -24.50
CA MET B 162 41.64 18.00 -25.25
C MET B 162 40.33 18.71 -25.56
N MET B 163 39.86 19.59 -24.66
CA MET B 163 38.67 20.36 -24.98
C MET B 163 38.92 21.27 -26.18
N TYR B 164 40.08 21.92 -26.22
CA TYR B 164 40.38 22.79 -27.36
C TYR B 164 40.49 22.01 -28.65
N VAL B 165 41.18 20.86 -28.62
CA VAL B 165 41.31 20.08 -29.85
C VAL B 165 39.97 19.52 -30.29
N LEU B 166 39.09 19.14 -29.35
CA LEU B 166 37.76 18.69 -29.74
C LEU B 166 36.97 19.83 -30.36
N ILE B 167 37.07 21.03 -29.81
CA ILE B 167 36.40 22.18 -30.40
C ILE B 167 36.84 22.37 -31.85
N VAL B 168 38.17 22.39 -32.07
CA VAL B 168 38.66 22.67 -33.42
C VAL B 168 38.32 21.52 -34.37
N VAL B 169 38.36 20.27 -33.88
CA VAL B 169 38.03 19.14 -34.73
C VAL B 169 36.58 19.19 -35.17
N LEU B 170 35.67 19.46 -34.22
CA LEU B 170 34.26 19.53 -34.57
C LEU B 170 33.98 20.70 -35.52
N THR B 171 34.60 21.85 -35.28
CA THR B 171 34.41 22.99 -36.17
C THR B 171 34.91 22.67 -37.58
N ILE B 172 36.07 22.04 -37.69
CA ILE B 172 36.61 21.70 -39.00
C ILE B 172 35.72 20.70 -39.72
N TRP B 173 35.24 19.68 -39.00
CA TRP B 173 34.35 18.70 -39.60
C TRP B 173 33.06 19.36 -40.10
N LEU B 174 32.47 20.22 -39.28
CA LEU B 174 31.25 20.90 -39.69
C LEU B 174 31.47 21.77 -40.91
N VAL B 175 32.59 22.52 -40.94
CA VAL B 175 32.85 23.40 -42.07
C VAL B 175 33.08 22.59 -43.33
N ALA B 176 33.79 21.47 -43.23
CA ALA B 176 34.03 20.63 -44.40
C ALA B 176 32.72 20.07 -44.95
N GLU B 177 31.85 19.59 -44.06
CA GLU B 177 30.56 19.08 -44.53
C GLU B 177 29.73 20.18 -45.15
N MET B 178 29.73 21.37 -44.56
CA MET B 178 28.99 22.49 -45.13
C MET B 178 29.49 22.82 -46.52
N ILE B 179 30.81 22.88 -46.71
CA ILE B 179 31.37 23.21 -48.02
C ILE B 179 30.98 22.15 -49.04
N TYR B 180 31.12 20.88 -48.67
CA TYR B 180 30.82 19.79 -49.60
C TYR B 180 29.35 19.82 -50.03
N CYS B 181 28.44 19.96 -49.06
CA CYS B 181 27.02 19.96 -49.41
C CYS B 181 26.63 21.22 -50.16
N TYR B 182 27.22 22.37 -49.83
CA TYR B 182 26.93 23.58 -50.59
C TYR B 182 27.34 23.42 -52.04
N LYS B 183 28.53 22.86 -52.29
CA LYS B 183 28.95 22.63 -53.66
C LYS B 183 28.01 21.65 -54.37
N LYS B 184 27.60 20.59 -53.66
CA LYS B 184 26.71 19.60 -54.28
C LYS B 184 25.38 20.22 -54.68
N ILE B 185 24.76 20.97 -53.77
CA ILE B 185 23.46 21.56 -54.09
C ILE B 185 23.59 22.67 -55.12
N ALA B 186 24.72 23.40 -55.14
CA ALA B 186 24.92 24.38 -56.19
C ALA B 186 25.02 23.71 -57.56
N ALA B 187 25.76 22.60 -57.64
CA ALA B 187 25.82 21.86 -58.89
C ALA B 187 24.45 21.33 -59.29
N ALA B 188 23.67 20.85 -58.33
CA ALA B 188 22.33 20.36 -58.63
C ALA B 188 21.44 21.47 -59.16
N THR B 189 21.51 22.66 -58.54
CA THR B 189 20.70 23.78 -59.00
C THR B 189 21.11 24.24 -60.39
N GLU B 190 22.41 24.31 -60.66
CA GLU B 190 22.86 24.70 -61.99
C GLU B 190 22.50 23.65 -63.04
N THR B 191 22.41 22.38 -62.64
CA THR B 191 21.97 21.34 -63.56
C THR B 191 20.52 21.57 -64.00
N ALA B 192 19.67 21.99 -63.08
CA ALA B 192 18.27 22.25 -63.38
C ALA B 192 18.14 23.46 -64.31
N MET C 30 -6.39 -14.77 35.13
CA MET C 30 -5.94 -16.14 34.93
C MET C 30 -6.88 -17.13 35.62
N GLU C 31 -7.56 -17.94 34.80
CA GLU C 31 -8.53 -18.89 35.31
C GLU C 31 -7.81 -20.05 36.00
N VAL C 32 -7.99 -20.17 37.31
CA VAL C 32 -7.39 -21.24 38.10
C VAL C 32 -8.44 -22.32 38.31
N THR C 33 -8.16 -23.52 37.82
CA THR C 33 -9.10 -24.64 37.89
C THR C 33 -8.70 -25.55 39.03
N VAL C 34 -9.53 -25.57 40.08
CA VAL C 34 -9.31 -26.45 41.23
C VAL C 34 -10.63 -27.06 41.66
N PRO C 35 -10.60 -28.27 42.22
CA PRO C 35 -11.83 -28.86 42.75
C PRO C 35 -12.29 -28.10 43.99
N ALA C 36 -13.59 -27.83 44.06
CA ALA C 36 -14.15 -27.12 45.21
C ALA C 36 -13.99 -27.94 46.48
N THR C 37 -14.26 -29.24 46.42
CA THR C 37 -14.16 -30.13 47.56
C THR C 37 -13.65 -31.48 47.10
N LEU C 38 -12.70 -32.04 47.84
CA LEU C 38 -12.12 -33.34 47.53
C LEU C 38 -12.24 -34.25 48.74
N ASN C 39 -12.73 -35.47 48.52
CA ASN C 39 -12.85 -36.49 49.56
C ASN C 39 -11.82 -37.58 49.29
N VAL C 40 -10.97 -37.84 50.28
CA VAL C 40 -9.89 -38.81 50.16
C VAL C 40 -9.94 -39.76 51.34
N LEU C 41 -9.84 -41.06 51.06
CA LEU C 41 -9.89 -42.06 52.11
C LEU C 41 -8.68 -41.94 53.04
N ASN C 42 -8.91 -42.19 54.32
CA ASN C 42 -7.83 -42.16 55.30
C ASN C 42 -6.82 -43.26 54.99
N GLY C 43 -5.53 -42.92 55.06
CA GLY C 43 -4.47 -43.86 54.78
C GLY C 43 -4.01 -43.92 53.34
N SER C 44 -4.70 -43.23 52.43
CA SER C 44 -4.34 -43.20 51.03
C SER C 44 -3.70 -41.87 50.67
N ASP C 45 -3.29 -41.74 49.41
CA ASP C 45 -2.66 -40.53 48.91
C ASP C 45 -3.72 -39.59 48.34
N ALA C 46 -3.49 -38.29 48.50
CA ALA C 46 -4.39 -37.26 47.99
C ALA C 46 -3.63 -36.36 47.03
N ARG C 47 -3.91 -36.51 45.74
CA ARG C 47 -3.43 -35.55 44.75
C ARG C 47 -4.34 -34.33 44.77
N LEU C 48 -3.73 -33.14 44.77
CA LEU C 48 -4.45 -31.87 44.89
C LEU C 48 -4.31 -31.11 43.57
N PRO C 49 -5.24 -31.30 42.65
CA PRO C 49 -5.07 -30.74 41.30
C PRO C 49 -5.29 -29.24 41.28
N CYS C 50 -4.24 -28.50 40.98
CA CYS C 50 -4.32 -27.06 40.75
C CYS C 50 -3.76 -26.75 39.38
N THR C 51 -4.60 -26.23 38.49
CA THR C 51 -4.20 -25.89 37.14
C THR C 51 -4.66 -24.47 36.82
N PHE C 52 -3.87 -23.79 36.00
CA PHE C 52 -4.19 -22.43 35.57
C PHE C 52 -3.90 -22.33 34.09
N ASN C 53 -4.56 -21.37 33.44
CA ASN C 53 -4.29 -21.08 32.04
C ASN C 53 -3.83 -19.62 31.95
N SER C 54 -2.56 -19.45 31.63
CA SER C 54 -1.99 -18.15 31.31
C SER C 54 -1.32 -18.22 29.94
N CYS C 55 -1.61 -17.23 29.11
CA CYS C 55 -1.19 -17.30 27.71
C CYS C 55 0.30 -17.07 27.52
N TYR C 56 1.05 -16.81 28.59
CA TYR C 56 2.49 -16.64 28.52
C TYR C 56 3.19 -17.88 29.06
N THR C 57 4.35 -18.19 28.49
CA THR C 57 5.10 -19.35 28.91
C THR C 57 5.62 -19.16 30.33
N VAL C 58 5.52 -20.22 31.14
CA VAL C 58 6.02 -20.17 32.52
C VAL C 58 7.53 -20.35 32.49
N ASN C 59 8.27 -19.31 32.85
CA ASN C 59 9.70 -19.39 33.04
C ASN C 59 10.01 -19.47 34.53
N HIS C 60 10.94 -20.34 34.90
CA HIS C 60 11.16 -20.67 36.30
C HIS C 60 11.91 -19.59 37.07
N LYS C 61 12.50 -18.61 36.38
CA LYS C 61 13.20 -17.54 37.09
C LYS C 61 12.24 -16.58 37.78
N GLN C 62 11.08 -16.30 37.16
CA GLN C 62 10.16 -15.32 37.71
C GLN C 62 8.83 -15.91 38.17
N PHE C 63 8.49 -17.14 37.79
CA PHE C 63 7.22 -17.72 38.19
C PHE C 63 7.19 -17.94 39.70
N SER C 64 6.07 -17.57 40.32
CA SER C 64 5.89 -17.68 41.76
C SER C 64 4.66 -18.52 42.07
N LEU C 65 4.85 -19.53 42.92
CA LEU C 65 3.77 -20.43 43.33
C LEU C 65 3.79 -20.56 44.84
N ASN C 66 2.65 -20.33 45.48
CA ASN C 66 2.50 -20.46 46.92
C ASN C 66 1.32 -21.38 47.24
N TRP C 67 1.53 -22.26 48.22
CA TRP C 67 0.51 -23.22 48.67
C TRP C 67 0.33 -23.05 50.17
N THR C 68 -0.85 -22.63 50.59
CA THR C 68 -1.14 -22.43 52.01
C THR C 68 -2.08 -23.53 52.50
N TYR C 69 -2.19 -23.64 53.82
CA TYR C 69 -3.19 -24.51 54.44
C TYR C 69 -3.83 -23.77 55.60
N GLN C 70 -5.15 -23.62 55.55
CA GLN C 70 -5.89 -22.96 56.61
C GLN C 70 -6.96 -23.91 57.15
N GLU C 71 -7.06 -23.99 58.47
CA GLU C 71 -8.04 -24.88 59.09
C GLU C 71 -9.46 -24.42 58.80
N CYS C 72 -9.66 -23.13 58.55
CA CYS C 72 -10.98 -22.58 58.24
C CYS C 72 -10.78 -21.37 57.35
N ASN C 73 -11.90 -20.78 56.93
CA ASN C 73 -11.83 -19.65 56.00
C ASN C 73 -11.12 -18.45 56.62
N ASN C 74 -11.43 -18.15 57.88
CA ASN C 74 -10.81 -17.03 58.58
C ASN C 74 -9.60 -17.45 59.42
N CYS C 75 -9.22 -18.73 59.36
CA CYS C 75 -8.08 -19.21 60.12
C CYS C 75 -6.76 -18.75 59.47
N SER C 76 -5.67 -18.96 60.20
CA SER C 76 -4.35 -18.58 59.71
C SER C 76 -3.87 -19.53 58.62
N GLU C 77 -3.21 -18.98 57.62
CA GLU C 77 -2.69 -19.77 56.50
C GLU C 77 -1.24 -20.15 56.77
N GLU C 78 -0.88 -21.38 56.40
CA GLU C 78 0.43 -21.94 56.69
C GLU C 78 1.17 -22.26 55.40
N MET C 79 2.36 -21.67 55.24
CA MET C 79 3.24 -21.99 54.12
C MET C 79 3.81 -23.39 54.29
N PHE C 80 3.56 -24.25 53.31
CA PHE C 80 4.12 -25.60 53.35
C PHE C 80 4.84 -25.93 52.04
N LEU C 81 4.35 -25.42 50.91
CA LEU C 81 5.00 -25.62 49.63
C LEU C 81 5.09 -24.29 48.89
N GLN C 82 6.18 -24.10 48.15
CA GLN C 82 6.42 -22.84 47.47
C GLN C 82 7.37 -23.08 46.31
N PHE C 83 7.27 -22.21 45.29
CA PHE C 83 8.18 -22.22 44.14
C PHE C 83 8.68 -20.81 43.91
N ARG C 84 10.01 -20.64 43.96
CA ARG C 84 10.61 -19.35 43.64
C ARG C 84 11.48 -19.47 42.38
N MET C 85 12.49 -20.34 42.38
CA MET C 85 13.09 -20.83 41.15
C MET C 85 12.98 -22.34 41.01
N LYS C 86 12.85 -23.06 42.12
CA LYS C 86 12.72 -24.50 42.14
C LYS C 86 11.65 -24.87 43.15
N ILE C 87 11.28 -26.15 43.17
CA ILE C 87 10.29 -26.63 44.12
C ILE C 87 10.89 -26.55 45.52
N ILE C 88 10.27 -25.73 46.38
CA ILE C 88 10.75 -25.51 47.74
C ILE C 88 9.73 -26.16 48.69
N ASN C 89 10.21 -27.12 49.49
CA ASN C 89 9.37 -27.81 50.44
C ASN C 89 9.73 -27.31 51.85
N LEU C 90 8.81 -26.57 52.47
CA LEU C 90 9.06 -26.07 53.81
C LEU C 90 9.07 -27.18 54.85
N LYS C 91 8.45 -28.33 54.55
CA LYS C 91 8.45 -29.50 55.42
C LYS C 91 7.88 -29.15 56.80
N LEU C 92 6.61 -28.77 56.81
CA LEU C 92 5.93 -28.43 58.05
C LEU C 92 5.81 -29.65 58.96
N GLU C 93 5.87 -29.39 60.27
CA GLU C 93 5.81 -30.47 61.25
C GLU C 93 4.44 -31.16 61.25
N ARG C 94 3.37 -30.41 60.97
CA ARG C 94 2.04 -31.00 60.97
C ARG C 94 1.88 -32.03 59.85
N PHE C 95 2.54 -31.83 58.72
CA PHE C 95 2.47 -32.75 57.59
C PHE C 95 3.60 -33.78 57.60
N GLN C 96 4.52 -33.68 58.56
CA GLN C 96 5.69 -34.58 58.66
C GLN C 96 6.45 -34.45 57.34
N ASP C 97 6.72 -35.54 56.63
CA ASP C 97 7.38 -35.51 55.33
C ASP C 97 6.48 -36.15 54.27
N ARG C 98 5.19 -35.81 54.30
CA ARG C 98 4.20 -36.44 53.45
C ARG C 98 3.72 -35.52 52.33
N VAL C 99 4.40 -34.40 52.10
CA VAL C 99 4.02 -33.42 51.09
C VAL C 99 5.04 -33.47 49.97
N GLU C 100 4.57 -33.71 48.74
CA GLU C 100 5.41 -33.73 47.56
C GLU C 100 4.72 -32.97 46.43
N PHE C 101 5.53 -32.47 45.51
CA PHE C 101 5.01 -31.80 44.32
C PHE C 101 4.64 -32.83 43.27
N SER C 102 3.43 -32.72 42.73
CA SER C 102 2.92 -33.67 41.75
C SER C 102 2.45 -32.96 40.49
N GLY C 103 3.25 -32.03 39.99
CA GLY C 103 2.89 -31.29 38.81
C GLY C 103 4.08 -30.87 37.95
N ASN C 104 3.84 -29.98 37.00
CA ASN C 104 4.88 -29.47 36.11
C ASN C 104 4.57 -28.01 35.81
N PRO C 105 5.34 -27.07 36.37
CA PRO C 105 5.04 -25.65 36.13
C PRO C 105 5.03 -25.27 34.66
N SER C 106 5.90 -25.87 33.85
CA SER C 106 5.92 -25.57 32.42
C SER C 106 4.61 -25.98 31.76
N LYS C 107 4.07 -27.13 32.14
CA LYS C 107 2.80 -27.62 31.60
C LYS C 107 1.60 -27.09 32.38
N TYR C 108 1.76 -25.97 33.08
CA TYR C 108 0.67 -25.33 33.83
C TYR C 108 0.05 -26.28 34.86
N ASP C 109 0.88 -27.11 35.49
CA ASP C 109 0.44 -28.08 36.48
C ASP C 109 1.21 -27.83 37.77
N VAL C 110 0.56 -27.22 38.75
CA VAL C 110 1.18 -26.91 40.03
C VAL C 110 0.51 -27.73 41.12
N SER C 111 0.00 -28.91 40.75
CA SER C 111 -0.67 -29.77 41.70
C SER C 111 0.31 -30.32 42.72
N VAL C 112 -0.13 -30.40 43.97
CA VAL C 112 0.64 -31.01 45.03
C VAL C 112 -0.03 -32.33 45.41
N MET C 113 0.65 -33.13 46.22
CA MET C 113 0.11 -34.42 46.62
C MET C 113 0.44 -34.65 48.09
N LEU C 114 -0.37 -35.47 48.74
CA LEU C 114 -0.26 -35.75 50.16
C LEU C 114 -0.22 -37.25 50.37
N ARG C 115 0.92 -37.77 50.82
CA ARG C 115 1.06 -39.19 51.10
C ARG C 115 0.36 -39.54 52.40
N ASN C 116 -0.39 -40.65 52.38
CA ASN C 116 -0.96 -41.24 53.59
C ASN C 116 -1.77 -40.23 54.39
N VAL C 117 -2.88 -39.77 53.83
CA VAL C 117 -3.67 -38.70 54.43
C VAL C 117 -4.17 -39.12 55.80
N GLN C 118 -4.00 -38.24 56.78
CA GLN C 118 -4.45 -38.38 58.15
C GLN C 118 -5.73 -37.58 58.38
N PRO C 119 -6.49 -37.90 59.44
CA PRO C 119 -7.68 -37.08 59.73
C PRO C 119 -7.38 -35.61 59.97
N GLU C 120 -6.20 -35.30 60.53
CA GLU C 120 -5.83 -33.90 60.74
C GLU C 120 -5.56 -33.17 59.44
N ASP C 121 -5.36 -33.89 58.33
CA ASP C 121 -5.14 -33.24 57.04
C ASP C 121 -6.39 -32.56 56.50
N GLU C 122 -7.54 -32.80 57.11
CA GLU C 122 -8.77 -32.15 56.67
C GLU C 122 -8.68 -30.65 56.88
N GLY C 123 -9.09 -29.88 55.86
CA GLY C 123 -9.01 -28.44 55.95
C GLY C 123 -9.23 -27.80 54.60
N ILE C 124 -8.69 -26.60 54.44
CA ILE C 124 -8.79 -25.83 53.20
C ILE C 124 -7.38 -25.63 52.65
N TYR C 125 -7.15 -26.08 51.42
CA TYR C 125 -5.88 -25.94 50.75
C TYR C 125 -6.04 -25.01 49.56
N ASN C 126 -5.02 -24.19 49.29
CA ASN C 126 -5.11 -23.20 48.22
C ASN C 126 -3.78 -23.06 47.48
N CYS C 127 -3.87 -22.59 46.24
CA CYS C 127 -2.69 -22.38 45.40
C CYS C 127 -2.76 -20.96 44.81
N TYR C 128 -1.94 -20.06 45.33
CA TYR C 128 -1.71 -18.76 44.69
C TYR C 128 -0.74 -18.96 43.53
N ILE C 129 -1.01 -18.31 42.41
CA ILE C 129 -0.19 -18.42 41.21
C ILE C 129 0.14 -17.01 40.72
N MET C 130 1.43 -16.77 40.43
CA MET C 130 1.88 -15.51 39.84
C MET C 130 2.84 -15.85 38.70
N ASN C 131 2.37 -15.65 37.46
CA ASN C 131 3.11 -16.00 36.26
C ASN C 131 3.39 -14.74 35.46
N PRO C 132 4.58 -14.14 35.59
CA PRO C 132 4.89 -12.97 34.79
C PRO C 132 4.95 -13.33 33.32
N PRO C 133 4.67 -12.37 32.44
CA PRO C 133 4.36 -10.96 32.70
C PRO C 133 2.89 -10.68 32.92
N ASP C 134 2.10 -11.65 33.39
CA ASP C 134 0.70 -11.41 33.68
C ASP C 134 0.56 -10.48 34.88
N ARG C 135 -0.39 -9.53 34.79
CA ARG C 135 -0.62 -8.59 35.86
C ARG C 135 -1.35 -9.23 37.03
N HIS C 136 -2.34 -10.07 36.74
CA HIS C 136 -3.21 -10.62 37.77
C HIS C 136 -2.50 -11.73 38.54
N ARG C 137 -3.01 -12.00 39.74
CA ARG C 137 -2.51 -13.06 40.61
C ARG C 137 -3.57 -14.14 40.74
N GLY C 138 -3.17 -15.39 40.49
CA GLY C 138 -4.11 -16.48 40.57
C GLY C 138 -4.46 -16.86 41.99
N HIS C 139 -5.57 -17.59 42.13
CA HIS C 139 -6.03 -18.01 43.44
C HIS C 139 -6.93 -19.23 43.26
N GLY C 140 -6.62 -20.30 43.99
CA GLY C 140 -7.43 -21.50 43.96
C GLY C 140 -7.82 -21.92 45.36
N LYS C 141 -8.72 -22.88 45.49
CA LYS C 141 -9.15 -23.34 46.81
C LYS C 141 -9.69 -24.75 46.71
N ILE C 142 -9.16 -25.66 47.53
CA ILE C 142 -9.62 -27.04 47.61
C ILE C 142 -9.95 -27.35 49.05
N HIS C 143 -11.17 -27.86 49.29
CA HIS C 143 -11.61 -28.26 50.62
C HIS C 143 -11.41 -29.77 50.75
N LEU C 144 -10.21 -30.16 51.18
CA LEU C 144 -9.91 -31.57 51.36
C LEU C 144 -10.65 -32.11 52.58
N GLN C 145 -11.38 -33.20 52.39
CA GLN C 145 -12.15 -33.84 53.45
C GLN C 145 -11.70 -35.29 53.60
N VAL C 146 -11.60 -35.75 54.85
CA VAL C 146 -11.14 -37.09 55.17
C VAL C 146 -12.31 -37.85 55.78
N LEU C 147 -12.68 -38.96 55.15
CA LEU C 147 -13.71 -39.85 55.67
C LEU C 147 -13.07 -41.15 56.16
N MET C 148 -13.85 -41.92 56.91
CA MET C 148 -13.37 -43.16 57.49
C MET C 148 -13.00 -44.18 56.42
#